data_7SMQ
#
_entry.id   7SMQ
#
_cell.length_a   1.00
_cell.length_b   1.00
_cell.length_c   1.00
_cell.angle_alpha   90.00
_cell.angle_beta   90.00
_cell.angle_gamma   90.00
#
_symmetry.space_group_name_H-M   'P 1'
#
loop_
_entity.id
_entity.type
_entity.pdbx_description
1 polymer 'Acetylcholine receptor subunit alpha'
2 polymer 'Acetylcholine receptor subunit delta'
3 polymer 'Acetylcholine receptor subunit beta'
4 polymer 'Acetylcholine receptor subunit gamma'
5 branched alpha-D-mannopyranose-(1-3)-[alpha-D-mannopyranose-(1-6)]alpha-D-mannopyranose-(1-6)-[alpha-D-mannopyranose-(1-3)]beta-D-mannopyranose-(1-4)-2-acetamido-2-deoxy-beta-D-glucopyranose-(1-4)-2-acetamido-2-deoxy-beta-D-glucopyranose
6 branched beta-D-mannopyranose-(1-4)-2-acetamido-2-deoxy-beta-D-glucopyranose-(1-4)-2-acetamido-2-deoxy-beta-D-glucopyranose
7 branched 2-acetamido-2-deoxy-beta-D-glucopyranose-(1-4)-2-acetamido-2-deoxy-beta-D-glucopyranose
8 branched alpha-D-mannopyranose-(1-6)-alpha-D-mannopyranose-(1-6)-beta-D-mannopyranose-(1-4)-2-acetamido-2-deoxy-beta-D-glucopyranose-(1-4)-2-acetamido-2-deoxy-beta-D-glucopyranose
9 non-polymer '(2S)-3-(hexadecanoyloxy)-2-[(9Z)-octadec-9-enoyloxy]propyl 2-(trimethylammonio)ethyl phosphate'
10 non-polymer CHOLESTEROL
11 non-polymer 2-acetamido-2-deoxy-beta-D-glucopyranose
12 non-polymer nonane
#
loop_
_entity_poly.entity_id
_entity_poly.type
_entity_poly.pdbx_seq_one_letter_code
_entity_poly.pdbx_strand_id
1 'polypeptide(L)'
;SEHETRLVANLLENYNKVIRPVEHHTHFVDITVGLQLIQLISVDEVNQIVETNVRLRQQWIDVRLRWNPADYGGIKKIRL
PSDDVWLPDLVLYNNADGDFAIVHMTKLLLDYTGKIMWTPPAIFKSYCEIIVTHFPFDQQNCTMKLGIWTYDGTKVSISP
ESDRPDLSTFMESGEWVMKDYRGWKHWVYYTCCPDTPYLDITYHFIMQRIPLYFVVNVIIPCLLFSFLTGLVFYLPTDSG
EKMTLSISVLLSLTVFLLVIVELIPSTSSAVPLIGKYMLFTMIFVISSIIITVVVINTHHRSPSTHTMPQWVRKIFIDTI
PNVMFFSTMKRASKEKQENKIFADDIDISDISGKQVTGEVIFQTPLIKNPDVKSAIEGVKYIAEHMKSDEESSNAAEEWK
YVAMVIDHILLCVFMLICIIGTVSVFAGRLIELSQEG
;
A,D
2 'polypeptide(L)'
;VNEEERLINDLLIVNKYNKHVRPVKHNNEVVNIALSLTLSNLISLKETDETLTSNVWMDHAWYDHRLTWNASEYSDISIL
RLPPELVWIPDIVLQNNNDGQYHVAYFCNVLVRPNGYVTWLPPAIFRSSCPINVLYFPFDWQNCSLKFTALNYDANEITM
DLMTDTIDGKDYPIEWIIIDPEAFTENGEWEIIHKPAKKNIYPDKFPNGTNYQDVTFYLIIRRKPLFYVINFITPCVLIS
FLASLAFYLPAESGEKMSTAISVLLAQAVFLLLTSQRLPETALAVPLIGKYLMFIMSLVTGVIVNCGIVLNFHFRTPSTH
VLSTRVKQIFLEKLPRILHMSRADESEQPDWQNDLKLRRSSSVGYISKAQEYFNIKSRSELMFEKQSERHGLVPRVTPRI
GFGNNNENIAASDQLHDEIKSGIDSTNYIVKQIKEKNAYDEEVGNWNLVGQTIDRLSMFIITPVMVLGTIFIFVMGNFNH
PPAKPFEGDPFDYSSDHPRCA
;
B
3 'polypeptide(L)'
;SVMEDTLLSVLFETYNPKVRPAQTVGDKVTVRVGLTLTNLLILNEKIEEMTTNVFLNLAWTDYRLQWDPAAYEGIKDLRI
PSSDVWQPDIVLMNNNDGSFEITLHVNVLVQHTGAVSWQPSAIYRSSCTIKVMYFPFDWQNCTMVFKSYTYDTSEVTLQH
ALDAKGEREVKEIVINKDAFTENGQWSIEHKPSRKNWRSDDPSYEDVTFYLIIQRKPLFYIVYTIIPCILISILAILVFY
LPPDAGEKMSLSISALLAVTVFLLLLADKVPETSLSVPIIIRYLMFIMILVAFSVILSVVVLNLHHRSPNTHTMPNWIRQ
IFIETLPPFLWIQRPVTTPSPDSKPTIISRANDEYFIRKPAGDFVCPVDNARVAVQPERLFSEMKWHLNGLTQPVTLPQD
LKEAVEAIKYIAEQLESASEFDDLKKDWQYVAMVADRLFLYVFFVICSIGTFSIFLDASHNVPPDNPFA
;
C
4 'polypeptide(L)'
;ENEEGRLIEKLLGDYDKRIIPAKTLDHIIDVTLKLTLTNLISLNEKEEALTTNVWIEIQWNDYRLSWNTSEYEGIDLVRI
PSELLWLPDVVLENNVDGQFEVAYYANVLVYNDGSMYWLPPAIYRSTCPIAVTYFPFDWQNCSLVFRSQTYNAHEVNLQL
SAEEGEAVEWIHIDPEDFTENGEWTIRHRPAKKNYNWQLTKDDTDFQEIIFFLIIQRKPLFYIINIIAPCVLISSLVVLV
YFLPAQAGGQKCTLSISVLLAQTIFLFLIAQKVPETSLNVPLIGKYLIFVMFVSMLIVMNCVIVLNVSLRTPNTHSLSEK
IKHLFLGFLPKYLGMQLEPSEETPEKPQPRRRSSFGIMIKAEEYILKKPRSELMFEEQKDRHGLKRVNKMTSDIDIGTTV
DLYKDLANFAPEIKSCVEACNFIAKSTKEQNDSGSENENWVLIGKVIDKACFWIALLLFSIGTLAIFLTGHFNQVPEFPF
PGDPRKYVP
;
E
#
loop_
_chem_comp.id
_chem_comp.type
_chem_comp.name
_chem_comp.formula
BMA D-saccharide, beta linking beta-D-mannopyranose 'C6 H12 O6'
CLR non-polymer CHOLESTEROL 'C27 H46 O'
DD9 non-polymer nonane 'C9 H20'
MAN D-saccharide, alpha linking alpha-D-mannopyranose 'C6 H12 O6'
NAG D-saccharide, beta linking 2-acetamido-2-deoxy-beta-D-glucopyranose 'C8 H15 N O6'
POV non-polymer '(2S)-3-(hexadecanoyloxy)-2-[(9Z)-octadec-9-enoyloxy]propyl 2-(trimethylammonio)ethyl phosphate' 'C42 H82 N O8 P'
#
# COMPACT_ATOMS: atom_id res chain seq x y z
N SER A 1 11.21 -18.13 51.26
CA SER A 1 12.13 -18.77 52.19
C SER A 1 12.90 -17.73 52.99
N GLU A 2 12.95 -17.92 54.31
CA GLU A 2 13.71 -16.99 55.15
C GLU A 2 15.20 -17.14 54.92
N HIS A 3 15.67 -18.37 54.67
CA HIS A 3 17.08 -18.58 54.34
C HIS A 3 17.46 -17.84 53.07
N GLU A 4 16.63 -17.95 52.03
CA GLU A 4 16.94 -17.27 50.78
C GLU A 4 16.86 -15.76 50.94
N THR A 5 15.92 -15.29 51.75
CA THR A 5 15.84 -13.86 52.03
C THR A 5 17.11 -13.36 52.68
N ARG A 6 17.59 -14.08 53.71
CA ARG A 6 18.83 -13.67 54.38
C ARG A 6 20.01 -13.74 53.43
N LEU A 7 20.07 -14.79 52.60
CA LEU A 7 21.16 -14.93 51.65
C LEU A 7 21.20 -13.77 50.66
N VAL A 8 20.04 -13.41 50.12
CA VAL A 8 19.99 -12.32 49.15
C VAL A 8 20.33 -11.00 49.83
N ALA A 9 19.89 -10.82 51.07
CA ALA A 9 20.25 -9.61 51.81
C ALA A 9 21.76 -9.51 52.00
N ASN A 10 22.41 -10.63 52.32
CA ASN A 10 23.85 -10.60 52.54
C ASN A 10 24.63 -10.44 51.24
N LEU A 11 24.17 -11.05 50.16
CA LEU A 11 24.93 -11.02 48.91
C LEU A 11 25.07 -9.62 48.36
N LEU A 12 23.98 -8.84 48.39
CA LEU A 12 23.94 -7.54 47.74
C LEU A 12 24.13 -6.38 48.70
N GLU A 13 24.51 -6.64 49.95
CA GLU A 13 24.64 -5.56 50.92
C GLU A 13 25.77 -4.60 50.54
N ASN A 14 26.93 -5.14 50.15
CA ASN A 14 28.07 -4.32 49.78
C ASN A 14 28.48 -4.57 48.33
N TYR A 15 27.51 -4.88 47.49
CA TYR A 15 27.77 -5.22 46.09
C TYR A 15 27.57 -3.97 45.24
N ASN A 16 28.63 -3.55 44.55
CA ASN A 16 28.55 -2.46 43.60
C ASN A 16 28.47 -3.05 42.20
N LYS A 17 27.36 -2.81 41.51
CA LYS A 17 27.14 -3.40 40.21
C LYS A 17 27.83 -2.65 39.07
N VAL A 18 28.57 -1.59 39.38
CA VAL A 18 29.34 -0.90 38.35
C VAL A 18 30.77 -1.42 38.25
N ILE A 19 31.21 -2.24 39.18
CA ILE A 19 32.56 -2.79 39.19
C ILE A 19 32.56 -4.13 38.48
N ARG A 20 33.60 -4.39 37.71
CA ARG A 20 33.77 -5.70 37.11
C ARG A 20 34.00 -6.75 38.18
N PRO A 21 33.53 -7.97 37.96
CA PRO A 21 33.73 -9.05 38.95
C PRO A 21 35.07 -9.74 38.82
N VAL A 22 36.13 -9.01 39.15
CA VAL A 22 37.50 -9.54 39.09
C VAL A 22 38.16 -9.28 40.43
N GLU A 23 38.98 -10.23 40.87
CA GLU A 23 39.71 -10.07 42.12
C GLU A 23 40.72 -8.93 42.01
N HIS A 24 41.37 -8.81 40.86
CA HIS A 24 42.33 -7.76 40.60
C HIS A 24 41.97 -7.11 39.27
N HIS A 25 42.13 -5.79 39.18
CA HIS A 25 41.71 -5.06 37.99
C HIS A 25 42.49 -5.44 36.75
N THR A 26 43.65 -6.10 36.91
CA THR A 26 44.42 -6.56 35.76
C THR A 26 43.90 -7.85 35.17
N HIS A 27 43.04 -8.57 35.89
CA HIS A 27 42.42 -9.78 35.37
C HIS A 27 41.26 -9.42 34.44
N PHE A 28 40.71 -10.44 33.79
CA PHE A 28 39.59 -10.27 32.89
C PHE A 28 38.49 -11.26 33.23
N VAL A 29 37.25 -10.84 33.00
CA VAL A 29 36.10 -11.73 33.16
C VAL A 29 35.95 -12.55 31.89
N ASP A 30 35.82 -13.86 32.04
CA ASP A 30 35.61 -14.76 30.92
C ASP A 30 34.12 -15.05 30.81
N ILE A 31 33.52 -14.68 29.68
CA ILE A 31 32.08 -14.80 29.47
C ILE A 31 31.86 -15.76 28.32
N THR A 32 31.05 -16.78 28.55
CA THR A 32 30.72 -17.77 27.53
C THR A 32 29.42 -17.34 26.88
N VAL A 33 29.47 -17.01 25.60
CA VAL A 33 28.32 -16.52 24.87
C VAL A 33 27.81 -17.62 23.96
N GLY A 34 26.51 -17.87 24.01
CA GLY A 34 25.87 -18.79 23.09
C GLY A 34 24.60 -18.19 22.55
N LEU A 35 24.33 -18.44 21.28
CA LEU A 35 23.16 -17.92 20.61
C LEU A 35 22.19 -19.05 20.32
N GLN A 36 20.94 -18.89 20.73
CA GLN A 36 19.88 -19.86 20.49
C GLN A 36 18.87 -19.22 19.56
N LEU A 37 18.87 -19.65 18.30
CA LEU A 37 17.93 -19.13 17.32
C LEU A 37 16.60 -19.83 17.49
N ILE A 38 15.54 -19.06 17.67
CA ILE A 38 14.20 -19.60 17.91
C ILE A 38 13.32 -19.47 16.67
N GLN A 39 13.39 -18.35 15.98
CA GLN A 39 12.56 -18.15 14.81
C GLN A 39 13.19 -17.11 13.90
N LEU A 40 13.12 -17.35 12.60
CA LEU A 40 13.55 -16.39 11.59
C LEU A 40 12.32 -15.60 11.17
N ILE A 41 12.16 -14.41 11.75
CA ILE A 41 10.91 -13.67 11.59
C ILE A 41 10.74 -13.23 10.15
N SER A 42 11.77 -12.64 9.56
CA SER A 42 11.64 -12.13 8.20
C SER A 42 13.01 -11.75 7.67
N VAL A 43 13.10 -11.68 6.35
CA VAL A 43 14.26 -11.14 5.65
C VAL A 43 13.76 -10.04 4.72
N ASP A 44 14.38 -8.86 4.80
CA ASP A 44 14.00 -7.70 3.98
C ASP A 44 15.10 -7.46 2.96
N GLU A 45 14.84 -7.84 1.72
CA GLU A 45 15.88 -7.74 0.69
C GLU A 45 16.16 -6.30 0.31
N VAL A 46 15.13 -5.46 0.27
CA VAL A 46 15.33 -4.08 -0.18
C VAL A 46 16.16 -3.30 0.83
N ASN A 47 15.85 -3.42 2.12
CA ASN A 47 16.57 -2.71 3.15
C ASN A 47 17.70 -3.51 3.76
N GLN A 48 17.86 -4.79 3.37
CA GLN A 48 18.99 -5.62 3.77
C GLN A 48 18.98 -5.90 5.27
N ILE A 49 17.79 -6.17 5.82
CA ILE A 49 17.61 -6.39 7.25
C ILE A 49 17.03 -7.78 7.47
N VAL A 50 17.65 -8.53 8.38
CA VAL A 50 17.15 -9.85 8.81
C VAL A 50 16.70 -9.73 10.24
N GLU A 51 15.44 -10.06 10.50
CA GLU A 51 14.87 -10.02 11.84
C GLU A 51 14.75 -11.43 12.39
N THR A 52 15.33 -11.65 13.56
CA THR A 52 15.34 -12.98 14.17
C THR A 52 15.00 -12.87 15.64
N ASN A 53 14.34 -13.90 16.17
CA ASN A 53 14.01 -13.99 17.59
C ASN A 53 14.99 -14.99 18.20
N VAL A 54 15.84 -14.51 19.11
CA VAL A 54 16.94 -15.30 19.64
C VAL A 54 16.94 -15.20 21.16
N ARG A 55 17.76 -16.05 21.77
CA ARG A 55 18.13 -15.93 23.18
C ARG A 55 19.64 -15.85 23.27
N LEU A 56 20.12 -14.86 24.03
CA LEU A 56 21.55 -14.60 24.16
C LEU A 56 22.00 -15.20 25.48
N ARG A 57 22.49 -16.43 25.43
CA ARG A 57 22.91 -17.14 26.63
C ARG A 57 24.29 -16.66 27.06
N GLN A 58 24.40 -16.13 28.27
CA GLN A 58 25.65 -15.63 28.80
C GLN A 58 25.95 -16.32 30.13
N GLN A 59 27.18 -16.82 30.26
CA GLN A 59 27.63 -17.44 31.49
C GLN A 59 28.95 -16.82 31.91
N TRP A 60 29.07 -16.52 33.20
CA TRP A 60 30.32 -15.99 33.74
C TRP A 60 30.32 -16.26 35.24
N ILE A 61 31.44 -15.94 35.88
CA ILE A 61 31.64 -16.19 37.30
C ILE A 61 31.82 -14.86 38.00
N ASP A 62 31.02 -14.61 39.02
CA ASP A 62 31.11 -13.41 39.84
C ASP A 62 31.63 -13.81 41.21
N VAL A 63 32.89 -13.48 41.48
CA VAL A 63 33.53 -13.93 42.72
C VAL A 63 32.87 -13.29 43.93
N ARG A 64 32.23 -12.15 43.77
CA ARG A 64 31.64 -11.46 44.92
C ARG A 64 30.32 -12.08 45.37
N LEU A 65 29.77 -13.02 44.62
CA LEU A 65 28.46 -13.61 44.93
C LEU A 65 28.59 -15.07 45.35
N ARG A 66 29.68 -15.41 46.02
CA ARG A 66 29.84 -16.75 46.55
C ARG A 66 29.17 -16.84 47.91
N TRP A 67 28.79 -18.05 48.29
CA TRP A 67 28.26 -18.29 49.62
C TRP A 67 28.38 -19.77 49.93
N ASN A 68 28.27 -20.09 51.22
CA ASN A 68 28.36 -21.46 51.67
C ASN A 68 26.96 -22.02 51.81
N PRO A 69 26.57 -23.06 51.07
CA PRO A 69 25.21 -23.60 51.20
C PRO A 69 24.89 -24.05 52.61
N ALA A 70 25.87 -24.55 53.36
CA ALA A 70 25.60 -25.03 54.71
C ALA A 70 25.11 -23.90 55.62
N ASP A 71 25.52 -22.66 55.35
CA ASP A 71 25.16 -21.53 56.19
C ASP A 71 23.76 -21.00 55.88
N TYR A 72 23.10 -21.50 54.84
CA TYR A 72 21.82 -20.99 54.41
C TYR A 72 20.84 -22.12 54.13
N GLY A 73 20.85 -23.14 54.98
CA GLY A 73 19.91 -24.24 54.85
C GLY A 73 20.09 -25.08 53.59
N GLY A 74 21.29 -25.10 53.03
CA GLY A 74 21.56 -25.95 51.89
C GLY A 74 21.19 -25.38 50.54
N ILE A 75 20.83 -24.10 50.47
CA ILE A 75 20.48 -23.50 49.19
C ILE A 75 21.72 -23.46 48.30
N LYS A 76 21.55 -23.95 47.07
CA LYS A 76 22.66 -24.01 46.12
C LYS A 76 22.49 -23.11 44.90
N LYS A 77 21.25 -22.76 44.54
CA LYS A 77 21.01 -21.86 43.43
C LYS A 77 19.87 -20.92 43.81
N ILE A 78 19.93 -19.71 43.28
CA ILE A 78 18.87 -18.73 43.46
C ILE A 78 18.67 -18.00 42.15
N ARG A 79 17.53 -17.32 42.03
CA ARG A 79 17.24 -16.47 40.90
C ARG A 79 17.26 -15.02 41.33
N LEU A 80 18.02 -14.20 40.62
CA LEU A 80 18.15 -12.79 40.92
C LEU A 80 17.79 -11.96 39.70
N PRO A 81 17.18 -10.79 39.90
CA PRO A 81 16.99 -9.88 38.76
C PRO A 81 18.33 -9.46 38.19
N SER A 82 18.42 -9.42 36.86
CA SER A 82 19.68 -9.09 36.22
C SER A 82 20.12 -7.66 36.51
N ASP A 83 19.18 -6.78 36.84
CA ASP A 83 19.52 -5.39 37.12
C ASP A 83 20.28 -5.21 38.42
N ASP A 84 20.36 -6.26 39.25
CA ASP A 84 20.98 -6.17 40.56
C ASP A 84 22.48 -6.43 40.54
N VAL A 85 23.02 -6.95 39.45
CA VAL A 85 24.40 -7.42 39.40
C VAL A 85 25.10 -6.81 38.19
N TRP A 86 26.42 -6.89 38.19
CA TRP A 86 27.18 -6.50 37.02
C TRP A 86 26.80 -7.39 35.84
N LEU A 87 26.55 -6.77 34.69
CA LEU A 87 26.25 -7.51 33.49
C LEU A 87 27.18 -7.11 32.37
N PRO A 88 27.52 -8.02 31.48
CA PRO A 88 28.30 -7.66 30.30
C PRO A 88 27.42 -6.94 29.29
N ASP A 89 27.94 -5.83 28.75
CA ASP A 89 27.21 -5.02 27.79
C ASP A 89 27.50 -5.51 26.37
N LEU A 90 26.93 -6.66 26.04
CA LEU A 90 27.03 -7.23 24.71
C LEU A 90 26.15 -6.45 23.75
N VAL A 91 26.71 -6.10 22.59
CA VAL A 91 26.01 -5.29 21.61
C VAL A 91 26.06 -5.98 20.26
N LEU A 92 24.93 -6.00 19.57
CA LEU A 92 24.86 -6.47 18.19
C LEU A 92 25.47 -5.38 17.31
N TYR A 93 26.70 -5.61 16.85
CA TYR A 93 27.44 -4.56 16.14
C TYR A 93 26.76 -4.21 14.81
N ASN A 94 26.31 -5.21 14.07
CA ASN A 94 25.66 -4.98 12.78
C ASN A 94 24.15 -4.82 12.91
N ASN A 95 23.68 -4.32 14.05
CA ASN A 95 22.27 -4.00 14.22
C ASN A 95 21.85 -2.96 13.19
N ALA A 96 20.66 -3.16 12.60
CA ALA A 96 20.18 -2.22 11.57
C ALA A 96 19.27 -1.16 12.18
N ASP A 97 18.10 -1.55 12.67
CA ASP A 97 17.20 -0.56 13.25
C ASP A 97 16.48 -1.07 14.50
N GLY A 98 17.01 -2.11 15.13
CA GLY A 98 16.46 -2.62 16.37
C GLY A 98 17.19 -2.09 17.58
N ASP A 99 17.22 -2.90 18.62
CA ASP A 99 17.95 -2.57 19.84
C ASP A 99 19.40 -3.02 19.72
N PHE A 100 20.32 -2.20 20.20
CA PHE A 100 21.73 -2.57 20.17
C PHE A 100 22.05 -3.60 21.23
N ALA A 101 21.51 -3.44 22.42
CA ALA A 101 21.83 -4.29 23.57
C ALA A 101 20.58 -5.01 24.04
N ILE A 102 20.73 -5.77 25.14
CA ILE A 102 19.61 -6.50 25.70
C ILE A 102 18.67 -5.54 26.41
N VAL A 103 17.38 -5.61 26.07
CA VAL A 103 16.38 -4.75 26.67
C VAL A 103 15.44 -5.52 27.59
N HIS A 104 15.27 -6.82 27.40
CA HIS A 104 14.44 -7.63 28.29
C HIS A 104 15.30 -8.08 29.45
N MET A 105 15.19 -7.38 30.58
CA MET A 105 16.05 -7.62 31.74
C MET A 105 15.43 -8.71 32.62
N THR A 106 15.54 -9.94 32.14
CA THR A 106 14.98 -11.08 32.84
C THR A 106 15.87 -11.46 34.02
N LYS A 107 15.35 -12.36 34.86
CA LYS A 107 16.10 -12.84 36.00
C LYS A 107 17.18 -13.81 35.55
N LEU A 108 18.20 -13.95 36.38
CA LEU A 108 19.35 -14.80 36.08
C LEU A 108 19.53 -15.83 37.18
N LEU A 109 20.26 -16.89 36.83
CA LEU A 109 20.53 -18.00 37.74
C LEU A 109 21.92 -17.81 38.34
N LEU A 110 22.03 -18.00 39.65
CA LEU A 110 23.28 -17.83 40.36
C LEU A 110 23.53 -19.05 41.23
N ASP A 111 24.66 -19.72 41.00
CA ASP A 111 25.08 -20.83 41.85
C ASP A 111 25.81 -20.30 43.08
N TYR A 112 26.05 -21.21 44.03
CA TYR A 112 26.79 -20.85 45.22
C TYR A 112 28.27 -20.62 44.97
N THR A 113 28.78 -21.01 43.80
CA THR A 113 30.16 -20.77 43.45
C THR A 113 30.37 -19.48 42.67
N GLY A 114 29.32 -18.70 42.46
CA GLY A 114 29.41 -17.48 41.69
C GLY A 114 29.16 -17.65 40.20
N LYS A 115 29.01 -18.88 39.72
CA LYS A 115 28.69 -19.10 38.32
C LYS A 115 27.30 -18.56 38.03
N ILE A 116 27.19 -17.74 36.99
CA ILE A 116 25.95 -17.06 36.63
C ILE A 116 25.53 -17.52 35.25
N MET A 117 24.23 -17.78 35.08
CA MET A 117 23.67 -18.15 33.80
C MET A 117 22.55 -17.17 33.48
N TRP A 118 22.63 -16.52 32.33
CA TRP A 118 21.68 -15.49 31.94
C TRP A 118 21.29 -15.69 30.49
N THR A 119 20.00 -15.87 30.22
CA THR A 119 19.50 -16.16 28.88
C THR A 119 18.36 -15.20 28.55
N PRO A 120 18.63 -13.90 28.40
CA PRO A 120 17.57 -12.98 28.05
C PRO A 120 17.14 -13.18 26.61
N PRO A 121 15.86 -13.00 26.31
CA PRO A 121 15.43 -12.99 24.91
C PRO A 121 15.73 -11.66 24.25
N ALA A 122 15.75 -11.69 22.92
CA ALA A 122 15.97 -10.46 22.16
C ALA A 122 15.44 -10.66 20.75
N ILE A 123 15.19 -9.53 20.08
CA ILE A 123 14.85 -9.50 18.66
C ILE A 123 16.00 -8.81 17.96
N PHE A 124 16.72 -9.56 17.14
CA PHE A 124 17.88 -9.04 16.42
C PHE A 124 17.47 -8.61 15.03
N LYS A 125 17.70 -7.34 14.70
CA LYS A 125 17.58 -6.83 13.35
C LYS A 125 18.97 -6.48 12.85
N SER A 126 19.54 -7.34 12.00
CA SER A 126 20.90 -7.22 11.55
C SER A 126 20.95 -6.73 10.11
N TYR A 127 22.05 -6.07 9.76
CA TYR A 127 22.27 -5.65 8.38
C TYR A 127 22.84 -6.80 7.58
N CYS A 128 22.15 -7.17 6.51
CA CYS A 128 22.39 -8.41 5.77
C CYS A 128 22.67 -8.06 4.31
N GLU A 129 23.93 -8.25 3.87
CA GLU A 129 24.23 -8.01 2.47
C GLU A 129 23.48 -9.00 1.59
N ILE A 130 22.48 -8.53 0.89
CA ILE A 130 21.59 -9.36 0.11
C ILE A 130 22.10 -9.44 -1.32
N ILE A 131 22.17 -10.66 -1.85
CA ILE A 131 22.53 -10.90 -3.25
C ILE A 131 21.27 -11.34 -3.96
N VAL A 132 20.82 -10.55 -4.92
CA VAL A 132 19.60 -10.83 -5.65
C VAL A 132 19.89 -11.29 -7.08
N THR A 133 21.13 -11.69 -7.36
CA THR A 133 21.47 -12.12 -8.71
C THR A 133 20.66 -13.34 -9.12
N HIS A 134 20.44 -14.26 -8.20
CA HIS A 134 19.73 -15.50 -8.50
C HIS A 134 18.34 -15.56 -7.87
N PHE A 135 17.79 -14.42 -7.49
CA PHE A 135 16.43 -14.38 -6.98
C PHE A 135 15.47 -14.95 -8.03
N PRO A 136 14.48 -15.76 -7.63
CA PRO A 136 14.15 -16.21 -6.28
C PRO A 136 14.80 -17.54 -5.87
N PHE A 137 15.72 -18.03 -6.70
CA PHE A 137 16.47 -19.25 -6.36
C PHE A 137 17.78 -18.88 -5.69
N ASP A 138 17.72 -18.02 -4.69
CA ASP A 138 18.89 -17.36 -4.13
C ASP A 138 19.21 -17.91 -2.75
N GLN A 139 20.49 -17.95 -2.43
CA GLN A 139 20.98 -18.35 -1.13
C GLN A 139 21.63 -17.16 -0.45
N GLN A 140 21.14 -16.80 0.73
CA GLN A 140 21.61 -15.62 1.44
C GLN A 140 22.45 -16.04 2.64
N ASN A 141 23.62 -15.43 2.78
CA ASN A 141 24.51 -15.65 3.90
C ASN A 141 24.69 -14.31 4.62
N CYS A 142 24.15 -14.20 5.82
CA CYS A 142 24.42 -13.01 6.61
C CYS A 142 24.37 -13.31 8.10
N THR A 143 24.98 -12.41 8.85
CA THR A 143 25.61 -12.72 10.12
C THR A 143 25.02 -11.90 11.26
N MET A 144 25.44 -12.26 12.47
CA MET A 144 25.18 -11.51 13.68
C MET A 144 26.51 -11.31 14.38
N LYS A 145 27.00 -10.08 14.42
CA LYS A 145 28.26 -9.78 15.07
C LYS A 145 28.02 -9.29 16.49
N LEU A 146 28.60 -9.98 17.46
CA LEU A 146 28.40 -9.66 18.88
C LEU A 146 29.74 -9.37 19.54
N GLY A 147 29.74 -8.43 20.47
CA GLY A 147 30.95 -8.08 21.18
C GLY A 147 30.63 -7.17 22.34
N ILE A 148 31.60 -7.07 23.25
CA ILE A 148 31.49 -6.15 24.38
C ILE A 148 31.79 -4.74 23.88
N TRP A 149 30.84 -3.83 24.10
CA TRP A 149 30.90 -2.51 23.49
C TRP A 149 32.03 -1.67 24.08
N THR A 150 32.13 -1.62 25.41
CA THR A 150 33.00 -0.65 26.07
C THR A 150 34.23 -1.26 26.71
N TYR A 151 34.41 -2.57 26.63
CA TYR A 151 35.58 -3.24 27.20
C TYR A 151 36.38 -3.91 26.11
N ASP A 152 37.70 -3.87 26.23
CA ASP A 152 38.57 -4.58 25.33
C ASP A 152 38.85 -5.99 25.86
N GLY A 153 39.67 -6.74 25.14
CA GLY A 153 39.89 -8.14 25.46
C GLY A 153 40.69 -8.38 26.73
N THR A 154 41.40 -7.37 27.23
CA THR A 154 42.17 -7.51 28.44
C THR A 154 41.34 -7.24 29.70
N LYS A 155 40.12 -6.75 29.55
CA LYS A 155 39.22 -6.50 30.67
C LYS A 155 38.06 -7.49 30.70
N VAL A 156 37.43 -7.73 29.55
CA VAL A 156 36.33 -8.67 29.42
C VAL A 156 36.56 -9.48 28.15
N SER A 157 36.66 -10.80 28.28
CA SER A 157 36.83 -11.68 27.14
C SER A 157 35.57 -12.51 26.94
N ILE A 158 35.21 -12.74 25.69
CA ILE A 158 34.01 -13.50 25.34
C ILE A 158 34.44 -14.71 24.53
N SER A 159 33.92 -15.88 24.88
CA SER A 159 34.26 -17.12 24.19
C SER A 159 32.98 -17.79 23.71
N PRO A 160 32.99 -18.33 22.49
CA PRO A 160 31.80 -19.04 22.01
C PRO A 160 31.51 -20.28 22.84
N GLU A 161 30.22 -20.52 23.07
CA GLU A 161 29.81 -21.71 23.82
C GLU A 161 30.02 -22.98 23.00
N SER A 162 29.64 -22.94 21.73
CA SER A 162 29.86 -24.06 20.83
C SER A 162 30.42 -23.56 19.51
N ASP A 163 30.59 -24.45 18.53
CA ASP A 163 31.05 -24.04 17.22
C ASP A 163 29.96 -23.39 16.38
N ARG A 164 28.70 -23.57 16.74
CA ARG A 164 27.61 -23.12 15.89
C ARG A 164 26.43 -22.74 16.76
N PRO A 165 25.53 -21.89 16.27
CA PRO A 165 24.37 -21.50 17.06
C PRO A 165 23.47 -22.70 17.36
N ASP A 166 22.73 -22.60 18.45
CA ASP A 166 21.81 -23.65 18.88
C ASP A 166 20.48 -23.45 18.17
N LEU A 167 20.16 -24.34 17.24
CA LEU A 167 18.88 -24.35 16.54
C LEU A 167 18.02 -25.52 16.98
N SER A 168 18.12 -25.88 18.27
CA SER A 168 17.36 -27.01 18.80
C SER A 168 15.86 -26.74 18.73
N THR A 169 15.45 -25.52 19.04
CA THR A 169 14.04 -25.14 19.08
C THR A 169 13.70 -24.14 17.98
N PHE A 170 14.32 -24.31 16.82
CA PHE A 170 14.12 -23.37 15.72
C PHE A 170 12.84 -23.73 14.97
N MET A 171 11.92 -22.76 14.90
CA MET A 171 10.70 -22.95 14.13
C MET A 171 11.01 -22.90 12.64
N GLU A 172 10.36 -23.79 11.88
CA GLU A 172 10.55 -23.78 10.43
C GLU A 172 9.97 -22.52 9.82
N SER A 173 10.72 -21.93 8.88
CA SER A 173 10.39 -20.60 8.39
C SER A 173 9.19 -20.64 7.44
N GLY A 174 9.16 -21.60 6.52
CA GLY A 174 8.17 -21.59 5.47
C GLY A 174 8.52 -20.70 4.31
N GLU A 175 9.61 -19.95 4.40
CA GLU A 175 10.16 -19.21 3.28
C GLU A 175 11.65 -19.42 3.10
N TRP A 176 12.34 -19.99 4.09
CA TRP A 176 13.78 -20.17 4.04
C TRP A 176 14.12 -21.52 4.64
N VAL A 177 15.28 -22.05 4.25
CA VAL A 177 15.79 -23.31 4.76
C VAL A 177 17.18 -23.06 5.31
N MET A 178 17.43 -23.52 6.54
CA MET A 178 18.72 -23.37 7.19
C MET A 178 19.69 -24.37 6.57
N LYS A 179 20.50 -23.93 5.62
CA LYS A 179 21.47 -24.82 5.00
C LYS A 179 22.64 -25.10 5.94
N ASP A 180 23.17 -24.07 6.59
CA ASP A 180 24.32 -24.22 7.45
C ASP A 180 24.40 -23.01 8.38
N TYR A 181 25.09 -23.21 9.50
CA TYR A 181 25.26 -22.14 10.48
C TYR A 181 26.48 -22.43 11.32
N ARG A 182 27.22 -21.38 11.69
CA ARG A 182 28.44 -21.54 12.45
C ARG A 182 28.73 -20.24 13.19
N GLY A 183 29.65 -20.31 14.13
CA GLY A 183 30.08 -19.13 14.85
C GLY A 183 31.58 -19.05 15.00
N TRP A 184 32.15 -17.87 14.73
CA TRP A 184 33.59 -17.67 14.75
C TRP A 184 33.95 -16.52 15.66
N LYS A 185 35.04 -16.67 16.40
CA LYS A 185 35.60 -15.63 17.24
C LYS A 185 36.78 -14.98 16.51
N HIS A 186 36.86 -13.65 16.61
CA HIS A 186 37.89 -12.89 15.92
C HIS A 186 38.65 -12.02 16.91
N TRP A 187 39.96 -11.95 16.73
CA TRP A 187 40.81 -11.00 17.44
C TRP A 187 41.17 -9.88 16.48
N VAL A 188 40.88 -8.65 16.86
CA VAL A 188 41.16 -7.47 16.04
C VAL A 188 42.11 -6.57 16.80
N TYR A 189 43.18 -6.15 16.14
CA TYR A 189 44.17 -5.24 16.72
C TYR A 189 44.19 -3.94 15.92
N TYR A 190 44.74 -2.90 16.53
CA TYR A 190 44.79 -1.58 15.92
C TYR A 190 46.22 -1.05 15.94
N THR A 191 46.47 -0.07 15.06
CA THR A 191 47.80 0.50 14.91
C THR A 191 48.30 1.13 16.21
N CYS A 192 47.40 1.53 17.09
CA CYS A 192 47.77 1.97 18.44
C CYS A 192 48.80 1.06 19.07
N CYS A 193 48.43 -0.18 19.22
CA CYS A 193 48.99 -1.02 20.26
C CYS A 193 48.59 -2.47 20.09
N PRO A 194 49.55 -3.39 20.04
CA PRO A 194 49.24 -4.81 19.86
C PRO A 194 48.94 -5.58 21.15
N ASP A 195 48.84 -4.90 22.28
CA ASP A 195 48.54 -5.54 23.55
C ASP A 195 47.09 -5.39 23.96
N THR A 196 46.23 -4.88 23.07
CA THR A 196 44.83 -4.59 23.38
C THR A 196 43.96 -5.27 22.33
N PRO A 197 43.72 -6.56 22.46
CA PRO A 197 42.83 -7.24 21.52
C PRO A 197 41.40 -6.74 21.67
N TYR A 198 40.67 -6.73 20.55
CA TYR A 198 39.25 -6.44 20.53
C TYR A 198 38.53 -7.65 19.96
N LEU A 199 37.68 -8.26 20.77
CA LEU A 199 37.07 -9.54 20.44
C LEU A 199 35.66 -9.34 19.92
N ASP A 200 35.24 -10.26 19.04
CA ASP A 200 33.86 -10.33 18.62
C ASP A 200 33.54 -11.76 18.22
N ILE A 201 32.27 -12.11 18.32
CA ILE A 201 31.78 -13.42 17.91
C ILE A 201 30.74 -13.22 16.83
N THR A 202 31.00 -13.78 15.66
CA THR A 202 30.12 -13.60 14.51
C THR A 202 29.46 -14.94 14.19
N TYR A 203 28.12 -14.94 14.23
CA TYR A 203 27.32 -16.09 13.86
C TYR A 203 26.72 -15.85 12.49
N HIS A 204 26.94 -16.79 11.57
CA HIS A 204 26.40 -16.66 10.22
C HIS A 204 25.47 -17.83 9.93
N PHE A 205 24.38 -17.53 9.23
CA PHE A 205 23.40 -18.53 8.83
C PHE A 205 23.26 -18.48 7.32
N ILE A 206 23.38 -19.64 6.69
CA ILE A 206 23.22 -19.77 5.25
C ILE A 206 21.80 -20.22 4.97
N MET A 207 21.02 -19.36 4.31
CA MET A 207 19.61 -19.59 4.09
C MET A 207 19.34 -19.79 2.61
N GLN A 208 18.51 -20.78 2.29
CA GLN A 208 18.09 -21.04 0.92
C GLN A 208 16.61 -20.72 0.81
N ARG A 209 16.27 -19.81 -0.10
CA ARG A 209 14.87 -19.44 -0.28
C ARG A 209 14.11 -20.60 -0.92
N ILE A 210 12.86 -20.75 -0.50
CA ILE A 210 11.97 -21.78 -1.06
C ILE A 210 11.22 -21.15 -2.23
N PRO A 211 11.55 -21.52 -3.47
CA PRO A 211 11.01 -20.83 -4.65
C PRO A 211 9.72 -21.44 -5.19
N LEU A 212 8.64 -21.33 -4.41
CA LEU A 212 7.33 -21.73 -4.87
C LEU A 212 6.39 -20.54 -5.03
N TYR A 213 6.36 -19.66 -4.03
CA TYR A 213 5.49 -18.49 -4.09
C TYR A 213 5.82 -17.62 -5.29
N PHE A 214 7.11 -17.29 -5.45
CA PHE A 214 7.50 -16.44 -6.57
C PHE A 214 7.33 -17.16 -7.90
N VAL A 215 7.62 -18.47 -7.95
CA VAL A 215 7.42 -19.20 -9.19
C VAL A 215 5.98 -19.08 -9.65
N VAL A 216 5.04 -19.58 -8.83
CA VAL A 216 3.64 -19.62 -9.25
C VAL A 216 3.05 -18.22 -9.42
N ASN A 217 3.62 -17.22 -8.75
CA ASN A 217 3.02 -15.89 -8.83
C ASN A 217 3.64 -15.01 -9.90
N VAL A 218 4.83 -15.33 -10.41
CA VAL A 218 5.47 -14.47 -11.39
C VAL A 218 5.85 -15.25 -12.64
N ILE A 219 6.57 -16.35 -12.46
CA ILE A 219 7.22 -17.00 -13.60
C ILE A 219 6.19 -17.65 -14.51
N ILE A 220 5.17 -18.29 -13.92
CA ILE A 220 4.18 -18.99 -14.74
C ILE A 220 3.42 -18.03 -15.66
N PRO A 221 2.86 -16.91 -15.18
CA PRO A 221 2.20 -15.99 -16.13
C PRO A 221 3.15 -15.47 -17.19
N CYS A 222 4.42 -15.25 -16.85
CA CYS A 222 5.40 -14.87 -17.86
C CYS A 222 5.55 -15.96 -18.90
N LEU A 223 5.50 -17.23 -18.47
CA LEU A 223 5.56 -18.33 -19.43
C LEU A 223 4.36 -18.32 -20.37
N LEU A 224 3.16 -18.09 -19.82
CA LEU A 224 1.98 -18.01 -20.68
C LEU A 224 2.08 -16.87 -21.68
N PHE A 225 2.55 -15.70 -21.23
CA PHE A 225 2.69 -14.57 -22.15
C PHE A 225 3.74 -14.84 -23.21
N SER A 226 4.86 -15.47 -22.83
CA SER A 226 5.86 -15.83 -23.81
C SER A 226 5.31 -16.79 -24.84
N PHE A 227 4.54 -17.79 -24.40
CA PHE A 227 3.95 -18.73 -25.35
C PHE A 227 2.95 -18.04 -26.27
N LEU A 228 2.11 -17.17 -25.71
CA LEU A 228 1.11 -16.49 -26.52
C LEU A 228 1.74 -15.50 -27.49
N THR A 229 2.96 -15.04 -27.20
CA THR A 229 3.62 -14.09 -28.07
C THR A 229 3.74 -14.60 -29.51
N GLY A 230 4.29 -15.80 -29.67
CA GLY A 230 4.49 -16.34 -31.00
C GLY A 230 3.25 -16.88 -31.67
N LEU A 231 2.14 -16.94 -30.95
CA LEU A 231 0.90 -17.48 -31.50
C LEU A 231 0.28 -16.58 -32.55
N VAL A 232 0.57 -15.27 -32.52
CA VAL A 232 -0.01 -14.34 -33.46
C VAL A 232 0.40 -14.65 -34.90
N PHE A 233 1.53 -15.34 -35.08
CA PHE A 233 2.04 -15.61 -36.41
C PHE A 233 1.28 -16.74 -37.11
N TYR A 234 0.52 -17.53 -36.37
CA TYR A 234 -0.34 -18.51 -37.00
C TYR A 234 -1.73 -17.95 -37.29
N LEU A 235 -2.03 -16.77 -36.77
CA LEU A 235 -3.31 -16.11 -37.04
C LEU A 235 -3.25 -15.43 -38.39
N PRO A 236 -4.14 -15.75 -39.32
CA PRO A 236 -4.07 -15.14 -40.65
C PRO A 236 -4.42 -13.66 -40.62
N THR A 237 -3.86 -12.93 -41.57
CA THR A 237 -4.06 -11.48 -41.64
C THR A 237 -5.46 -11.12 -42.09
N ASP A 238 -6.16 -12.04 -42.78
CA ASP A 238 -7.51 -11.74 -43.24
C ASP A 238 -8.43 -11.43 -42.07
N SER A 239 -8.27 -12.14 -40.97
CA SER A 239 -8.95 -11.77 -39.73
C SER A 239 -8.26 -10.55 -39.14
N GLY A 240 -8.99 -9.44 -39.01
CA GLY A 240 -8.39 -8.22 -38.52
C GLY A 240 -8.11 -8.25 -37.03
N GLU A 241 -7.31 -9.21 -36.57
CA GLU A 241 -7.07 -9.37 -35.15
C GLU A 241 -5.62 -9.67 -34.79
N LYS A 242 -4.68 -9.58 -35.73
CA LYS A 242 -3.29 -9.80 -35.37
C LYS A 242 -2.82 -8.74 -34.37
N MET A 243 -3.05 -7.47 -34.70
CA MET A 243 -2.66 -6.40 -33.78
C MET A 243 -3.44 -6.48 -32.49
N THR A 244 -4.74 -6.78 -32.57
CA THR A 244 -5.55 -6.90 -31.35
C THR A 244 -4.95 -7.95 -30.42
N LEU A 245 -4.66 -9.14 -30.94
CA LEU A 245 -4.13 -10.21 -30.11
C LEU A 245 -2.77 -9.84 -29.53
N SER A 246 -1.83 -9.40 -30.38
CA SER A 246 -0.48 -9.13 -29.90
C SER A 246 -0.45 -7.97 -28.92
N ILE A 247 -1.17 -6.89 -29.22
CA ILE A 247 -1.17 -5.72 -28.35
C ILE A 247 -1.88 -6.02 -27.05
N SER A 248 -2.91 -6.86 -27.08
CA SER A 248 -3.56 -7.26 -25.83
C SER A 248 -2.65 -8.12 -24.97
N VAL A 249 -1.83 -8.96 -25.62
CA VAL A 249 -0.81 -9.68 -24.86
C VAL A 249 0.17 -8.71 -24.21
N LEU A 250 0.55 -7.67 -24.96
CA LEU A 250 1.44 -6.65 -24.40
C LEU A 250 0.79 -5.94 -23.22
N LEU A 251 -0.51 -5.62 -23.33
CA LEU A 251 -1.21 -4.99 -22.22
C LEU A 251 -1.27 -5.92 -21.01
N SER A 252 -1.49 -7.21 -21.24
CA SER A 252 -1.48 -8.17 -20.14
C SER A 252 -0.13 -8.18 -19.44
N LEU A 253 0.95 -8.17 -20.21
CA LEU A 253 2.28 -8.12 -19.60
C LEU A 253 2.49 -6.83 -18.83
N THR A 254 2.03 -5.70 -19.38
CA THR A 254 2.17 -4.43 -18.69
C THR A 254 1.39 -4.41 -17.38
N VAL A 255 0.18 -4.99 -17.38
CA VAL A 255 -0.59 -5.08 -16.15
C VAL A 255 0.10 -5.99 -15.15
N PHE A 256 0.64 -7.12 -15.63
CA PHE A 256 1.37 -8.01 -14.74
C PHE A 256 2.58 -7.33 -14.13
N LEU A 257 3.15 -6.34 -14.83
CA LEU A 257 4.23 -5.55 -14.26
C LEU A 257 3.86 -4.93 -12.93
N LEU A 258 2.58 -4.65 -12.69
CA LEU A 258 2.15 -4.25 -11.35
C LEU A 258 2.49 -5.33 -10.32
N VAL A 259 2.22 -6.59 -10.67
CA VAL A 259 2.49 -7.69 -9.76
C VAL A 259 3.98 -7.84 -9.53
N ILE A 260 4.78 -7.78 -10.60
CA ILE A 260 6.23 -7.84 -10.44
C ILE A 260 6.73 -6.72 -9.53
N VAL A 261 6.25 -5.50 -9.77
CA VAL A 261 6.72 -4.37 -8.97
C VAL A 261 6.34 -4.54 -7.50
N GLU A 262 5.15 -5.07 -7.23
CA GLU A 262 4.73 -5.20 -5.85
C GLU A 262 5.25 -6.46 -5.16
N LEU A 263 5.83 -7.41 -5.91
CA LEU A 263 6.29 -8.65 -5.30
C LEU A 263 7.81 -8.77 -5.21
N ILE A 264 8.54 -8.43 -6.28
CA ILE A 264 9.99 -8.61 -6.28
C ILE A 264 10.64 -7.51 -5.45
N PRO A 265 11.84 -7.75 -4.92
CA PRO A 265 12.54 -6.66 -4.21
C PRO A 265 12.95 -5.54 -5.16
N SER A 266 12.98 -4.32 -4.61
CA SER A 266 13.28 -3.12 -5.37
C SER A 266 14.74 -2.69 -5.22
N THR A 267 15.66 -3.65 -5.12
CA THR A 267 17.07 -3.32 -5.02
C THR A 267 17.62 -2.93 -6.39
N SER A 268 18.71 -2.18 -6.37
CA SER A 268 19.43 -1.79 -7.58
C SER A 268 20.84 -2.36 -7.61
N SER A 269 21.19 -3.24 -6.67
CA SER A 269 22.52 -3.81 -6.64
C SER A 269 22.79 -4.66 -7.88
N ALA A 270 21.81 -5.44 -8.31
CA ALA A 270 21.94 -6.26 -9.50
C ALA A 270 20.55 -6.53 -10.05
N VAL A 271 20.51 -6.96 -11.31
CA VAL A 271 19.26 -7.35 -11.94
C VAL A 271 18.96 -8.78 -11.53
N PRO A 272 17.82 -9.05 -10.90
CA PRO A 272 17.50 -10.42 -10.52
C PRO A 272 17.17 -11.28 -11.73
N LEU A 273 17.20 -12.59 -11.51
CA LEU A 273 16.99 -13.53 -12.60
C LEU A 273 15.64 -13.33 -13.26
N ILE A 274 14.58 -13.21 -12.46
CA ILE A 274 13.25 -13.01 -13.03
C ILE A 274 13.13 -11.60 -13.62
N GLY A 275 13.94 -10.65 -13.16
CA GLY A 275 13.99 -9.36 -13.84
C GLY A 275 14.50 -9.50 -15.26
N LYS A 276 15.59 -10.26 -15.43
CA LYS A 276 16.07 -10.55 -16.77
C LYS A 276 15.03 -11.29 -17.58
N TYR A 277 14.35 -12.26 -16.98
CA TYR A 277 13.37 -13.04 -17.72
C TYR A 277 12.20 -12.17 -18.17
N MET A 278 11.75 -11.27 -17.30
CA MET A 278 10.65 -10.39 -17.69
C MET A 278 11.08 -9.39 -18.75
N LEU A 279 12.29 -8.84 -18.65
CA LEU A 279 12.75 -7.93 -19.69
C LEU A 279 12.84 -8.66 -21.02
N PHE A 280 13.29 -9.92 -20.99
CA PHE A 280 13.25 -10.78 -22.17
C PHE A 280 11.84 -10.92 -22.71
N THR A 281 10.86 -11.17 -21.82
CA THR A 281 9.48 -11.32 -22.28
C THR A 281 8.95 -10.05 -22.91
N MET A 282 9.25 -8.90 -22.30
CA MET A 282 8.82 -7.62 -22.85
C MET A 282 9.41 -7.40 -24.24
N ILE A 283 10.72 -7.58 -24.39
CA ILE A 283 11.35 -7.37 -25.68
C ILE A 283 10.84 -8.38 -26.70
N PHE A 284 10.55 -9.59 -26.25
CA PHE A 284 9.99 -10.61 -27.13
C PHE A 284 8.64 -10.18 -27.67
N VAL A 285 7.76 -9.71 -26.79
CA VAL A 285 6.43 -9.27 -27.21
C VAL A 285 6.53 -8.07 -28.15
N ILE A 286 7.41 -7.13 -27.83
CA ILE A 286 7.53 -5.93 -28.66
C ILE A 286 8.10 -6.28 -30.03
N SER A 287 9.07 -7.19 -30.08
CA SER A 287 9.58 -7.65 -31.37
C SER A 287 8.47 -8.31 -32.18
N SER A 288 7.66 -9.16 -31.53
CA SER A 288 6.55 -9.79 -32.23
C SER A 288 5.60 -8.73 -32.78
N ILE A 289 5.32 -7.68 -32.01
CA ILE A 289 4.39 -6.66 -32.46
C ILE A 289 4.95 -5.90 -33.65
N ILE A 290 6.23 -5.53 -33.60
CA ILE A 290 6.85 -4.81 -34.71
C ILE A 290 6.82 -5.66 -35.98
N ILE A 291 7.19 -6.94 -35.86
CA ILE A 291 7.25 -7.78 -37.03
C ILE A 291 5.85 -8.07 -37.56
N THR A 292 4.86 -8.15 -36.66
CA THR A 292 3.47 -8.29 -37.09
C THR A 292 3.01 -7.08 -37.87
N VAL A 293 3.41 -5.88 -37.42
CA VAL A 293 3.08 -4.67 -38.17
C VAL A 293 3.68 -4.75 -39.57
N VAL A 294 4.93 -5.20 -39.67
CA VAL A 294 5.57 -5.32 -40.98
C VAL A 294 4.82 -6.32 -41.85
N VAL A 295 4.42 -7.45 -41.27
CA VAL A 295 3.71 -8.47 -42.04
C VAL A 295 2.36 -7.95 -42.53
N ILE A 296 1.63 -7.24 -41.67
CA ILE A 296 0.34 -6.70 -42.08
C ILE A 296 0.52 -5.69 -43.20
N ASN A 297 1.57 -4.86 -43.11
CA ASN A 297 1.86 -3.95 -44.21
C ASN A 297 2.15 -4.71 -45.49
N THR A 298 2.89 -5.82 -45.39
CA THR A 298 3.21 -6.60 -46.58
C THR A 298 1.96 -7.22 -47.20
N HIS A 299 1.04 -7.71 -46.37
CA HIS A 299 -0.11 -8.45 -46.87
C HIS A 299 -1.04 -7.55 -47.68
N HIS A 300 -1.14 -6.27 -47.31
CA HIS A 300 -2.07 -5.36 -47.95
C HIS A 300 -1.44 -4.51 -49.06
N ARG A 301 -0.21 -4.82 -49.47
CA ARG A 301 0.43 -4.05 -50.52
C ARG A 301 -0.37 -4.09 -51.82
N SER A 302 -0.54 -2.94 -52.46
CA SER A 302 -1.34 -2.87 -53.67
C SER A 302 -0.45 -2.96 -54.90
N PRO A 303 -0.88 -3.70 -55.92
CA PRO A 303 -0.09 -3.80 -57.16
C PRO A 303 0.14 -2.46 -57.84
N SER A 304 -0.82 -1.54 -57.72
CA SER A 304 -0.72 -0.27 -58.44
C SER A 304 0.49 0.53 -57.97
N THR A 305 0.70 0.60 -56.67
CA THR A 305 1.79 1.41 -56.11
C THR A 305 3.08 0.61 -55.98
N HIS A 306 3.01 -0.57 -55.40
CA HIS A 306 4.18 -1.41 -55.18
C HIS A 306 4.26 -2.50 -56.24
N THR A 307 5.45 -2.71 -56.78
CA THR A 307 5.74 -3.83 -57.66
C THR A 307 6.72 -4.76 -56.94
N MET A 308 6.46 -6.06 -57.05
CA MET A 308 7.24 -7.03 -56.28
C MET A 308 8.69 -7.01 -56.71
N PRO A 309 9.64 -6.83 -55.79
CA PRO A 309 11.05 -6.96 -56.16
C PRO A 309 11.36 -8.37 -56.62
N GLN A 310 12.32 -8.48 -57.54
CA GLN A 310 12.64 -9.79 -58.09
C GLN A 310 13.21 -10.73 -57.03
N TRP A 311 14.04 -10.20 -56.13
CA TRP A 311 14.64 -11.06 -55.11
C TRP A 311 13.59 -11.58 -54.13
N VAL A 312 12.58 -10.77 -53.82
CA VAL A 312 11.50 -11.23 -52.95
C VAL A 312 10.75 -12.38 -53.62
N ARG A 313 10.45 -12.23 -54.91
CA ARG A 313 9.77 -13.30 -55.64
C ARG A 313 10.63 -14.56 -55.68
N LYS A 314 11.93 -14.41 -55.90
CA LYS A 314 12.81 -15.57 -55.95
C LYS A 314 12.87 -16.29 -54.61
N ILE A 315 12.91 -15.54 -53.51
CA ILE A 315 13.16 -16.12 -52.20
C ILE A 315 11.88 -16.68 -51.59
N PHE A 316 10.86 -15.83 -51.46
CA PHE A 316 9.69 -16.21 -50.67
C PHE A 316 8.63 -16.96 -51.46
N ILE A 317 8.67 -16.94 -52.79
CA ILE A 317 7.68 -17.62 -53.60
C ILE A 317 8.23 -18.90 -54.20
N ASP A 318 9.52 -18.99 -54.47
CA ASP A 318 10.13 -20.13 -55.13
C ASP A 318 11.00 -20.96 -54.19
N THR A 319 11.85 -20.30 -53.39
CA THR A 319 12.84 -21.01 -52.61
C THR A 319 12.26 -21.58 -51.32
N ILE A 320 11.83 -20.70 -50.42
CA ILE A 320 11.47 -21.15 -49.06
C ILE A 320 10.28 -22.09 -49.03
N PRO A 321 9.18 -21.86 -49.75
CA PRO A 321 8.05 -22.80 -49.64
C PRO A 321 8.41 -24.24 -49.94
N ASN A 322 9.47 -24.46 -50.74
CA ASN A 322 9.92 -25.82 -51.00
C ASN A 322 10.49 -26.48 -49.76
N VAL A 323 11.20 -25.71 -48.93
CA VAL A 323 11.92 -26.28 -47.78
C VAL A 323 11.10 -26.16 -46.50
N MET A 324 9.80 -25.90 -46.61
CA MET A 324 8.91 -25.83 -45.45
C MET A 324 8.10 -27.11 -45.44
N PHE A 325 8.63 -28.14 -44.76
CA PHE A 325 8.02 -29.45 -44.77
C PHE A 325 6.77 -29.52 -43.91
N PHE A 326 6.77 -28.81 -42.78
CA PHE A 326 5.66 -28.92 -41.84
C PHE A 326 4.36 -28.39 -42.45
N SER A 327 4.43 -27.28 -43.18
CA SER A 327 3.23 -26.65 -43.71
C SER A 327 2.62 -27.49 -44.83
N THR A 328 1.31 -27.32 -45.02
CA THR A 328 0.58 -27.96 -46.12
C THR A 328 0.27 -26.99 -47.24
N MET A 329 0.84 -25.79 -47.23
CA MET A 329 0.57 -24.81 -48.28
C MET A 329 1.09 -25.31 -49.62
N LYS A 330 0.41 -24.89 -50.69
CA LYS A 330 0.78 -25.33 -52.02
C LYS A 330 2.10 -24.70 -52.45
N ARG A 331 2.77 -25.37 -53.39
CA ARG A 331 4.05 -24.91 -53.88
C ARG A 331 4.06 -24.83 -55.40
N PRO A 370 -26.09 3.08 -84.99
CA PRO A 370 -27.14 2.86 -83.99
C PRO A 370 -26.58 2.60 -82.60
N ASP A 371 -27.41 2.04 -81.72
CA ASP A 371 -27.00 1.71 -80.37
C ASP A 371 -26.30 0.36 -80.28
N VAL A 372 -26.40 -0.47 -81.32
CA VAL A 372 -25.76 -1.79 -81.28
C VAL A 372 -24.25 -1.65 -81.22
N LYS A 373 -23.70 -0.68 -81.96
CA LYS A 373 -22.27 -0.43 -81.88
C LYS A 373 -21.86 -0.03 -80.47
N SER A 374 -22.65 0.82 -79.82
CA SER A 374 -22.35 1.21 -78.44
C SER A 374 -22.41 0.01 -77.50
N ALA A 375 -23.39 -0.87 -77.69
CA ALA A 375 -23.46 -2.06 -76.85
C ALA A 375 -22.24 -2.94 -77.03
N ILE A 376 -21.80 -3.12 -78.27
CA ILE A 376 -20.62 -3.94 -78.54
C ILE A 376 -19.39 -3.32 -77.88
N GLU A 377 -19.24 -2.00 -78.01
CA GLU A 377 -18.10 -1.32 -77.40
C GLU A 377 -18.13 -1.47 -75.88
N GLY A 378 -19.31 -1.36 -75.28
CA GLY A 378 -19.41 -1.51 -73.84
C GLY A 378 -19.06 -2.91 -73.37
N VAL A 379 -19.49 -3.92 -74.12
CA VAL A 379 -19.14 -5.31 -73.76
C VAL A 379 -17.63 -5.50 -73.86
N LYS A 380 -17.01 -4.96 -74.91
CA LYS A 380 -15.55 -5.02 -74.99
C LYS A 380 -14.90 -4.33 -73.79
N TYR A 381 -15.46 -3.19 -73.38
CA TYR A 381 -14.92 -2.47 -72.23
C TYR A 381 -15.00 -3.30 -70.97
N ILE A 382 -16.13 -3.99 -70.75
CA ILE A 382 -16.27 -4.83 -69.57
C ILE A 382 -15.23 -5.95 -69.60
N ALA A 383 -15.05 -6.57 -70.77
CA ALA A 383 -14.07 -7.64 -70.87
C ALA A 383 -12.65 -7.17 -70.54
N GLU A 384 -12.27 -6.00 -71.07
CA GLU A 384 -10.94 -5.49 -70.78
C GLU A 384 -10.80 -5.07 -69.32
N HIS A 385 -11.87 -4.56 -68.72
CA HIS A 385 -11.82 -4.23 -67.30
C HIS A 385 -11.59 -5.49 -66.47
N MET A 386 -12.19 -6.61 -66.89
CA MET A 386 -11.95 -7.86 -66.17
C MET A 386 -10.53 -8.38 -66.40
N LYS A 387 -9.98 -8.21 -67.61
CA LYS A 387 -8.53 -8.36 -67.77
C LYS A 387 -7.77 -7.67 -66.65
N SER A 388 -7.96 -6.35 -66.53
CA SER A 388 -7.17 -5.57 -65.60
C SER A 388 -7.41 -6.01 -64.17
N ASP A 389 -8.67 -6.27 -63.81
CA ASP A 389 -8.98 -6.69 -62.44
C ASP A 389 -8.32 -8.02 -62.11
N GLU A 390 -8.36 -8.97 -63.05
CA GLU A 390 -7.72 -10.26 -62.82
C GLU A 390 -6.22 -10.09 -62.60
N GLU A 391 -5.59 -9.25 -63.41
CA GLU A 391 -4.15 -9.03 -63.28
C GLU A 391 -3.81 -8.45 -61.91
N SER A 392 -4.54 -7.42 -61.50
CA SER A 392 -4.26 -6.80 -60.21
C SER A 392 -4.52 -7.76 -59.06
N SER A 393 -5.59 -8.55 -59.16
CA SER A 393 -5.88 -9.53 -58.12
C SER A 393 -4.76 -10.56 -58.02
N ASN A 394 -4.20 -10.99 -59.15
CA ASN A 394 -3.11 -11.95 -59.11
C ASN A 394 -1.88 -11.36 -58.42
N ALA A 395 -1.54 -10.11 -58.73
CA ALA A 395 -0.39 -9.49 -58.08
C ALA A 395 -0.60 -9.36 -56.57
N ALA A 396 -1.78 -8.89 -56.16
CA ALA A 396 -2.06 -8.77 -54.74
C ALA A 396 -2.04 -10.14 -54.06
N GLU A 397 -2.48 -11.18 -54.79
CA GLU A 397 -2.37 -12.54 -54.29
C GLU A 397 -0.93 -12.93 -54.05
N GLU A 398 -0.02 -12.56 -54.96
CA GLU A 398 1.38 -12.87 -54.74
C GLU A 398 1.90 -12.20 -53.48
N TRP A 399 1.51 -10.95 -53.26
CA TRP A 399 1.90 -10.26 -52.02
C TRP A 399 1.37 -10.99 -50.79
N LYS A 400 0.10 -11.40 -50.83
CA LYS A 400 -0.48 -12.10 -49.68
C LYS A 400 0.24 -13.41 -49.41
N TYR A 401 0.60 -14.13 -50.47
CA TYR A 401 1.32 -15.40 -50.30
C TYR A 401 2.68 -15.17 -49.65
N VAL A 402 3.39 -14.11 -50.07
CA VAL A 402 4.66 -13.80 -49.45
C VAL A 402 4.49 -13.52 -47.97
N ALA A 403 3.45 -12.75 -47.62
CA ALA A 403 3.20 -12.46 -46.21
C ALA A 403 2.92 -13.73 -45.42
N MET A 404 2.15 -14.65 -45.98
CA MET A 404 1.83 -15.89 -45.28
C MET A 404 3.09 -16.73 -45.05
N VAL A 405 3.96 -16.81 -46.06
CA VAL A 405 5.20 -17.56 -45.90
C VAL A 405 6.06 -16.95 -44.80
N ILE A 406 6.15 -15.62 -44.78
CA ILE A 406 6.90 -14.95 -43.73
C ILE A 406 6.32 -15.28 -42.37
N ASP A 407 4.99 -15.32 -42.26
CA ASP A 407 4.36 -15.71 -41.00
C ASP A 407 4.78 -17.11 -40.56
N HIS A 408 4.81 -18.06 -41.50
CA HIS A 408 5.18 -19.42 -41.13
C HIS A 408 6.62 -19.46 -40.60
N ILE A 409 7.53 -18.81 -41.32
CA ILE A 409 8.92 -18.78 -40.86
C ILE A 409 9.01 -18.14 -39.48
N LEU A 410 8.28 -17.04 -39.28
CA LEU A 410 8.32 -16.34 -38.00
C LEU A 410 7.75 -17.20 -36.89
N LEU A 411 6.72 -17.99 -37.17
CA LEU A 411 6.18 -18.89 -36.15
C LEU A 411 7.23 -19.87 -35.69
N CYS A 412 7.92 -20.51 -36.63
CA CYS A 412 8.98 -21.44 -36.25
C CYS A 412 10.06 -20.72 -35.45
N VAL A 413 10.53 -19.57 -35.95
CA VAL A 413 11.62 -18.84 -35.31
C VAL A 413 11.23 -18.41 -33.90
N PHE A 414 10.00 -17.93 -33.72
CA PHE A 414 9.60 -17.39 -32.43
C PHE A 414 9.37 -18.48 -31.40
N MET A 415 8.79 -19.62 -31.80
CA MET A 415 8.73 -20.74 -30.86
C MET A 415 10.12 -21.19 -30.45
N LEU A 416 11.04 -21.30 -31.41
CA LEU A 416 12.40 -21.69 -31.08
C LEU A 416 13.04 -20.69 -30.13
N ILE A 417 12.88 -19.39 -30.41
CA ILE A 417 13.50 -18.35 -29.58
C ILE A 417 12.91 -18.38 -28.17
N CYS A 418 11.58 -18.54 -28.06
CA CYS A 418 10.97 -18.60 -26.75
C CYS A 418 11.53 -19.75 -25.93
N ILE A 419 11.58 -20.95 -26.51
CA ILE A 419 12.07 -22.12 -25.77
C ILE A 419 13.52 -21.92 -25.37
N ILE A 420 14.36 -21.49 -26.32
CA ILE A 420 15.78 -21.34 -26.05
C ILE A 420 16.02 -20.26 -25.02
N GLY A 421 15.31 -19.14 -25.11
CA GLY A 421 15.49 -18.07 -24.14
C GLY A 421 15.06 -18.48 -22.74
N THR A 422 13.93 -19.17 -22.63
CA THR A 422 13.50 -19.65 -21.32
C THR A 422 14.54 -20.59 -20.71
N VAL A 423 15.00 -21.57 -21.49
CA VAL A 423 15.98 -22.51 -20.97
C VAL A 423 17.27 -21.79 -20.59
N SER A 424 17.76 -20.91 -21.46
CA SER A 424 19.02 -20.23 -21.21
C SER A 424 18.93 -19.36 -19.96
N VAL A 425 17.78 -18.71 -19.74
CA VAL A 425 17.66 -17.85 -18.57
C VAL A 425 17.60 -18.68 -17.30
N PHE A 426 16.82 -19.78 -17.30
CA PHE A 426 16.54 -20.43 -16.03
C PHE A 426 17.42 -21.65 -15.75
N ALA A 427 17.58 -22.56 -16.71
CA ALA A 427 18.31 -23.79 -16.45
C ALA A 427 19.75 -23.53 -16.02
N GLY A 428 20.33 -22.41 -16.45
CA GLY A 428 21.69 -22.10 -16.05
C GLY A 428 21.85 -22.05 -14.54
N ARG A 429 20.93 -21.39 -13.85
CA ARG A 429 20.91 -21.42 -12.40
C ARG A 429 20.33 -22.72 -11.86
N LEU A 430 19.35 -23.29 -12.55
CA LEU A 430 18.64 -24.45 -12.01
C LEU A 430 19.52 -25.69 -11.92
N ILE A 431 20.44 -25.88 -12.88
CA ILE A 431 21.30 -27.06 -12.84
C ILE A 431 22.22 -27.02 -11.62
N GLU A 432 22.63 -25.81 -11.21
CA GLU A 432 23.48 -25.68 -10.03
C GLU A 432 22.78 -26.18 -8.78
N LEU A 433 21.45 -26.04 -8.72
CA LEU A 433 20.69 -26.50 -7.56
C LEU A 433 20.48 -28.01 -7.60
N ASN B 2 39.76 -5.51 44.32
CA ASN B 2 39.69 -4.63 43.17
C ASN B 2 39.81 -3.17 43.59
N GLU B 3 40.90 -2.52 43.19
CA GLU B 3 41.11 -1.12 43.52
C GLU B 3 40.16 -0.20 42.77
N GLU B 4 39.54 -0.69 41.69
CA GLU B 4 38.60 0.14 40.93
C GLU B 4 37.43 0.57 41.80
N GLU B 5 36.98 -0.31 42.70
CA GLU B 5 35.88 0.02 43.59
C GLU B 5 36.23 1.18 44.51
N ARG B 6 37.41 1.11 45.13
CA ARG B 6 37.86 2.21 45.98
C ARG B 6 38.02 3.50 45.19
N LEU B 7 38.60 3.40 44.00
CA LEU B 7 38.80 4.61 43.19
C LEU B 7 37.47 5.25 42.82
N ILE B 8 36.50 4.45 42.39
CA ILE B 8 35.21 5.01 42.01
C ILE B 8 34.49 5.59 43.22
N ASN B 9 34.60 4.92 44.38
CA ASN B 9 34.00 5.47 45.59
C ASN B 9 34.61 6.82 45.94
N ASP B 10 35.92 6.95 45.83
CA ASP B 10 36.55 8.24 46.09
C ASP B 10 36.13 9.29 45.08
N LEU B 11 36.05 8.91 43.80
CA LEU B 11 35.75 9.88 42.76
C LEU B 11 34.33 10.41 42.89
N LEU B 12 33.36 9.53 43.10
CA LEU B 12 31.95 9.90 43.03
C LEU B 12 31.31 10.19 44.38
N ILE B 13 31.64 9.42 45.42
CA ILE B 13 30.93 9.51 46.69
C ILE B 13 31.66 10.43 47.65
N VAL B 14 32.94 10.16 47.89
CA VAL B 14 33.70 10.95 48.85
C VAL B 14 33.84 12.38 48.37
N ASN B 15 34.11 12.58 47.08
CA ASN B 15 34.28 13.92 46.53
C ASN B 15 32.97 14.63 46.27
N LYS B 16 31.82 13.95 46.44
CA LYS B 16 30.51 14.53 46.22
C LYS B 16 30.37 15.04 44.78
N TYR B 17 30.47 14.10 43.85
CA TYR B 17 30.33 14.42 42.43
C TYR B 17 28.87 14.71 42.12
N ASN B 18 28.61 15.90 41.57
CA ASN B 18 27.27 16.33 41.20
C ASN B 18 27.19 16.27 39.68
N LYS B 19 26.40 15.33 39.16
CA LYS B 19 26.34 15.10 37.72
C LYS B 19 25.59 16.20 36.98
N HIS B 20 24.90 17.10 37.68
CA HIS B 20 24.13 18.15 37.05
C HIS B 20 24.89 19.47 36.99
N VAL B 21 26.20 19.43 37.20
CA VAL B 21 27.04 20.62 37.20
C VAL B 21 28.15 20.41 36.18
N ARG B 22 28.41 21.43 35.37
CA ARG B 22 29.45 21.35 34.37
C ARG B 22 30.82 21.13 35.00
N PRO B 23 31.72 20.43 34.31
CA PRO B 23 33.10 20.27 34.79
C PRO B 23 33.97 21.50 34.48
N VAL B 24 33.75 22.55 35.26
CA VAL B 24 34.53 23.78 35.16
C VAL B 24 34.93 24.21 36.56
N LYS B 25 36.15 24.71 36.70
CA LYS B 25 36.60 25.18 38.00
C LYS B 25 35.97 26.51 38.36
N HIS B 26 35.73 27.36 37.38
CA HIS B 26 35.02 28.62 37.57
C HIS B 26 33.88 28.71 36.58
N ASN B 27 32.76 29.31 37.01
CA ASN B 27 31.59 29.38 36.15
C ASN B 27 31.68 30.50 35.14
N ASN B 28 32.81 30.58 34.44
CA ASN B 28 32.94 31.40 33.26
C ASN B 28 33.69 30.71 32.13
N GLU B 29 34.32 29.56 32.40
CA GLU B 29 35.06 28.81 31.41
C GLU B 29 34.11 28.03 30.50
N VAL B 30 34.68 27.42 29.47
CA VAL B 30 33.91 26.69 28.46
C VAL B 30 34.40 25.25 28.45
N VAL B 31 33.46 24.32 28.42
CA VAL B 31 33.77 22.91 28.23
C VAL B 31 33.80 22.63 26.73
N ASN B 32 34.91 22.09 26.24
CA ASN B 32 35.03 21.75 24.84
C ASN B 32 34.66 20.29 24.66
N ILE B 33 33.65 20.03 23.84
CA ILE B 33 33.20 18.69 23.52
C ILE B 33 33.52 18.43 22.06
N ALA B 34 34.52 17.59 21.82
CA ALA B 34 34.85 17.17 20.48
C ALA B 34 33.98 15.97 20.12
N LEU B 35 33.24 16.08 19.03
CA LEU B 35 32.36 15.01 18.62
C LEU B 35 32.64 14.60 17.18
N SER B 36 32.43 13.32 16.92
CA SER B 36 32.65 12.73 15.61
C SER B 36 31.51 11.76 15.32
N LEU B 37 31.30 11.50 14.04
CA LEU B 37 30.21 10.63 13.60
C LEU B 37 30.78 9.47 12.79
N THR B 38 30.37 8.26 13.13
CA THR B 38 30.75 7.06 12.40
C THR B 38 29.50 6.43 11.81
N LEU B 39 29.48 6.23 10.51
CA LEU B 39 28.31 5.68 9.84
C LEU B 39 28.43 4.16 9.83
N SER B 40 27.64 3.49 10.66
CA SER B 40 27.62 2.03 10.66
C SER B 40 27.00 1.49 9.39
N ASN B 41 25.85 2.03 8.99
CA ASN B 41 25.21 1.65 7.74
C ASN B 41 24.13 2.66 7.41
N LEU B 42 23.92 2.88 6.11
CA LEU B 42 22.80 3.67 5.62
C LEU B 42 21.61 2.74 5.40
N ILE B 43 20.56 2.92 6.19
CA ILE B 43 19.43 1.99 6.13
C ILE B 43 18.52 2.33 4.96
N SER B 44 18.00 3.55 4.91
CA SER B 44 16.98 3.87 3.94
C SER B 44 16.91 5.37 3.71
N LEU B 45 16.52 5.74 2.50
CA LEU B 45 16.17 7.11 2.14
C LEU B 45 14.85 7.09 1.39
N LYS B 46 13.84 6.47 1.98
CA LYS B 46 12.52 6.45 1.37
C LYS B 46 12.03 7.85 1.07
N GLU B 47 11.77 8.10 -0.21
CA GLU B 47 11.50 9.44 -0.71
C GLU B 47 10.06 9.89 -0.48
N THR B 48 9.16 8.95 -0.16
CA THR B 48 7.75 9.30 -0.03
C THR B 48 7.53 10.27 1.12
N ASP B 49 8.20 10.08 2.24
CA ASP B 49 8.08 10.96 3.39
C ASP B 49 9.38 11.67 3.74
N GLU B 50 10.40 11.58 2.88
CA GLU B 50 11.62 12.39 3.00
C GLU B 50 12.29 12.18 4.36
N THR B 51 12.58 10.91 4.66
CA THR B 51 13.21 10.52 5.92
C THR B 51 14.45 9.69 5.63
N LEU B 52 15.55 10.02 6.28
CA LEU B 52 16.80 9.28 6.18
C LEU B 52 17.02 8.52 7.47
N THR B 53 16.97 7.20 7.41
CA THR B 53 17.26 6.35 8.55
C THR B 53 18.72 5.92 8.48
N SER B 54 19.45 6.11 9.57
CA SER B 54 20.88 5.83 9.58
C SER B 54 21.27 5.26 10.94
N ASN B 55 22.25 4.36 10.91
CA ASN B 55 22.85 3.79 12.10
C ASN B 55 24.22 4.42 12.27
N VAL B 56 24.36 5.28 13.28
CA VAL B 56 25.58 6.05 13.48
C VAL B 56 26.04 5.89 14.91
N TRP B 57 27.34 6.10 15.12
CA TRP B 57 27.96 6.02 16.43
C TRP B 57 28.52 7.40 16.78
N MET B 58 27.92 8.06 17.76
CA MET B 58 28.40 9.36 18.21
C MET B 58 29.64 9.18 19.07
N ASP B 59 30.75 9.77 18.65
CA ASP B 59 31.97 9.77 19.43
C ASP B 59 32.07 11.09 20.17
N HIS B 60 32.14 11.01 21.50
CA HIS B 60 32.19 12.19 22.34
C HIS B 60 33.52 12.22 23.09
N ALA B 61 34.02 13.42 23.35
CA ALA B 61 35.26 13.56 24.10
C ALA B 61 35.27 14.92 24.79
N TRP B 62 35.60 14.92 26.08
CA TRP B 62 35.70 16.15 26.85
C TRP B 62 36.56 15.88 28.07
N TYR B 63 36.84 16.95 28.81
CA TYR B 63 37.64 16.87 30.03
C TYR B 63 36.77 17.12 31.25
N ASP B 64 37.05 16.39 32.33
CA ASP B 64 36.31 16.53 33.57
C ASP B 64 37.34 16.54 34.70
N HIS B 65 37.65 17.73 35.21
CA HIS B 65 38.67 17.84 36.24
C HIS B 65 38.30 17.10 37.51
N ARG B 66 37.01 16.82 37.73
CA ARG B 66 36.61 16.08 38.92
C ARG B 66 36.95 14.60 38.80
N LEU B 67 36.93 14.05 37.59
CA LEU B 67 37.29 12.66 37.38
C LEU B 67 38.77 12.50 37.04
N THR B 68 39.63 13.08 37.88
CA THR B 68 41.07 12.91 37.77
C THR B 68 41.59 12.26 39.03
N TRP B 69 42.60 11.41 38.88
CA TRP B 69 43.19 10.72 40.01
C TRP B 69 44.65 10.44 39.71
N ASN B 70 45.41 10.20 40.75
CA ASN B 70 46.82 9.85 40.63
C ASN B 70 46.92 8.34 40.50
N ALA B 71 47.38 7.87 39.34
CA ALA B 71 47.44 6.43 39.10
C ALA B 71 48.38 5.73 40.06
N SER B 72 49.37 6.44 40.60
CA SER B 72 50.32 5.82 41.51
C SER B 72 49.72 5.62 42.90
N GLU B 73 48.90 6.56 43.37
CA GLU B 73 48.32 6.44 44.71
C GLU B 73 47.43 5.21 44.83
N TYR B 74 46.76 4.84 43.75
CA TYR B 74 46.06 3.57 43.66
C TYR B 74 46.97 2.57 42.95
N SER B 75 46.44 1.39 42.67
CA SER B 75 47.13 0.52 41.73
C SER B 75 47.19 1.24 40.38
N ASP B 76 48.00 0.70 39.47
CA ASP B 76 48.25 1.42 38.23
C ASP B 76 47.02 1.38 37.33
N ILE B 77 45.94 2.02 37.77
CA ILE B 77 44.69 2.07 37.00
C ILE B 77 44.80 3.24 36.03
N SER B 78 44.82 2.93 34.73
CA SER B 78 44.95 3.95 33.70
C SER B 78 43.66 4.23 32.96
N ILE B 79 42.55 3.59 33.35
CA ILE B 79 41.29 3.79 32.66
C ILE B 79 40.15 3.24 33.51
N LEU B 80 38.98 3.86 33.41
CA LEU B 80 37.80 3.42 34.14
C LEU B 80 36.61 3.38 33.19
N ARG B 81 35.62 2.55 33.54
CA ARG B 81 34.36 2.50 32.82
C ARG B 81 33.25 2.86 33.78
N LEU B 82 32.55 3.96 33.49
CA LEU B 82 31.47 4.45 34.33
C LEU B 82 30.22 4.62 33.51
N PRO B 83 29.05 4.28 34.05
CA PRO B 83 27.81 4.50 33.33
C PRO B 83 27.54 5.99 33.18
N PRO B 84 26.93 6.41 32.07
CA PRO B 84 26.67 7.84 31.85
C PRO B 84 25.71 8.42 32.86
N GLU B 85 24.92 7.59 33.54
CA GLU B 85 23.97 8.07 34.54
C GLU B 85 24.65 8.48 35.84
N LEU B 86 25.95 8.23 35.99
CA LEU B 86 26.67 8.64 37.19
C LEU B 86 27.51 9.90 36.98
N VAL B 87 27.80 10.18 35.75
CA VAL B 87 28.69 11.31 35.49
C VAL B 87 27.95 12.35 34.67
N TRP B 88 28.50 13.56 34.65
CA TRP B 88 27.96 14.60 33.80
C TRP B 88 28.15 14.23 32.34
N ILE B 89 27.10 14.39 31.55
CA ILE B 89 27.11 14.03 30.15
C ILE B 89 26.65 15.23 29.33
N PRO B 90 27.32 15.58 28.24
CA PRO B 90 26.84 16.66 27.38
C PRO B 90 25.70 16.17 26.49
N ASP B 91 24.51 16.74 26.69
CA ASP B 91 23.35 16.34 25.90
C ASP B 91 23.45 16.98 24.52
N ILE B 92 23.91 16.22 23.54
CA ILE B 92 23.97 16.65 22.16
C ILE B 92 22.93 15.85 21.39
N VAL B 93 21.99 16.55 20.77
CA VAL B 93 20.80 15.96 20.19
C VAL B 93 20.74 16.27 18.71
N LEU B 94 20.32 15.36 17.89
CA LEU B 94 20.00 15.58 16.49
C LEU B 94 18.75 16.45 16.42
N GLN B 95 18.90 17.67 15.90
CA GLN B 95 17.78 18.61 15.91
C GLN B 95 16.79 18.33 14.79
N ASN B 96 17.27 17.93 13.62
CA ASN B 96 16.38 17.75 12.47
C ASN B 96 15.88 16.31 12.34
N ASN B 97 15.34 15.76 13.41
CA ASN B 97 14.83 14.40 13.39
C ASN B 97 13.35 14.39 12.99
N ASN B 98 12.92 13.24 12.47
CA ASN B 98 11.55 13.07 12.00
C ASN B 98 10.63 12.57 13.11
N ASP B 99 11.01 11.48 13.77
CA ASP B 99 10.11 10.66 14.57
C ASP B 99 10.04 11.07 16.03
N GLY B 100 10.79 12.07 16.47
CA GLY B 100 10.82 12.42 17.86
C GLY B 100 11.89 11.73 18.67
N GLN B 101 12.97 11.28 18.04
CA GLN B 101 14.09 10.62 18.72
C GLN B 101 15.29 11.55 18.62
N TYR B 102 15.55 12.30 19.69
CA TYR B 102 16.66 13.24 19.71
C TYR B 102 17.94 12.64 20.24
N HIS B 103 17.85 11.55 20.99
CA HIS B 103 18.99 11.07 21.76
C HIS B 103 19.60 9.83 21.10
N VAL B 104 20.72 9.41 21.68
CA VAL B 104 21.34 8.17 21.24
C VAL B 104 20.50 6.98 21.72
N ALA B 105 20.64 5.86 21.01
CA ALA B 105 19.80 4.70 21.29
C ALA B 105 20.27 3.95 22.52
N TYR B 106 21.57 3.80 22.71
CA TYR B 106 22.12 2.98 23.79
C TYR B 106 23.10 3.81 24.60
N PHE B 107 22.82 3.97 25.89
CA PHE B 107 23.66 4.78 26.77
C PHE B 107 24.73 3.88 27.37
N CYS B 108 25.84 3.74 26.64
CA CYS B 108 26.92 2.87 27.08
C CYS B 108 27.81 3.60 28.07
N ASN B 109 28.73 2.83 28.67
CA ASN B 109 29.64 3.40 29.66
C ASN B 109 30.56 4.42 29.02
N VAL B 110 31.01 5.36 29.83
CA VAL B 110 32.07 6.29 29.42
C VAL B 110 33.41 5.72 29.84
N LEU B 111 34.47 6.19 29.19
CA LEU B 111 35.83 5.81 29.52
C LEU B 111 36.56 7.04 30.06
N VAL B 112 37.16 6.92 31.24
CA VAL B 112 37.79 8.03 31.91
C VAL B 112 39.26 7.68 32.14
N ARG B 113 40.14 8.58 31.73
CA ARG B 113 41.56 8.46 31.95
C ARG B 113 41.95 9.19 33.24
N PRO B 114 43.13 8.88 33.78
CA PRO B 114 43.54 9.57 35.03
C PRO B 114 43.71 11.07 34.87
N ASN B 115 43.84 11.57 33.66
CA ASN B 115 43.96 13.01 33.41
C ASN B 115 42.62 13.70 33.26
N GLY B 116 41.52 12.97 33.42
CA GLY B 116 40.20 13.54 33.27
C GLY B 116 39.63 13.48 31.88
N TYR B 117 40.37 12.94 30.90
CA TYR B 117 39.84 12.82 29.56
C TYR B 117 38.74 11.76 29.53
N VAL B 118 37.58 12.15 29.03
CA VAL B 118 36.41 11.28 28.98
C VAL B 118 36.03 11.06 27.53
N THR B 119 35.87 9.81 27.13
CA THR B 119 35.40 9.47 25.79
C THR B 119 34.12 8.64 25.91
N TRP B 120 33.15 8.97 25.08
CA TRP B 120 31.85 8.32 25.09
C TRP B 120 31.46 8.03 23.65
N LEU B 121 31.10 6.77 23.37
CA LEU B 121 30.76 6.33 22.02
C LEU B 121 29.43 5.57 22.03
N PRO B 122 28.32 6.26 22.23
CA PRO B 122 27.02 5.60 22.17
C PRO B 122 26.54 5.45 20.75
N PRO B 123 25.92 4.33 20.41
CA PRO B 123 25.31 4.17 19.08
C PRO B 123 23.89 4.70 19.06
N ALA B 124 23.42 5.00 17.84
CA ALA B 124 22.10 5.57 17.68
C ALA B 124 21.49 5.14 16.35
N ILE B 125 20.16 5.09 16.31
CA ILE B 125 19.41 5.06 15.07
C ILE B 125 18.69 6.39 14.96
N PHE B 126 18.97 7.12 13.89
CA PHE B 126 18.43 8.45 13.69
C PHE B 126 17.53 8.48 12.46
N ARG B 127 16.39 9.14 12.58
CA ARG B 127 15.47 9.34 11.47
C ARG B 127 15.41 10.84 11.26
N SER B 128 16.34 11.37 10.49
CA SER B 128 16.40 12.79 10.20
C SER B 128 15.65 13.11 8.91
N SER B 129 15.24 14.35 8.78
CA SER B 129 14.49 14.80 7.62
C SER B 129 15.47 15.46 6.64
N CYS B 130 15.46 14.99 5.40
CA CYS B 130 16.18 15.66 4.32
C CYS B 130 15.23 15.80 3.14
N PRO B 131 15.01 17.01 2.62
CA PRO B 131 14.13 17.17 1.46
C PRO B 131 14.70 16.49 0.24
N ILE B 132 13.80 16.01 -0.61
CA ILE B 132 14.17 15.24 -1.79
C ILE B 132 14.10 16.15 -3.01
N ASN B 133 15.17 16.18 -3.77
CA ASN B 133 15.22 16.90 -5.04
C ASN B 133 14.84 15.94 -6.15
N VAL B 134 13.63 16.09 -6.68
CA VAL B 134 13.06 15.11 -7.60
C VAL B 134 13.32 15.50 -9.05
N LEU B 135 14.10 16.57 -9.26
CA LEU B 135 14.22 17.14 -10.59
C LEU B 135 14.73 16.12 -11.60
N TYR B 136 15.73 15.32 -11.23
CA TYR B 136 16.32 14.35 -12.14
C TYR B 136 16.02 12.91 -11.74
N PHE B 137 14.91 12.68 -11.05
CA PHE B 137 14.54 11.32 -10.67
C PHE B 137 14.35 10.46 -11.92
N PRO B 138 14.81 9.20 -11.93
CA PRO B 138 15.53 8.46 -10.89
C PRO B 138 17.04 8.50 -11.03
N PHE B 139 17.56 9.48 -11.76
CA PHE B 139 19.00 9.68 -11.92
C PHE B 139 19.50 10.77 -11.00
N ASP B 140 18.91 10.89 -9.83
CA ASP B 140 19.14 12.01 -8.93
C ASP B 140 20.15 11.66 -7.84
N TRP B 141 20.74 12.70 -7.28
CA TRP B 141 21.56 12.60 -6.09
C TRP B 141 20.99 13.52 -5.02
N GLN B 142 20.97 13.05 -3.79
CA GLN B 142 20.42 13.81 -2.69
C GLN B 142 21.53 14.35 -1.81
N ASN B 143 21.18 15.36 -1.01
CA ASN B 143 22.11 16.03 -0.11
C ASN B 143 21.41 16.05 1.24
N CYS B 144 21.52 14.94 1.98
CA CYS B 144 20.86 14.80 3.26
C CYS B 144 21.82 15.19 4.38
N SER B 145 21.25 15.69 5.47
CA SER B 145 22.03 16.35 6.51
C SER B 145 21.62 15.84 7.88
N LEU B 146 22.59 15.79 8.78
CA LEU B 146 22.35 15.46 10.18
C LEU B 146 22.86 16.63 11.00
N LYS B 147 21.97 17.34 11.67
CA LYS B 147 22.31 18.56 12.38
C LYS B 147 22.24 18.29 13.88
N PHE B 148 23.35 18.50 14.57
CA PHE B 148 23.46 18.24 16.00
C PHE B 148 23.65 19.56 16.74
N THR B 149 22.87 19.76 17.79
CA THR B 149 22.94 20.97 18.58
C THR B 149 23.04 20.62 20.06
N ALA B 150 23.59 21.54 20.84
CA ALA B 150 23.67 21.40 22.29
C ALA B 150 22.62 22.32 22.89
N LEU B 151 21.47 21.74 23.24
CA LEU B 151 20.33 22.51 23.74
C LEU B 151 20.34 22.68 25.24
N ASN B 152 21.26 22.05 25.95
CA ASN B 152 21.30 22.14 27.41
C ASN B 152 22.16 23.29 27.90
N TYR B 153 23.07 23.78 27.07
CA TYR B 153 23.96 24.88 27.46
C TYR B 153 24.15 25.80 26.28
N ASP B 154 24.38 27.08 26.57
CA ASP B 154 24.65 28.04 25.51
C ASP B 154 26.13 28.01 25.13
N ALA B 155 26.48 28.75 24.09
CA ALA B 155 27.84 28.71 23.57
C ALA B 155 28.86 29.28 24.55
N ASN B 156 28.43 30.12 25.49
CA ASN B 156 29.35 30.62 26.49
C ASN B 156 29.73 29.57 27.52
N GLU B 157 29.03 28.44 27.55
CA GLU B 157 29.24 27.40 28.54
C GLU B 157 29.91 26.15 27.99
N ILE B 158 29.49 25.68 26.83
CA ILE B 158 30.14 24.55 26.16
C ILE B 158 30.29 24.88 24.68
N THR B 159 31.43 24.49 24.13
CA THR B 159 31.72 24.68 22.71
C THR B 159 31.86 23.33 22.03
N MET B 160 31.06 23.10 21.00
CA MET B 160 31.19 21.89 20.21
C MET B 160 32.30 22.07 19.19
N ASP B 161 33.03 20.98 18.92
CA ASP B 161 34.11 21.03 17.95
C ASP B 161 34.18 19.69 17.24
N LEU B 162 34.74 19.72 16.04
CA LEU B 162 35.07 18.48 15.36
C LEU B 162 36.26 17.83 16.03
N MET B 163 36.22 16.51 16.18
CA MET B 163 37.32 15.80 16.81
C MET B 163 38.56 15.89 15.94
N THR B 164 39.72 15.80 16.59
CA THR B 164 40.99 15.94 15.89
C THR B 164 41.77 14.63 15.97
N ASP B 165 42.60 14.41 14.95
CA ASP B 165 43.41 13.20 14.85
C ASP B 165 44.79 13.59 14.35
N THR B 166 45.77 12.74 14.63
CA THR B 166 47.16 13.00 14.31
C THR B 166 47.70 11.92 13.39
N ILE B 167 48.56 12.32 12.44
CA ILE B 167 49.21 11.38 11.54
C ILE B 167 50.71 11.38 11.78
N ASP B 168 51.35 12.55 11.65
CA ASP B 168 52.79 12.68 11.75
C ASP B 168 53.16 13.82 12.68
N GLY B 169 52.51 13.87 13.84
CA GLY B 169 52.80 14.87 14.83
C GLY B 169 52.00 16.15 14.73
N LYS B 170 51.19 16.31 13.69
CA LYS B 170 50.32 17.46 13.55
C LYS B 170 48.87 17.00 13.60
N ASP B 171 48.08 17.64 14.44
CA ASP B 171 46.67 17.30 14.58
C ASP B 171 45.85 18.07 13.55
N TYR B 172 44.84 17.41 13.00
CA TYR B 172 43.92 18.02 12.05
C TYR B 172 42.50 17.69 12.47
N PRO B 173 41.55 18.56 12.17
CA PRO B 173 40.15 18.24 12.45
C PRO B 173 39.65 17.15 11.53
N ILE B 174 38.78 16.30 12.08
CA ILE B 174 38.12 15.25 11.30
C ILE B 174 36.88 15.90 10.68
N GLU B 175 37.02 16.37 9.44
CA GLU B 175 35.97 17.09 8.75
C GLU B 175 35.13 16.18 7.86
N TRP B 176 34.96 14.92 8.26
CA TRP B 176 34.21 13.98 7.45
C TRP B 176 33.53 12.96 8.36
N ILE B 177 32.48 12.34 7.85
CA ILE B 177 31.89 11.20 8.53
C ILE B 177 32.83 10.01 8.38
N ILE B 178 33.12 9.34 9.49
CA ILE B 178 34.03 8.22 9.46
C ILE B 178 33.27 6.98 9.01
N ILE B 179 33.75 6.36 7.94
CA ILE B 179 33.19 5.10 7.44
C ILE B 179 34.31 4.07 7.41
N ASP B 180 34.09 2.96 8.10
CA ASP B 180 35.09 1.89 8.12
C ASP B 180 35.02 1.14 6.81
N PRO B 181 36.08 1.16 5.99
CA PRO B 181 35.98 0.52 4.66
C PRO B 181 35.68 -0.96 4.73
N GLU B 182 36.03 -1.63 5.82
CA GLU B 182 35.80 -3.06 5.90
C GLU B 182 34.38 -3.38 6.36
N ALA B 183 33.96 -2.83 7.50
CA ALA B 183 32.69 -3.22 8.08
C ALA B 183 31.51 -2.67 7.29
N PHE B 184 31.67 -1.52 6.63
CA PHE B 184 30.55 -0.87 5.98
C PHE B 184 30.08 -1.67 4.78
N THR B 185 28.77 -1.91 4.70
CA THR B 185 28.15 -2.57 3.57
C THR B 185 27.39 -1.53 2.76
N GLU B 186 27.67 -1.46 1.46
CA GLU B 186 27.05 -0.45 0.62
C GLU B 186 25.54 -0.65 0.57
N ASN B 187 24.81 0.47 0.61
CA ASN B 187 23.36 0.41 0.60
C ASN B 187 22.86 -0.13 -0.73
N GLY B 188 21.69 -0.77 -0.69
CA GLY B 188 21.16 -1.40 -1.88
C GLY B 188 20.86 -0.43 -3.00
N GLU B 189 20.46 0.80 -2.67
CA GLU B 189 20.06 1.77 -3.67
C GLU B 189 20.98 2.97 -3.76
N TRP B 190 21.69 3.32 -2.69
CA TRP B 190 22.42 4.58 -2.63
C TRP B 190 23.91 4.37 -2.51
N GLU B 191 24.67 5.19 -3.23
CA GLU B 191 26.12 5.22 -3.18
C GLU B 191 26.55 6.55 -2.59
N ILE B 192 27.42 6.50 -1.58
CA ILE B 192 27.88 7.72 -0.92
C ILE B 192 29.00 8.34 -1.74
N ILE B 193 28.82 9.61 -2.11
CA ILE B 193 29.82 10.33 -2.90
C ILE B 193 30.68 11.23 -2.02
N HIS B 194 30.04 12.09 -1.23
CA HIS B 194 30.74 12.99 -0.33
C HIS B 194 30.14 12.87 1.06
N LYS B 195 30.96 13.15 2.06
CA LYS B 195 30.51 13.10 3.46
C LYS B 195 31.28 14.14 4.27
N PRO B 196 31.00 15.41 4.05
CA PRO B 196 31.68 16.46 4.82
C PRO B 196 31.10 16.60 6.21
N ALA B 197 31.88 17.25 7.07
CA ALA B 197 31.43 17.66 8.40
C ALA B 197 31.83 19.10 8.63
N LYS B 198 30.94 19.87 9.23
CA LYS B 198 31.20 21.29 9.41
C LYS B 198 30.69 21.73 10.78
N LYS B 199 31.44 22.62 11.42
CA LYS B 199 30.98 23.31 12.62
C LYS B 199 30.45 24.67 12.19
N ASN B 200 29.16 24.91 12.43
CA ASN B 200 28.49 26.08 11.94
C ASN B 200 28.27 27.09 13.07
N ILE B 201 28.73 28.31 12.85
CA ILE B 201 28.41 29.44 13.72
C ILE B 201 27.38 30.29 13.01
N TYR B 202 26.45 30.86 13.78
CA TYR B 202 25.40 31.74 13.24
C TYR B 202 25.56 33.10 13.89
N PRO B 203 26.27 34.03 13.24
CA PRO B 203 26.57 35.31 13.88
C PRO B 203 25.35 36.19 14.13
N ASP B 204 24.23 35.94 13.45
CA ASP B 204 23.04 36.74 13.72
C ASP B 204 22.39 36.39 15.05
N LYS B 205 22.80 35.29 15.68
CA LYS B 205 22.30 34.92 16.99
C LYS B 205 23.25 35.47 18.05
N PHE B 206 23.08 35.04 19.29
CA PHE B 206 23.94 35.50 20.37
C PHE B 206 24.57 34.30 21.07
N PRO B 207 25.80 34.46 21.57
CA PRO B 207 26.47 33.34 22.24
C PRO B 207 25.72 32.81 23.46
N ASN B 208 24.95 33.65 24.13
CA ASN B 208 24.19 33.20 25.30
C ASN B 208 22.86 32.59 24.89
N GLY B 209 22.92 31.66 23.95
CA GLY B 209 21.73 30.98 23.46
C GLY B 209 22.09 29.62 22.94
N THR B 210 21.07 28.79 22.77
CA THR B 210 21.27 27.42 22.30
C THR B 210 21.15 27.29 20.79
N ASN B 211 20.86 28.38 20.08
CA ASN B 211 20.72 28.35 18.63
C ASN B 211 21.88 29.05 17.94
N TYR B 212 23.03 29.14 18.63
CA TYR B 212 24.19 29.82 18.09
C TYR B 212 25.22 28.88 17.49
N GLN B 213 25.35 27.67 18.05
CA GLN B 213 26.34 26.70 17.61
C GLN B 213 25.68 25.57 16.84
N ASP B 214 26.50 24.79 16.16
CA ASP B 214 26.00 23.68 15.37
C ASP B 214 27.17 22.83 14.89
N VAL B 215 26.94 21.52 14.83
CA VAL B 215 27.83 20.60 14.15
C VAL B 215 26.98 19.76 13.22
N THR B 216 27.26 19.85 11.92
CA THR B 216 26.43 19.24 10.89
C THR B 216 27.26 18.24 10.09
N PHE B 217 26.68 17.08 9.82
CA PHE B 217 27.31 16.06 9.00
C PHE B 217 26.45 15.86 7.76
N TYR B 218 27.07 16.00 6.58
CA TYR B 218 26.35 15.97 5.32
C TYR B 218 26.65 14.66 4.59
N LEU B 219 25.65 14.14 3.89
CA LEU B 219 25.78 12.93 3.09
C LEU B 219 25.30 13.23 1.68
N ILE B 220 26.23 13.39 0.75
CA ILE B 220 25.91 13.51 -0.66
C ILE B 220 25.91 12.10 -1.23
N ILE B 221 24.72 11.57 -1.51
CA ILE B 221 24.55 10.20 -1.97
C ILE B 221 23.87 10.22 -3.33
N ARG B 222 24.28 9.30 -4.19
CA ARG B 222 23.75 9.19 -5.54
C ARG B 222 22.95 7.90 -5.68
N ARG B 223 21.73 8.02 -6.19
CA ARG B 223 20.92 6.84 -6.42
C ARG B 223 21.53 5.97 -7.51
N LYS B 224 21.40 4.66 -7.34
CA LYS B 224 21.84 3.72 -8.36
C LYS B 224 20.65 3.41 -9.25
N PRO B 225 20.59 3.93 -10.47
CA PRO B 225 19.39 3.78 -11.31
C PRO B 225 19.42 2.50 -12.15
N LEU B 226 19.10 1.39 -11.51
CA LEU B 226 19.01 0.11 -12.20
C LEU B 226 17.63 -0.51 -12.08
N PHE B 227 17.02 -0.45 -10.90
CA PHE B 227 15.66 -0.93 -10.76
C PHE B 227 14.71 -0.17 -11.67
N TYR B 228 14.85 1.16 -11.71
CA TYR B 228 13.93 1.97 -12.51
C TYR B 228 14.23 1.87 -13.99
N VAL B 229 15.51 1.76 -14.35
CA VAL B 229 15.86 1.57 -15.76
C VAL B 229 15.29 0.27 -16.28
N ILE B 230 15.38 -0.80 -15.49
CA ILE B 230 14.91 -2.10 -15.95
C ILE B 230 13.40 -2.18 -15.94
N ASN B 231 12.75 -1.78 -14.84
CA ASN B 231 11.33 -2.01 -14.68
C ASN B 231 10.46 -0.87 -15.18
N PHE B 232 10.99 0.34 -15.30
CA PHE B 232 10.17 1.50 -15.61
C PHE B 232 10.53 2.15 -16.94
N ILE B 233 11.81 2.39 -17.19
CA ILE B 233 12.18 3.27 -18.29
C ILE B 233 12.15 2.55 -19.63
N THR B 234 12.89 1.44 -19.74
CA THR B 234 12.95 0.76 -21.03
C THR B 234 11.61 0.19 -21.50
N PRO B 235 10.78 -0.45 -20.67
CA PRO B 235 9.49 -0.91 -21.22
C PRO B 235 8.61 0.24 -21.66
N CYS B 236 8.61 1.35 -20.91
CA CYS B 236 7.83 2.50 -21.33
C CYS B 236 8.34 3.06 -22.65
N VAL B 237 9.67 3.12 -22.82
CA VAL B 237 10.23 3.65 -24.05
C VAL B 237 9.84 2.78 -25.23
N LEU B 238 9.97 1.46 -25.09
CA LEU B 238 9.66 0.56 -26.20
C LEU B 238 8.18 0.60 -26.53
N ILE B 239 7.31 0.54 -25.51
CA ILE B 239 5.88 0.58 -25.76
C ILE B 239 5.48 1.91 -26.40
N SER B 240 6.12 3.00 -26.00
CA SER B 240 5.82 4.31 -26.59
C SER B 240 6.23 4.35 -28.06
N PHE B 241 7.44 3.88 -28.37
CA PHE B 241 7.87 3.83 -29.77
C PHE B 241 6.96 2.92 -30.60
N LEU B 242 6.30 1.97 -29.96
CA LEU B 242 5.34 1.15 -30.71
C LEU B 242 4.22 1.98 -31.33
N ALA B 243 3.96 3.18 -30.83
CA ALA B 243 2.89 4.00 -31.40
C ALA B 243 3.23 4.51 -32.79
N SER B 244 4.52 4.62 -33.11
CA SER B 244 4.92 5.05 -34.44
C SER B 244 4.58 4.03 -35.51
N LEU B 245 4.38 2.77 -35.14
CA LEU B 245 4.00 1.75 -36.10
C LEU B 245 2.57 1.90 -36.58
N ALA B 246 1.74 2.65 -35.85
CA ALA B 246 0.38 2.90 -36.31
C ALA B 246 0.37 3.59 -37.67
N PHE B 247 1.42 4.35 -37.97
CA PHE B 247 1.50 5.02 -39.26
C PHE B 247 1.88 4.06 -40.38
N TYR B 248 2.69 3.06 -40.07
CA TYR B 248 3.05 2.04 -41.04
C TYR B 248 2.01 0.95 -41.18
N LEU B 249 0.97 1.00 -40.35
CA LEU B 249 -0.08 -0.01 -40.39
C LEU B 249 -1.16 0.44 -41.36
N PRO B 250 -1.47 -0.33 -42.41
CA PRO B 250 -2.39 0.15 -43.43
C PRO B 250 -3.81 0.34 -42.88
N ALA B 251 -4.51 1.32 -43.46
CA ALA B 251 -5.86 1.64 -43.01
C ALA B 251 -6.85 0.53 -43.35
N GLU B 252 -6.56 -0.27 -44.37
CA GLU B 252 -7.44 -1.39 -44.69
C GLU B 252 -7.53 -2.36 -43.53
N SER B 253 -6.41 -2.67 -42.90
CA SER B 253 -6.40 -3.42 -41.65
C SER B 253 -6.86 -2.49 -40.53
N GLY B 254 -8.13 -2.60 -40.16
CA GLY B 254 -8.72 -1.65 -39.25
C GLY B 254 -8.22 -1.75 -37.83
N GLU B 255 -6.92 -1.53 -37.64
CA GLU B 255 -6.34 -1.66 -36.30
C GLU B 255 -5.32 -0.57 -35.97
N LYS B 256 -5.32 0.54 -36.70
CA LYS B 256 -4.47 1.67 -36.33
C LYS B 256 -4.85 2.22 -34.97
N MET B 257 -6.13 2.52 -34.79
CA MET B 257 -6.59 3.13 -33.56
C MET B 257 -6.39 2.18 -32.39
N SER B 258 -6.67 0.89 -32.57
CA SER B 258 -6.48 -0.07 -31.49
C SER B 258 -5.04 -0.06 -31.00
N THR B 259 -4.09 -0.10 -31.93
CA THR B 259 -2.68 -0.08 -31.55
C THR B 259 -2.32 1.18 -30.78
N ALA B 260 -2.66 2.35 -31.34
CA ALA B 260 -2.24 3.59 -30.71
C ALA B 260 -2.89 3.76 -29.33
N ILE B 261 -4.20 3.46 -29.23
CA ILE B 261 -4.90 3.67 -27.96
C ILE B 261 -4.43 2.67 -26.91
N SER B 262 -4.13 1.43 -27.30
CA SER B 262 -3.61 0.48 -26.33
C SER B 262 -2.21 0.88 -25.86
N VAL B 263 -1.42 1.48 -26.75
CA VAL B 263 -0.15 2.06 -26.31
C VAL B 263 -0.40 3.14 -25.26
N LEU B 264 -1.40 3.99 -25.50
CA LEU B 264 -1.73 5.02 -24.51
C LEU B 264 -2.16 4.39 -23.19
N LEU B 265 -2.90 3.28 -23.25
CA LEU B 265 -3.33 2.61 -22.02
C LEU B 265 -2.13 2.07 -21.24
N ALA B 266 -1.17 1.47 -21.94
CA ALA B 266 0.03 0.99 -21.28
C ALA B 266 0.80 2.15 -20.64
N GLN B 267 0.87 3.28 -21.34
CA GLN B 267 1.52 4.45 -20.75
C GLN B 267 0.78 4.95 -19.52
N ALA B 268 -0.55 4.85 -19.52
CA ALA B 268 -1.31 5.22 -18.32
C ALA B 268 -0.98 4.29 -17.16
N VAL B 269 -0.82 3.00 -17.44
CA VAL B 269 -0.41 2.06 -16.40
C VAL B 269 0.96 2.44 -15.84
N PHE B 270 1.88 2.82 -16.72
CA PHE B 270 3.19 3.24 -16.24
C PHE B 270 3.10 4.51 -15.41
N LEU B 271 2.20 5.41 -15.77
CA LEU B 271 1.97 6.61 -14.96
C LEU B 271 1.46 6.23 -13.58
N LEU B 272 0.54 5.26 -13.51
CA LEU B 272 0.06 4.78 -12.23
C LEU B 272 1.19 4.21 -11.39
N LEU B 273 2.08 3.43 -12.02
CA LEU B 273 3.23 2.89 -11.30
C LEU B 273 4.14 4.00 -10.78
N THR B 274 4.38 5.02 -11.61
CA THR B 274 5.33 6.06 -11.25
C THR B 274 4.80 6.97 -10.16
N SER B 275 3.49 7.24 -10.16
CA SER B 275 2.92 8.19 -9.20
C SER B 275 3.16 7.75 -7.76
N GLN B 276 3.30 6.45 -7.52
CA GLN B 276 3.46 5.92 -6.18
C GLN B 276 4.89 5.99 -5.67
N ARG B 277 5.86 6.26 -6.54
CA ARG B 277 7.26 6.18 -6.17
C ARG B 277 7.83 7.50 -5.65
N LEU B 278 7.08 8.59 -5.71
CA LEU B 278 7.63 9.91 -5.49
C LEU B 278 6.83 10.68 -4.46
N PRO B 279 7.45 11.61 -3.75
CA PRO B 279 6.70 12.46 -2.82
C PRO B 279 5.83 13.46 -3.57
N GLU B 280 5.01 14.16 -2.80
CA GLU B 280 4.01 15.07 -3.35
C GLU B 280 4.55 16.48 -3.57
N THR B 281 5.85 16.69 -3.38
CA THR B 281 6.42 18.02 -3.45
C THR B 281 6.21 18.63 -4.83
N ALA B 282 6.37 19.96 -4.90
CA ALA B 282 6.10 20.70 -6.12
C ALA B 282 7.22 21.67 -6.47
N LEU B 283 8.45 21.41 -6.05
CA LEU B 283 9.56 22.22 -6.51
C LEU B 283 9.76 22.09 -8.01
N ALA B 284 9.64 20.87 -8.53
CA ALA B 284 9.85 20.62 -9.95
C ALA B 284 9.13 19.33 -10.34
N VAL B 285 8.98 19.14 -11.64
CA VAL B 285 8.46 17.89 -12.16
C VAL B 285 9.60 16.88 -12.26
N PRO B 286 9.44 15.66 -11.75
CA PRO B 286 10.50 14.67 -11.89
C PRO B 286 10.75 14.32 -13.35
N LEU B 287 11.99 13.92 -13.63
CA LEU B 287 12.39 13.64 -15.01
C LEU B 287 11.50 12.57 -15.64
N ILE B 288 11.25 11.48 -14.91
CA ILE B 288 10.39 10.43 -15.44
C ILE B 288 8.96 10.95 -15.63
N GLY B 289 8.53 11.85 -14.74
CA GLY B 289 7.25 12.50 -14.94
C GLY B 289 7.22 13.39 -16.16
N LYS B 290 8.32 14.13 -16.40
CA LYS B 290 8.42 14.92 -17.62
C LYS B 290 8.31 14.04 -18.84
N TYR B 291 9.03 12.91 -18.85
CA TYR B 291 8.99 12.03 -20.01
C TYR B 291 7.62 11.42 -20.21
N LEU B 292 6.97 11.01 -19.12
CA LEU B 292 5.63 10.47 -19.24
C LEU B 292 4.67 11.50 -19.80
N MET B 293 4.77 12.74 -19.35
CA MET B 293 3.91 13.80 -19.88
C MET B 293 4.15 14.00 -21.37
N PHE B 294 5.43 14.11 -21.76
CA PHE B 294 5.78 14.34 -23.15
C PHE B 294 5.30 13.20 -24.04
N ILE B 295 5.51 11.96 -23.61
CA ILE B 295 5.21 10.83 -24.46
C ILE B 295 3.71 10.55 -24.50
N MET B 296 2.99 10.84 -23.41
CA MET B 296 1.54 10.72 -23.47
C MET B 296 0.94 11.77 -24.37
N SER B 297 1.46 13.00 -24.33
CA SER B 297 1.00 14.02 -25.26
C SER B 297 1.28 13.60 -26.69
N LEU B 298 2.45 13.02 -26.92
CA LEU B 298 2.81 12.65 -28.29
C LEU B 298 1.98 11.46 -28.79
N VAL B 299 1.68 10.50 -27.91
CA VAL B 299 0.82 9.39 -28.30
C VAL B 299 -0.61 9.88 -28.55
N THR B 300 -1.08 10.86 -27.78
CA THR B 300 -2.37 11.46 -28.08
C THR B 300 -2.36 12.14 -29.44
N GLY B 301 -1.26 12.82 -29.77
CA GLY B 301 -1.13 13.38 -31.11
C GLY B 301 -1.15 12.32 -32.18
N VAL B 302 -0.50 11.19 -31.92
CA VAL B 302 -0.50 10.08 -32.88
C VAL B 302 -1.92 9.55 -33.08
N ILE B 303 -2.67 9.42 -31.99
CA ILE B 303 -4.05 8.94 -32.09
C ILE B 303 -4.89 9.92 -32.89
N VAL B 304 -4.74 11.21 -32.61
CA VAL B 304 -5.52 12.22 -33.34
C VAL B 304 -5.19 12.17 -34.82
N ASN B 305 -3.91 12.04 -35.16
CA ASN B 305 -3.52 12.05 -36.57
C ASN B 305 -3.94 10.76 -37.26
N CYS B 306 -3.94 9.63 -36.55
CA CYS B 306 -4.50 8.40 -37.11
C CYS B 306 -5.98 8.55 -37.38
N GLY B 307 -6.70 9.20 -36.47
CA GLY B 307 -8.12 9.47 -36.71
C GLY B 307 -8.33 10.34 -37.93
N ILE B 308 -7.50 11.35 -38.10
CA ILE B 308 -7.59 12.21 -39.28
C ILE B 308 -7.34 11.39 -40.55
N VAL B 309 -6.33 10.51 -40.50
CA VAL B 309 -6.03 9.69 -41.66
C VAL B 309 -7.19 8.77 -42.00
N LEU B 310 -7.80 8.16 -40.99
CA LEU B 310 -8.95 7.30 -41.24
C LEU B 310 -10.13 8.09 -41.79
N ASN B 311 -10.30 9.33 -41.31
CA ASN B 311 -11.33 10.18 -41.88
C ASN B 311 -11.08 10.43 -43.36
N PHE B 312 -9.83 10.67 -43.73
CA PHE B 312 -9.51 10.90 -45.14
C PHE B 312 -9.67 9.64 -45.98
N HIS B 313 -9.32 8.49 -45.42
CA HIS B 313 -9.30 7.25 -46.18
C HIS B 313 -10.70 6.82 -46.59
N PHE B 314 -11.71 7.12 -45.78
CA PHE B 314 -13.06 6.60 -46.00
C PHE B 314 -13.98 7.59 -46.67
N ARG B 315 -13.46 8.70 -47.22
CA ARG B 315 -14.30 9.60 -47.97
C ARG B 315 -14.68 9.00 -49.30
N THR B 316 -15.87 9.35 -49.76
CA THR B 316 -16.44 8.82 -50.99
C THR B 316 -17.00 9.97 -51.82
N PRO B 317 -17.15 9.78 -53.12
CA PRO B 317 -17.74 10.84 -53.96
C PRO B 317 -19.16 11.20 -53.56
N SER B 318 -19.87 10.31 -52.88
CA SER B 318 -21.24 10.60 -52.48
C SER B 318 -21.32 11.48 -51.24
N THR B 319 -20.22 11.72 -50.54
CA THR B 319 -20.21 12.59 -49.38
C THR B 319 -19.15 13.67 -49.39
N HIS B 320 -18.09 13.54 -50.20
CA HIS B 320 -17.02 14.52 -50.22
C HIS B 320 -16.60 14.80 -51.66
N VAL B 321 -15.99 15.96 -51.85
CA VAL B 321 -15.48 16.40 -53.14
C VAL B 321 -13.97 16.45 -53.06
N LEU B 322 -13.29 15.78 -53.99
CA LEU B 322 -11.83 15.76 -54.02
C LEU B 322 -11.36 16.94 -54.86
N SER B 323 -11.04 18.03 -54.18
CA SER B 323 -10.67 19.27 -54.86
C SER B 323 -9.32 19.13 -55.54
N THR B 324 -9.09 19.98 -56.53
CA THR B 324 -7.83 19.95 -57.28
C THR B 324 -6.65 20.32 -56.39
N ARG B 325 -6.85 21.23 -55.45
CA ARG B 325 -5.77 21.61 -54.54
C ARG B 325 -5.27 20.41 -53.75
N VAL B 326 -6.20 19.62 -53.20
CA VAL B 326 -5.82 18.42 -52.44
C VAL B 326 -5.10 17.43 -53.35
N LYS B 327 -5.59 17.26 -54.57
CA LYS B 327 -4.95 16.33 -55.49
C LYS B 327 -3.51 16.75 -55.78
N GLN B 328 -3.29 18.03 -56.06
CA GLN B 328 -1.93 18.50 -56.32
C GLN B 328 -1.05 18.34 -55.09
N ILE B 329 -1.56 18.68 -53.91
CA ILE B 329 -0.73 18.68 -52.71
C ILE B 329 -0.36 17.26 -52.32
N PHE B 330 -1.33 16.34 -52.32
CA PHE B 330 -1.13 15.02 -51.73
C PHE B 330 -0.91 13.91 -52.74
N LEU B 331 -1.00 14.20 -54.04
CA LEU B 331 -0.80 13.18 -55.06
C LEU B 331 0.36 13.46 -55.98
N GLU B 332 0.83 14.70 -56.06
CA GLU B 332 1.94 15.07 -56.93
C GLU B 332 3.13 15.60 -56.14
N LYS B 333 2.92 16.56 -55.24
CA LYS B 333 4.04 17.22 -54.59
C LYS B 333 4.61 16.38 -53.45
N LEU B 334 3.79 16.08 -52.45
CA LEU B 334 4.30 15.35 -51.28
C LEU B 334 4.81 13.95 -51.60
N PRO B 335 4.12 13.10 -52.35
CA PRO B 335 4.70 11.79 -52.66
C PRO B 335 6.04 11.87 -53.36
N ARG B 336 6.24 12.89 -54.21
CA ARG B 336 7.55 13.10 -54.80
C ARG B 336 8.56 13.53 -53.75
N ILE B 337 8.18 14.42 -52.84
CA ILE B 337 9.10 14.89 -51.81
C ILE B 337 9.50 13.75 -50.90
N LEU B 338 8.53 12.94 -50.46
CA LEU B 338 8.77 11.89 -49.48
C LEU B 338 9.34 10.62 -50.09
N HIS B 339 9.65 10.63 -51.39
CA HIS B 339 10.23 9.47 -52.08
C HIS B 339 9.34 8.25 -51.94
N MET B 340 8.03 8.46 -52.03
CA MET B 340 7.08 7.36 -51.90
C MET B 340 7.09 6.51 -53.16
N SER B 341 6.73 5.24 -53.01
CA SER B 341 6.69 4.31 -54.13
C SER B 341 5.66 4.72 -55.17
N HIS B 416 -39.08 -5.93 -84.36
CA HIS B 416 -37.88 -6.32 -83.63
C HIS B 416 -37.72 -5.49 -82.36
N ASP B 417 -38.78 -5.45 -81.55
CA ASP B 417 -38.71 -4.74 -80.28
C ASP B 417 -37.89 -5.50 -79.25
N GLU B 418 -37.85 -6.83 -79.36
CA GLU B 418 -37.12 -7.64 -78.38
C GLU B 418 -35.63 -7.34 -78.40
N ILE B 419 -35.04 -7.26 -79.60
CA ILE B 419 -33.61 -6.98 -79.67
C ILE B 419 -33.33 -5.55 -79.24
N LYS B 420 -34.24 -4.62 -79.52
CA LYS B 420 -34.06 -3.26 -79.04
C LYS B 420 -34.06 -3.22 -77.52
N SER B 421 -34.96 -3.97 -76.88
CA SER B 421 -34.97 -4.03 -75.42
C SER B 421 -33.68 -4.62 -74.89
N GLY B 422 -33.19 -5.68 -75.54
CA GLY B 422 -31.92 -6.25 -75.12
C GLY B 422 -30.76 -5.28 -75.23
N ILE B 423 -30.72 -4.52 -76.34
CA ILE B 423 -29.67 -3.53 -76.53
C ILE B 423 -29.76 -2.44 -75.48
N ASP B 424 -30.98 -1.99 -75.17
CA ASP B 424 -31.13 -0.98 -74.13
C ASP B 424 -30.67 -1.50 -72.78
N SER B 425 -31.00 -2.76 -72.46
CA SER B 425 -30.57 -3.33 -71.19
C SER B 425 -29.06 -3.42 -71.09
N THR B 426 -28.40 -3.87 -72.15
CA THR B 426 -26.93 -3.99 -72.07
C THR B 426 -26.27 -2.61 -72.03
N ASN B 427 -26.84 -1.63 -72.72
CA ASN B 427 -26.33 -0.27 -72.61
C ASN B 427 -26.45 0.26 -71.19
N TYR B 428 -27.58 0.00 -70.54
CA TYR B 428 -27.76 0.39 -69.14
C TYR B 428 -26.73 -0.28 -68.25
N ILE B 429 -26.49 -1.58 -68.46
CA ILE B 429 -25.52 -2.30 -67.65
C ILE B 429 -24.13 -1.68 -67.81
N VAL B 430 -23.76 -1.36 -69.05
CA VAL B 430 -22.45 -0.75 -69.29
C VAL B 430 -22.34 0.60 -68.59
N LYS B 431 -23.41 1.40 -68.67
CA LYS B 431 -23.39 2.70 -67.99
C LYS B 431 -23.20 2.54 -66.49
N GLN B 432 -23.93 1.60 -65.89
CA GLN B 432 -23.80 1.39 -64.44
C GLN B 432 -22.38 0.96 -64.07
N ILE B 433 -21.80 0.06 -64.87
CA ILE B 433 -20.45 -0.41 -64.56
C ILE B 433 -19.44 0.71 -64.71
N LYS B 434 -19.60 1.58 -65.71
CA LYS B 434 -18.70 2.72 -65.85
C LYS B 434 -18.80 3.66 -64.66
N GLU B 435 -20.02 3.94 -64.20
CA GLU B 435 -20.18 4.80 -63.03
C GLU B 435 -19.53 4.18 -61.80
N LYS B 436 -19.71 2.87 -61.61
CA LYS B 436 -19.09 2.19 -60.48
C LYS B 436 -17.56 2.26 -60.57
N ASN B 437 -17.01 2.13 -61.77
CA ASN B 437 -15.56 2.22 -61.93
C ASN B 437 -15.05 3.60 -61.58
N ALA B 438 -15.75 4.65 -62.01
CA ALA B 438 -15.34 6.00 -61.65
C ALA B 438 -15.40 6.22 -60.14
N TYR B 439 -16.47 5.74 -59.51
CA TYR B 439 -16.58 5.79 -58.06
C TYR B 439 -15.38 5.12 -57.39
N ASP B 440 -15.04 3.91 -57.86
CA ASP B 440 -13.96 3.16 -57.25
C ASP B 440 -12.62 3.87 -57.42
N GLU B 441 -12.37 4.45 -58.60
CA GLU B 441 -11.08 5.09 -58.80
C GLU B 441 -10.96 6.35 -57.95
N GLU B 442 -12.05 7.08 -57.75
CA GLU B 442 -11.94 8.24 -56.86
C GLU B 442 -11.78 7.81 -55.40
N VAL B 443 -12.41 6.70 -55.01
CA VAL B 443 -12.16 6.18 -53.66
C VAL B 443 -10.70 5.78 -53.50
N GLY B 444 -10.11 5.17 -54.52
CA GLY B 444 -8.69 4.86 -54.48
C GLY B 444 -7.83 6.10 -54.39
N ASN B 445 -8.26 7.19 -55.03
CA ASN B 445 -7.55 8.46 -54.88
C ASN B 445 -7.57 8.92 -53.43
N TRP B 446 -8.72 8.81 -52.77
CA TRP B 446 -8.79 9.14 -51.35
C TRP B 446 -7.84 8.25 -50.54
N ASN B 447 -7.77 6.98 -50.90
CA ASN B 447 -6.85 6.06 -50.20
C ASN B 447 -5.40 6.51 -50.36
N LEU B 448 -5.02 6.94 -51.57
CA LEU B 448 -3.66 7.43 -51.78
C LEU B 448 -3.39 8.67 -50.95
N VAL B 449 -4.38 9.57 -50.84
CA VAL B 449 -4.21 10.75 -50.00
C VAL B 449 -3.96 10.34 -48.55
N GLY B 450 -4.73 9.38 -48.05
CA GLY B 450 -4.51 8.90 -46.69
C GLY B 450 -3.13 8.30 -46.50
N GLN B 451 -2.65 7.55 -47.49
CA GLN B 451 -1.31 6.96 -47.40
C GLN B 451 -0.25 8.06 -47.35
N THR B 452 -0.41 9.10 -48.17
CA THR B 452 0.54 10.21 -48.14
C THR B 452 0.56 10.88 -46.78
N ILE B 453 -0.63 11.09 -46.18
CA ILE B 453 -0.66 11.72 -44.87
C ILE B 453 0.00 10.83 -43.82
N ASP B 454 -0.20 9.52 -43.92
CA ASP B 454 0.54 8.60 -43.03
C ASP B 454 2.04 8.77 -43.16
N ARG B 455 2.54 8.79 -44.39
CA ARG B 455 3.99 8.89 -44.58
C ARG B 455 4.52 10.21 -44.01
N LEU B 456 3.81 11.31 -44.27
CA LEU B 456 4.24 12.60 -43.73
C LEU B 456 4.21 12.58 -42.21
N SER B 457 3.16 11.99 -41.63
CA SER B 457 3.05 11.92 -40.18
C SER B 457 4.19 11.13 -39.56
N MET B 458 4.52 9.99 -40.15
CA MET B 458 5.64 9.20 -39.64
C MET B 458 6.93 10.00 -39.71
N PHE B 459 7.22 10.56 -40.89
CA PHE B 459 8.47 11.31 -41.06
C PHE B 459 8.54 12.51 -40.14
N ILE B 460 7.40 13.03 -39.68
CA ILE B 460 7.44 14.19 -38.79
C ILE B 460 7.50 13.79 -37.33
N ILE B 461 6.81 12.73 -36.93
CA ILE B 461 6.61 12.42 -35.52
C ILE B 461 7.67 11.45 -34.99
N THR B 462 8.04 10.44 -35.78
CA THR B 462 9.03 9.47 -35.29
C THR B 462 10.35 10.12 -34.93
N PRO B 463 10.95 10.99 -35.76
CA PRO B 463 12.16 11.69 -35.31
C PRO B 463 11.93 12.52 -34.06
N VAL B 464 10.78 13.18 -33.93
CA VAL B 464 10.51 13.97 -32.74
C VAL B 464 10.49 13.08 -31.51
N MET B 465 9.80 11.94 -31.62
CA MET B 465 9.70 11.01 -30.49
C MET B 465 11.08 10.50 -30.09
N VAL B 466 11.86 10.02 -31.06
CA VAL B 466 13.16 9.43 -30.76
C VAL B 466 14.10 10.49 -30.18
N LEU B 467 14.16 11.65 -30.82
CA LEU B 467 15.05 12.71 -30.34
C LEU B 467 14.66 13.19 -28.97
N GLY B 468 13.36 13.35 -28.70
CA GLY B 468 12.93 13.77 -27.38
C GLY B 468 13.32 12.79 -26.31
N THR B 469 13.08 11.50 -26.55
CA THR B 469 13.46 10.48 -25.58
C THR B 469 14.96 10.51 -25.34
N ILE B 470 15.75 10.55 -26.41
CA ILE B 470 17.21 10.51 -26.27
C ILE B 470 17.69 11.73 -25.50
N PHE B 471 17.21 12.92 -25.87
CA PHE B 471 17.69 14.13 -25.23
C PHE B 471 17.32 14.15 -23.75
N ILE B 472 16.09 13.76 -23.43
CA ILE B 472 15.65 13.78 -22.04
C ILE B 472 16.51 12.83 -21.21
N PHE B 473 16.74 11.62 -21.71
CA PHE B 473 17.48 10.67 -20.88
C PHE B 473 19.00 10.89 -20.90
N VAL B 474 19.55 11.60 -21.88
CA VAL B 474 20.96 11.94 -21.77
C VAL B 474 21.15 13.16 -20.88
N MET B 475 20.17 14.07 -20.84
CA MET B 475 20.21 15.13 -19.84
C MET B 475 20.12 14.55 -18.44
N GLY B 476 19.26 13.54 -18.26
CA GLY B 476 19.20 12.86 -16.98
C GLY B 476 20.49 12.12 -16.65
N ASN B 477 21.07 11.44 -17.63
CA ASN B 477 22.31 10.68 -17.42
C ASN B 477 23.52 11.58 -17.24
N PHE B 478 23.39 12.88 -17.50
CA PHE B 478 24.48 13.84 -17.38
C PHE B 478 24.37 14.65 -16.10
N ASN B 479 23.93 14.01 -15.02
CA ASN B 479 23.60 14.70 -13.78
C ASN B 479 24.48 14.20 -12.64
N HIS B 480 25.78 14.17 -12.87
CA HIS B 480 26.70 13.75 -11.83
C HIS B 480 26.73 14.79 -10.71
N PRO B 481 27.02 14.37 -9.48
CA PRO B 481 27.24 15.34 -8.41
C PRO B 481 28.43 16.24 -8.72
N PRO B 482 28.49 17.43 -8.10
CA PRO B 482 29.47 18.44 -8.53
C PRO B 482 30.93 18.09 -8.25
N ALA B 483 31.23 16.92 -7.70
CA ALA B 483 32.59 16.45 -7.42
C ALA B 483 33.29 17.27 -6.35
N LYS B 484 32.65 18.30 -5.80
CA LYS B 484 33.20 19.07 -4.70
C LYS B 484 32.05 19.72 -3.95
N PRO B 485 31.82 19.34 -2.70
CA PRO B 485 30.73 19.99 -1.94
C PRO B 485 31.10 21.40 -1.58
N PHE B 486 30.09 22.19 -1.24
CA PHE B 486 30.28 23.59 -0.85
C PHE B 486 30.96 24.38 -1.98
N GLU B 487 30.19 24.58 -3.05
CA GLU B 487 30.66 25.12 -4.32
C GLU B 487 31.74 26.19 -4.19
N GLY B 488 31.61 27.10 -3.25
CA GLY B 488 32.61 28.13 -3.08
C GLY B 488 33.84 27.71 -2.33
N ASP B 489 33.93 26.45 -1.92
CA ASP B 489 35.05 25.94 -1.14
C ASP B 489 35.92 25.06 -2.01
N PRO B 490 37.24 25.25 -2.00
CA PRO B 490 38.13 24.38 -2.79
C PRO B 490 38.56 23.10 -2.10
N PHE B 491 38.12 22.86 -0.86
CA PHE B 491 38.54 21.70 -0.10
C PHE B 491 37.66 20.51 -0.41
N ASP B 492 38.28 19.34 -0.54
CA ASP B 492 37.56 18.12 -0.90
C ASP B 492 36.81 17.51 0.26
N TYR B 493 37.20 17.80 1.50
CA TYR B 493 36.61 17.19 2.70
C TYR B 493 36.68 15.67 2.66
N SER B 494 37.76 15.14 2.10
CA SER B 494 37.96 13.70 1.99
C SER B 494 38.93 13.24 3.07
N SER B 495 38.71 12.03 3.58
CA SER B 495 39.57 11.49 4.62
C SER B 495 40.99 11.25 4.10
N ASP B 496 41.19 11.20 2.79
CA ASP B 496 42.52 10.98 2.25
C ASP B 496 43.41 12.20 2.36
N HIS B 497 42.83 13.41 2.31
CA HIS B 497 43.59 14.66 2.33
C HIS B 497 43.04 15.57 3.42
N PRO B 498 43.44 15.35 4.67
CA PRO B 498 43.11 16.31 5.73
C PRO B 498 43.77 17.65 5.47
N ARG B 499 43.16 18.70 6.01
CA ARG B 499 43.67 20.06 5.82
C ARG B 499 45.08 20.18 6.37
N CYS B 500 45.98 20.74 5.56
CA CYS B 500 47.37 20.98 5.94
C CYS B 500 48.08 19.71 6.39
N SER C 1 31.29 24.11 38.85
CA SER C 1 32.17 24.72 39.85
C SER C 1 31.68 24.44 41.26
N VAL C 2 32.53 24.72 42.23
CA VAL C 2 32.15 24.52 43.63
C VAL C 2 31.06 25.51 44.03
N MET C 3 31.17 26.75 43.58
CA MET C 3 30.17 27.75 43.93
C MET C 3 28.81 27.41 43.32
N GLU C 4 28.80 26.82 42.12
CA GLU C 4 27.54 26.32 41.58
C GLU C 4 26.95 25.23 42.45
N ASP C 5 27.80 24.34 42.97
CA ASP C 5 27.32 23.29 43.88
C ASP C 5 26.69 23.90 45.12
N THR C 6 27.37 24.88 45.72
CA THR C 6 26.84 25.52 46.92
C THR C 6 25.53 26.25 46.63
N LEU C 7 25.47 26.97 45.51
CA LEU C 7 24.26 27.71 45.16
C LEU C 7 23.10 26.76 44.93
N LEU C 8 23.33 25.66 44.22
CA LEU C 8 22.26 24.70 44.00
C LEU C 8 21.82 24.06 45.31
N SER C 9 22.76 23.74 46.19
CA SER C 9 22.39 23.17 47.48
C SER C 9 21.54 24.13 48.29
N VAL C 10 21.85 25.42 48.22
CA VAL C 10 21.07 26.40 48.96
C VAL C 10 19.68 26.56 48.34
N LEU C 11 19.61 26.61 47.00
CA LEU C 11 18.33 26.91 46.35
C LEU C 11 17.31 25.80 46.54
N PHE C 12 17.76 24.54 46.51
CA PHE C 12 16.86 23.39 46.53
C PHE C 12 16.89 22.63 47.85
N GLU C 13 17.12 23.33 48.95
CA GLU C 13 17.10 22.67 50.25
C GLU C 13 15.68 22.27 50.63
N THR C 14 14.72 23.18 50.48
CA THR C 14 13.32 22.91 50.77
C THR C 14 12.42 23.21 49.58
N TYR C 15 13.00 23.35 48.39
CA TYR C 15 12.22 23.67 47.21
C TYR C 15 11.43 22.43 46.79
N ASN C 16 10.13 22.60 46.58
CA ASN C 16 9.26 21.50 46.17
C ASN C 16 8.78 21.75 44.76
N PRO C 17 9.23 20.97 43.77
CA PRO C 17 8.79 21.22 42.38
C PRO C 17 7.32 20.91 42.15
N LYS C 18 6.64 20.26 43.09
CA LYS C 18 5.22 20.01 42.96
C LYS C 18 4.36 21.23 43.30
N VAL C 19 4.95 22.24 43.94
CA VAL C 19 4.21 23.40 44.42
C VAL C 19 4.36 24.54 43.44
N ARG C 20 3.23 25.10 43.02
CA ARG C 20 3.26 26.27 42.15
C ARG C 20 3.76 27.47 42.94
N PRO C 21 4.70 28.24 42.42
CA PRO C 21 5.30 29.34 43.20
C PRO C 21 4.36 30.52 43.30
N ALA C 22 3.81 30.73 44.48
CA ALA C 22 2.90 31.85 44.73
C ALA C 22 3.36 32.55 46.00
N GLN C 23 3.79 33.81 45.86
CA GLN C 23 4.19 34.61 47.00
C GLN C 23 3.12 34.61 48.08
N THR C 24 1.89 34.91 47.70
CA THR C 24 0.76 34.95 48.62
C THR C 24 -0.39 34.14 48.04
N VAL C 25 -1.17 33.55 48.93
CA VAL C 25 -2.34 32.78 48.53
C VAL C 25 -3.24 33.63 47.66
N GLY C 26 -3.53 33.16 46.45
CA GLY C 26 -4.32 33.89 45.49
C GLY C 26 -3.55 34.50 44.36
N ASP C 27 -2.22 34.51 44.43
CA ASP C 27 -1.42 35.05 43.34
C ASP C 27 -1.47 34.15 42.12
N LYS C 28 -1.29 34.76 40.96
CA LYS C 28 -1.27 34.05 39.69
C LYS C 28 0.13 34.15 39.09
N VAL C 29 0.58 33.08 38.46
CA VAL C 29 1.89 33.03 37.84
C VAL C 29 1.73 33.37 36.37
N THR C 30 2.47 34.37 35.91
CA THR C 30 2.42 34.74 34.50
C THR C 30 3.34 33.81 33.71
N VAL C 31 2.76 33.11 32.73
CA VAL C 31 3.51 32.20 31.87
C VAL C 31 3.39 32.70 30.45
N ARG C 32 4.52 33.00 29.83
CA ARG C 32 4.56 33.44 28.45
C ARG C 32 4.79 32.23 27.55
N VAL C 33 3.89 32.03 26.58
CA VAL C 33 3.94 30.88 25.69
C VAL C 33 4.29 31.39 24.29
N GLY C 34 5.43 30.94 23.77
CA GLY C 34 5.82 31.24 22.41
C GLY C 34 6.10 29.96 21.66
N LEU C 35 6.13 30.03 20.33
CA LEU C 35 6.37 28.86 19.51
C LEU C 35 7.37 29.18 18.42
N THR C 36 8.33 28.29 18.21
CA THR C 36 9.28 28.38 17.11
C THR C 36 9.09 27.15 16.24
N LEU C 37 8.66 27.35 15.01
CA LEU C 37 8.44 26.25 14.07
C LEU C 37 9.75 25.96 13.34
N THR C 38 10.26 24.74 13.52
CA THR C 38 11.48 24.33 12.84
C THR C 38 11.18 23.61 11.54
N ASN C 39 10.08 22.86 11.48
CA ASN C 39 9.75 22.10 10.28
C ASN C 39 8.28 21.68 10.29
N LEU C 40 7.56 22.02 9.23
CA LEU C 40 6.19 21.54 9.04
C LEU C 40 6.33 20.21 8.30
N LEU C 41 6.38 19.12 9.06
CA LEU C 41 6.69 17.83 8.49
C LEU C 41 5.63 17.36 7.51
N ILE C 42 4.41 17.12 8.00
CA ILE C 42 3.36 16.49 7.22
C ILE C 42 2.03 17.16 7.56
N LEU C 43 1.10 17.07 6.61
CA LEU C 43 -0.31 17.41 6.82
C LEU C 43 -1.17 16.30 6.23
N ASN C 44 -0.94 15.08 6.69
CA ASN C 44 -1.70 13.92 6.27
C ASN C 44 -3.20 14.20 6.27
N GLU C 45 -3.81 14.17 5.09
CA GLU C 45 -5.22 14.44 4.93
C GLU C 45 -6.07 13.20 5.13
N LYS C 46 -5.47 12.02 5.00
CA LYS C 46 -6.22 10.79 5.20
C LYS C 46 -6.66 10.65 6.65
N ILE C 47 -5.82 11.08 7.59
CA ILE C 47 -6.12 11.01 9.01
C ILE C 47 -6.35 12.38 9.62
N GLU C 48 -6.26 13.46 8.83
CA GLU C 48 -6.51 14.82 9.31
C GLU C 48 -5.58 15.18 10.46
N GLU C 49 -4.28 15.15 10.17
CA GLU C 49 -3.25 15.33 11.18
C GLU C 49 -2.10 16.14 10.61
N MET C 50 -1.56 17.03 11.42
CA MET C 50 -0.38 17.83 11.08
C MET C 50 0.77 17.43 11.99
N THR C 51 1.91 17.12 11.40
CA THR C 51 3.13 16.85 12.15
C THR C 51 4.08 18.04 12.00
N THR C 52 4.54 18.59 13.13
CA THR C 52 5.47 19.70 13.13
C THR C 52 6.59 19.43 14.12
N ASN C 53 7.75 20.03 13.85
CA ASN C 53 8.89 20.02 14.75
C ASN C 53 9.04 21.44 15.29
N VAL C 54 8.82 21.61 16.60
CA VAL C 54 8.67 22.93 17.18
C VAL C 54 9.53 23.07 18.43
N PHE C 55 9.75 24.31 18.84
CA PHE C 55 10.23 24.67 20.16
C PHE C 55 9.12 25.41 20.89
N LEU C 56 8.95 25.13 22.18
CA LEU C 56 8.08 25.91 23.03
C LEU C 56 8.94 26.90 23.82
N ASN C 57 8.71 28.19 23.59
CA ASN C 57 9.43 29.23 24.32
C ASN C 57 8.59 29.60 25.53
N LEU C 58 8.86 28.94 26.65
CA LEU C 58 8.14 29.20 27.89
C LEU C 58 8.99 30.05 28.82
N ALA C 59 8.36 30.98 29.51
CA ALA C 59 9.05 31.81 30.48
C ALA C 59 8.10 32.17 31.60
N TRP C 60 8.58 32.13 32.83
CA TRP C 60 7.80 32.49 34.00
C TRP C 60 8.77 32.91 35.09
N THR C 61 8.21 33.28 36.25
CA THR C 61 9.01 33.73 37.39
C THR C 61 8.74 32.83 38.58
N ASP C 62 9.81 32.35 39.20
CA ASP C 62 9.76 31.52 40.40
C ASP C 62 10.50 32.27 41.50
N TYR C 63 9.75 32.84 42.44
CA TYR C 63 10.35 33.64 43.49
C TYR C 63 11.30 32.84 44.37
N ARG C 64 11.11 31.52 44.46
CA ARG C 64 11.97 30.72 45.33
C ARG C 64 13.38 30.62 44.77
N LEU C 65 13.54 30.73 43.46
CA LEU C 65 14.84 30.58 42.81
C LEU C 65 15.50 31.94 42.63
N GLN C 66 15.72 32.62 43.75
CA GLN C 66 16.33 33.94 43.77
C GLN C 66 17.60 33.90 44.59
N TRP C 67 18.66 34.54 44.08
CA TRP C 67 19.91 34.61 44.80
C TRP C 67 20.63 35.89 44.40
N ASP C 68 21.56 36.31 45.24
CA ASP C 68 22.35 37.51 44.98
C ASP C 68 23.67 37.09 44.35
N PRO C 69 23.94 37.41 43.09
CA PRO C 69 25.17 36.92 42.44
C PRO C 69 26.43 37.41 43.10
N ALA C 70 26.40 38.57 43.77
CA ALA C 70 27.60 39.08 44.42
C ALA C 70 28.12 38.12 45.48
N ALA C 71 27.24 37.30 46.05
CA ALA C 71 27.62 36.34 47.07
C ALA C 71 28.05 35.00 46.49
N TYR C 72 28.02 34.83 45.17
CA TYR C 72 28.33 33.55 44.56
C TYR C 72 29.24 33.73 43.35
N GLU C 73 30.24 34.60 43.47
CA GLU C 73 31.18 34.87 42.39
C GLU C 73 30.47 35.32 41.12
N GLY C 74 29.42 36.12 41.29
CA GLY C 74 28.75 36.71 40.15
C GLY C 74 28.11 35.71 39.20
N ILE C 75 27.50 34.66 39.72
CA ILE C 75 26.76 33.73 38.88
C ILE C 75 25.40 34.34 38.60
N LYS C 76 25.19 34.73 37.34
CA LYS C 76 23.96 35.42 36.97
C LYS C 76 22.84 34.47 36.60
N ASP C 77 23.17 33.27 36.13
CA ASP C 77 22.15 32.32 35.71
C ASP C 77 22.67 30.90 35.86
N LEU C 78 21.74 29.96 35.89
CA LEU C 78 22.05 28.55 36.04
C LEU C 78 21.28 27.74 35.02
N ARG C 79 21.86 26.61 34.63
CA ARG C 79 21.20 25.63 33.77
C ARG C 79 20.84 24.43 34.64
N ILE C 80 19.57 24.35 35.02
CA ILE C 80 19.09 23.35 35.96
C ILE C 80 18.20 22.36 35.22
N PRO C 81 18.32 21.06 35.49
CA PRO C 81 17.44 20.09 34.81
C PRO C 81 15.98 20.42 35.04
N SER C 82 15.18 20.29 33.98
CA SER C 82 13.81 20.76 34.00
C SER C 82 12.95 20.03 35.03
N SER C 83 13.35 18.83 35.45
CA SER C 83 12.57 18.08 36.42
C SER C 83 12.77 18.55 37.86
N ASP C 84 13.77 19.41 38.10
CA ASP C 84 14.07 19.88 39.44
C ASP C 84 13.35 21.15 39.81
N VAL C 85 12.61 21.76 38.88
CA VAL C 85 11.90 23.00 39.14
C VAL C 85 10.43 22.81 38.79
N TRP C 86 9.60 23.65 39.39
CA TRP C 86 8.19 23.68 39.01
C TRP C 86 8.06 24.20 37.58
N GLN C 87 7.18 23.57 36.82
CA GLN C 87 6.86 24.05 35.49
C GLN C 87 5.36 23.97 35.29
N PRO C 88 4.79 24.89 34.52
CA PRO C 88 3.38 24.74 34.16
C PRO C 88 3.21 23.62 33.16
N ASP C 89 2.13 22.87 33.30
CA ASP C 89 1.91 21.70 32.46
C ASP C 89 1.38 22.14 31.09
N ILE C 90 2.15 22.97 30.40
CA ILE C 90 1.76 23.46 29.09
C ILE C 90 1.84 22.30 28.10
N VAL C 91 0.69 21.95 27.54
CA VAL C 91 0.56 20.80 26.65
C VAL C 91 -0.19 21.22 25.40
N LEU C 92 -0.06 20.41 24.36
CA LEU C 92 -0.84 20.58 23.13
C LEU C 92 -2.17 19.87 23.33
N MET C 93 -3.25 20.64 23.38
CA MET C 93 -4.54 20.06 23.70
C MET C 93 -5.15 19.32 22.51
N ASN C 94 -5.02 19.87 21.32
CA ASN C 94 -5.64 19.27 20.14
C ASN C 94 -4.69 18.32 19.42
N ASN C 95 -4.09 17.40 20.15
CA ASN C 95 -3.21 16.41 19.55
C ASN C 95 -4.04 15.26 18.99
N ASN C 96 -3.54 14.69 17.89
CA ASN C 96 -4.26 13.59 17.27
C ASN C 96 -3.96 12.26 17.96
N ASP C 97 -2.72 12.07 18.36
CA ASP C 97 -2.34 10.92 19.17
C ASP C 97 -2.53 11.28 20.64
N GLY C 98 -2.06 10.43 21.54
CA GLY C 98 -2.29 10.67 22.96
C GLY C 98 -1.17 11.38 23.66
N SER C 99 -0.27 11.99 22.89
CA SER C 99 0.94 12.61 23.44
C SER C 99 0.66 14.08 23.68
N PHE C 100 0.38 14.44 24.93
CA PHE C 100 0.11 15.83 25.28
C PHE C 100 1.39 16.62 25.51
N GLU C 101 2.41 16.01 26.09
CA GLU C 101 3.55 16.73 26.58
C GLU C 101 4.65 16.81 25.52
N ILE C 102 5.71 17.54 25.88
CA ILE C 102 6.89 17.72 25.05
C ILE C 102 7.63 16.41 24.89
N THR C 103 8.55 16.36 23.92
CA THR C 103 9.36 15.18 23.67
C THR C 103 10.75 15.28 24.28
N LEU C 104 11.41 16.43 24.15
CA LEU C 104 12.77 16.63 24.66
C LEU C 104 12.72 17.56 25.86
N HIS C 105 13.27 17.11 26.98
CA HIS C 105 13.27 17.89 28.22
C HIS C 105 14.63 18.55 28.40
N VAL C 106 14.83 19.64 27.66
CA VAL C 106 16.04 20.43 27.83
C VAL C 106 16.00 21.09 29.20
N ASN C 107 17.16 21.28 29.80
CA ASN C 107 17.20 21.85 31.14
C ASN C 107 16.89 23.34 31.09
N VAL C 108 16.32 23.84 32.19
CA VAL C 108 15.80 25.20 32.21
C VAL C 108 16.94 26.19 32.44
N LEU C 109 16.66 27.46 32.13
CA LEU C 109 17.57 28.56 32.41
C LEU C 109 16.96 29.42 33.51
N VAL C 110 17.65 29.51 34.64
CA VAL C 110 17.15 30.26 35.80
C VAL C 110 18.10 31.42 36.05
N GLN C 111 17.56 32.62 36.12
CA GLN C 111 18.34 33.81 36.37
C GLN C 111 18.21 34.24 37.83
N HIS C 112 19.16 35.05 38.28
CA HIS C 112 19.23 35.39 39.70
C HIS C 112 18.04 36.21 40.16
N THR C 113 17.25 36.75 39.23
CA THR C 113 16.02 37.44 39.59
C THR C 113 14.86 36.48 39.81
N GLY C 114 15.04 35.20 39.56
CA GLY C 114 13.97 34.24 39.62
C GLY C 114 13.25 33.99 38.31
N ALA C 115 13.67 34.63 37.23
CA ALA C 115 13.04 34.43 35.93
C ALA C 115 13.53 33.14 35.31
N VAL C 116 12.61 32.21 35.07
CA VAL C 116 12.92 30.91 34.51
C VAL C 116 12.51 30.88 33.05
N SER C 117 13.38 30.36 32.20
CA SER C 117 13.13 30.25 30.77
C SER C 117 13.35 28.80 30.35
N TRP C 118 12.42 28.26 29.58
CA TRP C 118 12.45 26.87 29.17
C TRP C 118 12.09 26.77 27.70
N GLN C 119 12.91 26.09 26.92
CA GLN C 119 12.71 25.96 25.47
C GLN C 119 12.80 24.51 25.03
N PRO C 120 11.85 23.67 25.45
CA PRO C 120 11.88 22.28 25.05
C PRO C 120 11.45 22.10 23.60
N SER C 121 11.97 21.05 22.98
CA SER C 121 11.58 20.68 21.63
C SER C 121 10.61 19.51 21.66
N ALA C 122 9.81 19.41 20.61
CA ALA C 122 8.84 18.32 20.52
C ALA C 122 8.50 18.04 19.07
N ILE C 123 8.04 16.83 18.82
CA ILE C 123 7.44 16.44 17.57
C ILE C 123 5.95 16.30 17.85
N TYR C 124 5.17 17.26 17.39
CA TYR C 124 3.76 17.33 17.73
C TYR C 124 2.89 16.88 16.56
N ARG C 125 1.86 16.11 16.88
CA ARG C 125 0.86 15.67 15.90
C ARG C 125 -0.48 16.23 16.32
N SER C 126 -0.79 17.43 15.84
CA SER C 126 -2.06 18.07 16.14
C SER C 126 -3.10 17.68 15.09
N SER C 127 -4.37 17.83 15.47
CA SER C 127 -5.49 17.46 14.63
C SER C 127 -6.15 18.71 14.11
N CYS C 128 -6.18 18.86 12.78
CA CYS C 128 -6.90 19.96 12.14
C CYS C 128 -7.82 19.41 11.07
N THR C 129 -9.05 19.92 11.03
CA THR C 129 -10.01 19.51 10.02
C THR C 129 -9.61 20.00 8.64
N ILE C 130 -9.81 19.14 7.64
CA ILE C 130 -9.47 19.43 6.26
C ILE C 130 -10.72 19.86 5.53
N LYS C 131 -10.65 20.99 4.83
CA LYS C 131 -11.75 21.47 4.01
C LYS C 131 -11.58 20.87 2.62
N VAL C 132 -12.24 19.74 2.38
CA VAL C 132 -12.06 19.00 1.11
C VAL C 132 -13.13 19.51 0.15
N MET C 133 -12.88 20.65 -0.41
CA MET C 133 -13.75 21.04 -1.50
C MET C 133 -12.96 21.49 -2.71
N TYR C 134 -11.84 22.17 -2.50
CA TYR C 134 -10.96 22.60 -3.58
C TYR C 134 -9.69 21.77 -3.65
N PHE C 135 -9.64 20.65 -2.94
CA PHE C 135 -8.49 19.77 -3.02
C PHE C 135 -8.30 19.35 -4.47
N PRO C 136 -7.06 19.35 -4.98
CA PRO C 136 -5.80 19.68 -4.33
C PRO C 136 -5.40 21.15 -4.46
N PHE C 137 -6.28 21.99 -4.98
CA PHE C 137 -6.01 23.43 -5.06
C PHE C 137 -6.55 24.14 -3.83
N ASP C 138 -6.18 23.65 -2.64
CA ASP C 138 -6.81 24.09 -1.41
C ASP C 138 -5.78 24.69 -0.46
N TRP C 139 -6.27 25.57 0.42
CA TRP C 139 -5.50 26.08 1.54
C TRP C 139 -6.13 25.59 2.83
N GLN C 140 -5.29 25.19 3.77
CA GLN C 140 -5.76 24.63 5.03
C GLN C 140 -5.43 25.59 6.17
N ASN C 141 -6.21 25.47 7.25
CA ASN C 141 -6.13 26.36 8.40
C ASN C 141 -5.99 25.47 9.63
N CYS C 142 -4.75 25.12 9.97
CA CYS C 142 -4.46 24.17 11.02
C CYS C 142 -3.92 24.90 12.24
N THR C 143 -4.48 24.62 13.41
CA THR C 143 -4.19 25.33 14.64
C THR C 143 -3.46 24.42 15.62
N MET C 144 -2.81 25.05 16.59
CA MET C 144 -2.12 24.36 17.67
C MET C 144 -2.52 25.04 18.97
N VAL C 145 -3.28 24.35 19.81
CA VAL C 145 -3.85 24.93 21.02
C VAL C 145 -2.95 24.55 22.19
N PHE C 146 -2.41 25.55 22.88
CA PHE C 146 -1.51 25.35 23.99
C PHE C 146 -2.10 25.97 25.25
N LYS C 147 -2.13 25.20 26.33
CA LYS C 147 -2.54 25.72 27.63
C LYS C 147 -2.03 24.76 28.69
N SER C 148 -2.10 25.21 29.94
CA SER C 148 -1.74 24.36 31.06
C SER C 148 -2.84 23.32 31.26
N TYR C 149 -2.46 22.05 31.26
CA TYR C 149 -3.45 21.00 31.45
C TYR C 149 -4.08 21.06 32.84
N THR C 150 -3.30 21.44 33.85
CA THR C 150 -3.78 21.41 35.23
C THR C 150 -4.30 22.77 35.68
N TYR C 151 -3.50 23.81 35.56
CA TYR C 151 -3.83 25.10 36.12
C TYR C 151 -4.79 25.86 35.22
N ASP C 152 -5.70 26.60 35.83
CA ASP C 152 -6.67 27.43 35.13
C ASP C 152 -6.35 28.90 35.35
N THR C 153 -7.25 29.77 34.88
CA THR C 153 -7.00 31.20 34.94
C THR C 153 -6.84 31.72 36.36
N SER C 154 -7.34 30.99 37.35
CA SER C 154 -7.21 31.40 38.74
C SER C 154 -5.84 31.07 39.32
N GLU C 155 -5.01 30.34 38.59
CA GLU C 155 -3.70 29.93 39.06
C GLU C 155 -2.57 30.45 38.19
N VAL C 156 -2.73 30.44 36.87
CA VAL C 156 -1.74 30.97 35.95
C VAL C 156 -2.41 31.90 34.96
N THR C 157 -1.63 32.81 34.39
CA THR C 157 -2.09 33.76 33.39
C THR C 157 -1.20 33.61 32.16
N LEU C 158 -1.76 33.09 31.08
CA LEU C 158 -1.00 32.92 29.85
C LEU C 158 -0.82 34.26 29.15
N GLN C 159 0.35 34.45 28.55
CA GLN C 159 0.67 35.64 27.79
C GLN C 159 1.46 35.24 26.55
N HIS C 160 1.58 36.19 25.62
CA HIS C 160 2.43 35.98 24.47
C HIS C 160 3.89 36.14 24.85
N ALA C 161 4.76 35.47 24.12
CA ALA C 161 6.19 35.59 24.37
C ALA C 161 6.70 36.95 23.90
N LEU C 162 7.89 37.30 24.37
CA LEU C 162 8.55 38.54 23.99
C LEU C 162 9.63 38.27 22.95
N ASP C 163 9.98 39.30 22.19
CA ASP C 163 11.00 39.16 21.17
C ASP C 163 12.37 39.01 21.82
N ALA C 164 13.41 38.99 20.98
CA ALA C 164 14.77 38.80 21.46
C ALA C 164 15.15 39.87 22.48
N LYS C 165 14.97 41.14 22.11
CA LYS C 165 15.12 42.25 23.04
C LYS C 165 13.73 42.56 23.57
N GLY C 166 13.38 41.91 24.69
CA GLY C 166 12.01 41.93 25.15
C GLY C 166 11.47 43.31 25.42
N GLU C 167 10.67 43.80 24.50
CA GLU C 167 10.00 45.09 24.62
C GLU C 167 8.52 45.01 24.29
N ARG C 168 8.13 44.19 23.31
CA ARG C 168 6.73 44.01 22.98
C ARG C 168 6.50 42.55 22.58
N GLU C 169 5.24 42.14 22.69
CA GLU C 169 4.88 40.75 22.51
C GLU C 169 5.02 40.32 21.05
N VAL C 170 5.30 39.04 20.86
CA VAL C 170 5.31 38.42 19.54
C VAL C 170 4.00 37.68 19.37
N LYS C 171 3.18 38.13 18.43
CA LYS C 171 1.87 37.53 18.18
C LYS C 171 1.90 36.66 16.94
N GLU C 172 3.02 35.96 16.72
CA GLU C 172 3.18 35.10 15.57
C GLU C 172 4.04 33.90 15.97
N ILE C 173 3.94 32.86 15.15
CA ILE C 173 4.89 31.75 15.24
C ILE C 173 6.25 32.25 14.75
N VAL C 174 7.28 31.99 15.52
CA VAL C 174 8.62 32.43 15.15
C VAL C 174 9.24 31.41 14.21
N ILE C 175 9.83 31.88 13.12
CA ILE C 175 10.55 31.03 12.19
C ILE C 175 11.98 31.53 12.10
N ASN C 176 12.93 30.67 12.48
CA ASN C 176 14.34 30.98 12.40
C ASN C 176 14.87 30.49 11.06
N LYS C 177 15.36 31.42 10.23
CA LYS C 177 15.81 31.05 8.89
C LYS C 177 17.02 30.13 8.93
N ASP C 178 17.82 30.20 9.99
CA ASP C 178 18.97 29.29 10.10
C ASP C 178 18.52 27.84 10.20
N ALA C 179 17.42 27.59 10.92
CA ALA C 179 16.88 26.24 11.07
C ALA C 179 15.40 26.27 10.71
N PHE C 180 15.11 26.15 9.42
CA PHE C 180 13.73 26.02 8.95
C PHE C 180 13.75 25.41 7.57
N THR C 181 12.98 24.35 7.39
CA THR C 181 12.90 23.62 6.13
C THR C 181 11.54 23.87 5.50
N GLU C 182 11.53 24.42 4.29
CA GLU C 182 10.29 24.56 3.55
C GLU C 182 9.73 23.19 3.21
N ASN C 183 8.41 23.04 3.37
CA ASN C 183 7.80 21.73 3.23
C ASN C 183 7.93 21.20 1.82
N GLY C 184 7.77 22.06 0.82
CA GLY C 184 7.79 21.64 -0.56
C GLY C 184 6.43 21.30 -1.12
N GLN C 185 5.45 21.08 -0.26
CA GLN C 185 4.07 20.92 -0.68
C GLN C 185 3.15 21.97 -0.10
N TRP C 186 3.59 22.71 0.91
CA TRP C 186 2.77 23.69 1.60
C TRP C 186 3.54 24.99 1.74
N SER C 187 2.87 26.11 1.46
CA SER C 187 3.43 27.43 1.66
C SER C 187 2.71 28.09 2.83
N ILE C 188 3.48 28.62 3.77
CA ILE C 188 2.90 29.26 4.94
C ILE C 188 2.54 30.70 4.58
N GLU C 189 1.24 30.99 4.53
CA GLU C 189 0.76 32.32 4.17
C GLU C 189 0.69 33.23 5.38
N HIS C 190 0.08 32.77 6.46
CA HIS C 190 -0.02 33.52 7.70
C HIS C 190 0.30 32.59 8.86
N LYS C 191 0.84 33.17 9.93
CA LYS C 191 1.08 32.39 11.12
C LYS C 191 0.83 33.22 12.37
N PRO C 192 -0.41 33.65 12.61
CA PRO C 192 -0.69 34.51 13.75
C PRO C 192 -0.85 33.69 15.03
N SER C 193 -0.87 34.41 16.15
CA SER C 193 -1.11 33.83 17.45
C SER C 193 -2.16 34.67 18.17
N ARG C 194 -3.00 34.01 18.95
CA ARG C 194 -4.02 34.72 19.70
C ARG C 194 -4.40 33.92 20.93
N LYS C 195 -4.78 34.62 21.99
CA LYS C 195 -5.36 33.99 23.17
C LYS C 195 -6.86 33.88 23.01
N ASN C 196 -7.41 32.74 23.40
CA ASN C 196 -8.83 32.46 23.25
C ASN C 196 -9.43 32.12 24.61
N TRP C 197 -10.61 32.65 24.88
CA TRP C 197 -11.37 32.35 26.08
C TRP C 197 -12.64 31.61 25.67
N ARG C 198 -13.48 31.33 26.67
CA ARG C 198 -14.79 30.73 26.42
C ARG C 198 -15.82 31.45 27.25
N SER C 199 -16.91 31.86 26.61
CA SER C 199 -17.95 32.61 27.32
C SER C 199 -18.61 31.77 28.40
N ASP C 200 -18.91 30.51 28.09
CA ASP C 200 -19.54 29.64 29.09
C ASP C 200 -18.61 29.34 30.25
N ASP C 201 -17.33 29.10 29.98
CA ASP C 201 -16.39 28.65 31.01
C ASP C 201 -15.41 29.77 31.33
N PRO C 202 -15.48 30.38 32.51
CA PRO C 202 -14.60 31.51 32.82
C PRO C 202 -13.20 31.11 33.27
N SER C 203 -12.95 29.83 33.51
CA SER C 203 -11.64 29.37 33.96
C SER C 203 -10.76 28.86 32.82
N TYR C 204 -11.21 28.99 31.58
CA TYR C 204 -10.47 28.49 30.43
C TYR C 204 -9.72 29.62 29.75
N GLU C 205 -8.49 29.34 29.34
CA GLU C 205 -7.71 30.25 28.53
C GLU C 205 -6.58 29.46 27.88
N ASP C 206 -6.35 29.71 26.59
CA ASP C 206 -5.30 29.01 25.86
C ASP C 206 -4.61 30.00 24.93
N VAL C 207 -3.44 29.60 24.45
CA VAL C 207 -2.72 30.32 23.41
C VAL C 207 -2.70 29.44 22.18
N THR C 208 -3.34 29.89 21.11
CA THR C 208 -3.47 29.11 19.89
C THR C 208 -2.57 29.70 18.81
N PHE C 209 -1.85 28.84 18.09
CA PHE C 209 -1.01 29.25 16.98
C PHE C 209 -1.63 28.70 15.70
N TYR C 210 -1.92 29.60 14.77
CA TYR C 210 -2.64 29.26 13.55
C TYR C 210 -1.66 29.24 12.38
N LEU C 211 -1.75 28.20 11.56
CA LEU C 211 -0.93 28.08 10.37
C LEU C 211 -1.85 28.07 9.17
N ILE C 212 -1.83 29.15 8.39
CA ILE C 212 -2.56 29.22 7.13
C ILE C 212 -1.59 28.77 6.05
N ILE C 213 -1.83 27.60 5.48
CA ILE C 213 -0.89 26.99 4.54
C ILE C 213 -1.65 26.67 3.26
N GLN C 214 -1.02 26.97 2.13
CA GLN C 214 -1.60 26.71 0.81
C GLN C 214 -0.83 25.59 0.14
N ARG C 215 -1.57 24.65 -0.45
CA ARG C 215 -0.94 23.52 -1.12
C ARG C 215 -0.37 23.94 -2.46
N LYS C 216 0.70 23.27 -2.86
CA LYS C 216 1.24 23.43 -4.20
C LYS C 216 0.79 22.23 -5.04
N PRO C 217 -0.08 22.42 -6.02
CA PRO C 217 -0.76 21.28 -6.64
C PRO C 217 -0.04 20.68 -7.83
N LEU C 218 1.24 20.98 -8.03
CA LEU C 218 1.92 20.59 -9.26
C LEU C 218 1.89 19.09 -9.48
N PHE C 219 2.17 18.31 -8.44
CA PHE C 219 2.14 16.85 -8.55
C PHE C 219 0.79 16.37 -9.06
N TYR C 220 -0.29 16.82 -8.41
CA TYR C 220 -1.63 16.45 -8.85
C TYR C 220 -1.92 17.01 -10.23
N ILE C 221 -1.51 18.26 -10.48
CA ILE C 221 -1.72 18.86 -11.81
C ILE C 221 -1.22 17.90 -12.88
N VAL C 222 0.06 17.54 -12.83
CA VAL C 222 0.61 16.62 -13.82
C VAL C 222 -0.22 15.35 -13.82
N TYR C 223 -0.11 14.59 -12.71
CA TYR C 223 -0.45 13.18 -12.68
C TYR C 223 -1.93 12.90 -12.85
N THR C 224 -2.80 13.90 -12.70
CA THR C 224 -4.21 13.69 -12.96
C THR C 224 -4.74 14.58 -14.07
N ILE C 225 -4.46 15.87 -14.02
CA ILE C 225 -5.11 16.78 -14.94
C ILE C 225 -4.61 16.60 -16.36
N ILE C 226 -3.30 16.40 -16.55
CA ILE C 226 -2.87 16.34 -17.95
C ILE C 226 -3.47 15.10 -18.63
N PRO C 227 -3.37 13.90 -18.04
CA PRO C 227 -4.02 12.76 -18.68
C PRO C 227 -5.52 12.92 -18.85
N CYS C 228 -6.20 13.56 -17.89
CA CYS C 228 -7.63 13.77 -18.04
C CYS C 228 -7.94 14.65 -19.25
N ILE C 229 -7.13 15.70 -19.46
CA ILE C 229 -7.33 16.56 -20.62
C ILE C 229 -7.10 15.78 -21.91
N LEU C 230 -6.06 14.93 -21.93
CA LEU C 230 -5.80 14.13 -23.12
C LEU C 230 -6.98 13.20 -23.41
N ILE C 231 -7.53 12.58 -22.37
CA ILE C 231 -8.66 11.68 -22.56
C ILE C 231 -9.89 12.44 -23.04
N SER C 232 -10.09 13.66 -22.55
CA SER C 232 -11.20 14.47 -23.03
C SER C 232 -11.03 14.80 -24.51
N ILE C 233 -9.79 15.09 -24.92
CA ILE C 233 -9.52 15.29 -26.34
C ILE C 233 -9.88 14.06 -27.15
N LEU C 234 -9.53 12.87 -26.64
CA LEU C 234 -9.91 11.65 -27.36
C LEU C 234 -11.41 11.47 -27.44
N ALA C 235 -12.12 11.80 -26.35
CA ALA C 235 -13.57 11.71 -26.35
C ALA C 235 -14.18 12.64 -27.39
N ILE C 236 -13.60 13.83 -27.56
CA ILE C 236 -14.05 14.70 -28.64
C ILE C 236 -13.70 14.10 -30.00
N LEU C 237 -12.51 13.54 -30.12
CA LEU C 237 -12.02 13.05 -31.41
C LEU C 237 -12.85 11.89 -31.93
N VAL C 238 -13.42 11.08 -31.04
CA VAL C 238 -14.14 9.88 -31.49
C VAL C 238 -15.21 10.23 -32.51
N PHE C 239 -15.69 11.46 -32.50
CA PHE C 239 -16.71 11.90 -33.45
C PHE C 239 -16.16 12.33 -34.79
N TYR C 240 -14.84 12.48 -34.93
CA TYR C 240 -14.25 12.72 -36.23
C TYR C 240 -13.94 11.42 -36.97
N LEU C 241 -13.97 10.30 -36.28
CA LEU C 241 -13.72 9.01 -36.90
C LEU C 241 -14.89 8.62 -37.79
N PRO C 242 -14.65 8.10 -38.99
CA PRO C 242 -15.74 7.62 -39.82
C PRO C 242 -16.31 6.33 -39.26
N PRO C 243 -17.64 6.13 -39.34
CA PRO C 243 -18.21 4.87 -38.86
C PRO C 243 -17.71 3.65 -39.61
N ASP C 244 -17.26 3.81 -40.85
CA ASP C 244 -16.79 2.67 -41.63
C ASP C 244 -15.46 2.14 -41.14
N ALA C 245 -14.71 2.93 -40.38
CA ALA C 245 -13.43 2.46 -39.85
C ALA C 245 -13.59 1.31 -38.87
N GLY C 246 -14.76 1.17 -38.26
CA GLY C 246 -14.93 0.16 -37.23
C GLY C 246 -14.04 0.36 -36.03
N GLU C 247 -13.87 1.61 -35.60
CA GLU C 247 -12.93 1.94 -34.54
C GLU C 247 -13.51 2.91 -33.52
N LYS C 248 -14.75 3.36 -33.68
CA LYS C 248 -15.33 4.31 -32.74
C LYS C 248 -15.41 3.71 -31.33
N MET C 249 -15.91 2.48 -31.23
CA MET C 249 -16.09 1.87 -29.92
C MET C 249 -14.76 1.63 -29.24
N SER C 250 -13.76 1.16 -29.99
CA SER C 250 -12.43 0.99 -29.40
C SER C 250 -11.95 2.28 -28.75
N LEU C 251 -11.99 3.37 -29.50
CA LEU C 251 -11.51 4.65 -28.97
C LEU C 251 -12.28 5.08 -27.74
N SER C 252 -13.61 5.11 -27.83
CA SER C 252 -14.39 5.65 -26.72
C SER C 252 -14.29 4.78 -25.48
N ILE C 253 -14.44 3.46 -25.63
CA ILE C 253 -14.43 2.59 -24.48
C ILE C 253 -13.03 2.45 -23.89
N SER C 254 -11.99 2.57 -24.71
CA SER C 254 -10.64 2.58 -24.15
C SER C 254 -10.36 3.89 -23.42
N ALA C 255 -10.96 4.98 -23.88
CA ALA C 255 -10.90 6.21 -23.10
C ALA C 255 -11.57 6.02 -21.74
N LEU C 256 -12.68 5.30 -21.71
CA LEU C 256 -13.31 4.99 -20.42
C LEU C 256 -12.40 4.13 -19.55
N LEU C 257 -11.73 3.15 -20.14
CA LEU C 257 -10.72 2.38 -19.42
C LEU C 257 -9.66 3.31 -18.81
N ALA C 258 -9.17 4.26 -19.59
CA ALA C 258 -8.14 5.16 -19.09
C ALA C 258 -8.67 6.01 -17.94
N VAL C 259 -9.91 6.49 -18.05
CA VAL C 259 -10.48 7.31 -16.99
C VAL C 259 -10.59 6.51 -15.70
N THR C 260 -11.08 5.27 -15.78
CA THR C 260 -11.18 4.48 -14.56
C THR C 260 -9.81 4.10 -14.01
N VAL C 261 -8.80 3.94 -14.87
CA VAL C 261 -7.44 3.73 -14.39
C VAL C 261 -6.94 4.95 -13.62
N PHE C 262 -7.22 6.14 -14.14
CA PHE C 262 -6.82 7.36 -13.44
C PHE C 262 -7.57 7.50 -12.12
N LEU C 263 -8.81 7.03 -12.08
CA LEU C 263 -9.55 7.00 -10.82
C LEU C 263 -8.88 6.07 -9.82
N LEU C 264 -8.41 4.90 -10.29
CA LEU C 264 -7.65 4.01 -9.43
C LEU C 264 -6.38 4.69 -8.92
N LEU C 265 -5.70 5.43 -9.80
CA LEU C 265 -4.50 6.16 -9.39
C LEU C 265 -4.82 7.16 -8.29
N LEU C 266 -5.92 7.89 -8.44
CA LEU C 266 -6.25 8.96 -7.53
C LEU C 266 -6.94 8.48 -6.25
N ALA C 267 -7.42 7.24 -6.23
CA ALA C 267 -8.17 6.74 -5.07
C ALA C 267 -7.35 6.84 -3.79
N ASP C 268 -6.09 6.42 -3.85
CA ASP C 268 -5.25 6.37 -2.66
C ASP C 268 -4.62 7.71 -2.30
N LYS C 269 -5.14 8.82 -2.81
CA LYS C 269 -4.59 10.13 -2.51
C LYS C 269 -5.62 11.15 -2.00
N VAL C 270 -6.91 10.96 -2.28
CA VAL C 270 -7.92 11.91 -1.84
C VAL C 270 -8.39 11.56 -0.44
N PRO C 271 -8.61 12.55 0.42
CA PRO C 271 -9.09 12.26 1.79
C PRO C 271 -10.48 11.68 1.79
N GLU C 272 -10.73 10.79 2.75
CA GLU C 272 -12.00 10.08 2.87
C GLU C 272 -12.97 10.76 3.83
N THR C 273 -13.24 12.05 3.63
CA THR C 273 -14.28 12.73 4.38
C THR C 273 -15.46 13.03 3.46
N SER C 274 -16.65 13.09 4.05
CA SER C 274 -17.89 13.12 3.29
C SER C 274 -18.63 14.44 3.44
N LEU C 275 -17.96 15.50 3.85
CA LEU C 275 -18.63 16.79 3.95
C LEU C 275 -18.72 17.49 2.60
N SER C 276 -17.82 17.19 1.67
CA SER C 276 -17.86 17.75 0.33
C SER C 276 -17.04 16.85 -0.58
N VAL C 277 -17.12 17.13 -1.88
CA VAL C 277 -16.42 16.38 -2.92
C VAL C 277 -15.29 17.25 -3.44
N PRO C 278 -14.03 16.80 -3.37
CA PRO C 278 -12.94 17.64 -3.88
C PRO C 278 -13.09 17.92 -5.36
N ILE C 279 -12.60 19.08 -5.77
CA ILE C 279 -12.78 19.52 -7.15
C ILE C 279 -12.12 18.56 -8.13
N ILE C 280 -11.04 17.89 -7.70
CA ILE C 280 -10.40 16.93 -8.59
C ILE C 280 -11.32 15.74 -8.84
N ILE C 281 -12.02 15.28 -7.81
CA ILE C 281 -12.93 14.15 -7.98
C ILE C 281 -14.12 14.54 -8.84
N ARG C 282 -14.61 15.77 -8.66
CA ARG C 282 -15.67 16.28 -9.52
C ARG C 282 -15.21 16.35 -10.97
N TYR C 283 -13.97 16.76 -11.20
CA TYR C 283 -13.46 16.84 -12.57
C TYR C 283 -13.32 15.45 -13.18
N LEU C 284 -12.83 14.48 -12.41
CA LEU C 284 -12.80 13.09 -12.89
C LEU C 284 -14.19 12.58 -13.22
N MET C 285 -15.17 12.86 -12.38
CA MET C 285 -16.51 12.35 -12.65
C MET C 285 -17.13 13.04 -13.86
N PHE C 286 -16.87 14.33 -14.04
CA PHE C 286 -17.34 15.01 -15.24
C PHE C 286 -16.71 14.42 -16.49
N ILE C 287 -15.41 14.13 -16.44
CA ILE C 287 -14.75 13.50 -17.59
C ILE C 287 -15.32 12.10 -17.83
N MET C 288 -15.56 11.34 -16.76
CA MET C 288 -16.12 10.01 -16.91
C MET C 288 -17.49 10.05 -17.57
N ILE C 289 -18.35 10.97 -17.14
CA ILE C 289 -19.68 11.07 -17.72
C ILE C 289 -19.60 11.55 -19.17
N LEU C 290 -18.66 12.46 -19.45
CA LEU C 290 -18.48 12.90 -20.84
C LEU C 290 -18.07 11.74 -21.73
N VAL C 291 -17.15 10.90 -21.24
CA VAL C 291 -16.71 9.75 -22.03
C VAL C 291 -17.84 8.75 -22.20
N ALA C 292 -18.65 8.56 -21.16
CA ALA C 292 -19.81 7.67 -21.28
C ALA C 292 -20.80 8.19 -22.32
N PHE C 293 -21.04 9.49 -22.35
CA PHE C 293 -21.93 10.04 -23.36
C PHE C 293 -21.32 9.95 -24.75
N SER C 294 -19.99 10.06 -24.86
CA SER C 294 -19.35 9.83 -26.15
C SER C 294 -19.57 8.40 -26.60
N VAL C 295 -19.49 7.43 -25.68
CA VAL C 295 -19.79 6.04 -26.02
C VAL C 295 -21.24 5.90 -26.48
N ILE C 296 -22.16 6.52 -25.75
CA ILE C 296 -23.58 6.40 -26.09
C ILE C 296 -23.86 6.97 -27.47
N LEU C 297 -23.33 8.16 -27.74
CA LEU C 297 -23.61 8.79 -29.02
C LEU C 297 -22.84 8.12 -30.15
N SER C 298 -21.69 7.52 -29.86
CA SER C 298 -21.02 6.71 -30.87
C SER C 298 -21.86 5.50 -31.24
N VAL C 299 -22.48 4.86 -30.24
CA VAL C 299 -23.39 3.76 -30.52
C VAL C 299 -24.55 4.23 -31.37
N VAL C 300 -25.09 5.42 -31.05
CA VAL C 300 -26.21 5.95 -31.83
C VAL C 300 -25.79 6.20 -33.28
N VAL C 301 -24.62 6.80 -33.48
CA VAL C 301 -24.13 7.08 -34.83
C VAL C 301 -23.91 5.78 -35.60
N LEU C 302 -23.33 4.77 -34.94
CA LEU C 302 -23.12 3.49 -35.58
C LEU C 302 -24.44 2.83 -35.96
N ASN C 303 -25.43 2.95 -35.08
CA ASN C 303 -26.75 2.40 -35.39
C ASN C 303 -27.37 3.09 -36.60
N LEU C 304 -27.28 4.41 -36.65
CA LEU C 304 -27.82 5.13 -37.80
C LEU C 304 -27.09 4.77 -39.08
N HIS C 305 -25.77 4.60 -39.00
CA HIS C 305 -24.96 4.34 -40.18
C HIS C 305 -25.32 3.01 -40.82
N HIS C 306 -25.58 1.99 -40.02
CA HIS C 306 -25.79 0.62 -40.51
C HIS C 306 -27.25 0.30 -40.76
N ARG C 307 -28.07 1.28 -41.12
CA ARG C 307 -29.47 1.04 -41.41
C ARG C 307 -29.69 0.89 -42.91
N SER C 308 -30.73 0.14 -43.26
CA SER C 308 -31.04 -0.15 -44.66
C SER C 308 -32.55 -0.22 -44.81
N PRO C 309 -33.05 -0.04 -46.03
CA PRO C 309 -34.50 -0.21 -46.26
C PRO C 309 -35.00 -1.60 -45.92
N ASN C 310 -34.14 -2.62 -45.95
CA ASN C 310 -34.57 -3.96 -45.58
C ASN C 310 -34.89 -4.09 -44.10
N THR C 311 -34.50 -3.12 -43.29
CA THR C 311 -34.74 -3.17 -41.85
C THR C 311 -35.55 -1.99 -41.34
N HIS C 312 -35.26 -0.77 -41.81
CA HIS C 312 -35.90 0.42 -41.26
C HIS C 312 -36.51 1.25 -42.37
N THR C 313 -37.56 2.00 -42.02
CA THR C 313 -38.19 2.97 -42.89
C THR C 313 -37.88 4.36 -42.35
N MET C 314 -37.32 5.21 -43.18
CA MET C 314 -36.80 6.49 -42.72
C MET C 314 -37.95 7.46 -42.48
N PRO C 315 -38.09 8.01 -41.27
CA PRO C 315 -39.21 8.91 -40.99
C PRO C 315 -38.98 10.28 -41.61
N ASN C 316 -40.08 11.02 -41.72
CA ASN C 316 -40.02 12.32 -42.39
C ASN C 316 -39.28 13.35 -41.55
N TRP C 317 -39.44 13.29 -40.22
CA TRP C 317 -38.81 14.29 -39.37
C TRP C 317 -37.28 14.17 -39.38
N ILE C 318 -36.75 12.94 -39.41
CA ILE C 318 -35.30 12.77 -39.50
C ILE C 318 -34.78 13.34 -40.81
N ARG C 319 -35.49 13.08 -41.91
CA ARG C 319 -35.07 13.62 -43.19
C ARG C 319 -35.11 15.15 -43.19
N GLN C 320 -36.15 15.72 -42.59
CA GLN C 320 -36.27 17.17 -42.54
C GLN C 320 -35.14 17.80 -41.72
N ILE C 321 -34.83 17.20 -40.56
CA ILE C 321 -33.87 17.81 -39.66
C ILE C 321 -32.44 17.59 -40.13
N PHE C 322 -32.09 16.35 -40.46
CA PHE C 322 -30.70 15.99 -40.65
C PHE C 322 -30.22 16.08 -42.08
N ILE C 323 -31.12 16.14 -43.05
CA ILE C 323 -30.74 16.25 -44.45
C ILE C 323 -31.05 17.62 -45.02
N GLU C 324 -32.18 18.22 -44.67
CA GLU C 324 -32.58 19.50 -45.22
C GLU C 324 -32.06 20.68 -44.41
N THR C 325 -32.01 20.54 -43.08
CA THR C 325 -31.83 21.69 -42.19
C THR C 325 -30.41 21.82 -41.64
N LEU C 326 -29.94 20.81 -40.92
CA LEU C 326 -28.64 20.93 -40.25
C LEU C 326 -27.43 21.09 -41.16
N PRO C 327 -27.28 20.36 -42.27
CA PRO C 327 -26.00 20.36 -43.01
C PRO C 327 -25.55 21.76 -43.41
N PRO C 328 -26.42 22.64 -43.92
CA PRO C 328 -25.96 24.00 -44.20
C PRO C 328 -25.44 24.73 -42.98
N PHE C 329 -26.04 24.48 -41.81
CA PHE C 329 -25.54 25.10 -40.59
C PHE C 329 -24.17 24.53 -40.19
N LEU C 330 -23.99 23.23 -40.34
CA LEU C 330 -22.72 22.60 -39.99
C LEU C 330 -21.73 22.54 -41.15
N TRP C 331 -22.09 23.08 -42.31
CA TRP C 331 -21.21 23.12 -43.48
C TRP C 331 -20.81 21.72 -43.93
N ILE C 332 -21.80 20.97 -44.40
CA ILE C 332 -21.55 19.64 -44.94
C ILE C 332 -21.98 19.62 -46.40
N GLN C 333 -23.28 19.79 -46.63
CA GLN C 333 -23.85 19.98 -47.97
C GLN C 333 -23.39 18.91 -48.96
N ARG C 334 -23.31 17.67 -48.49
CA ARG C 334 -23.03 16.51 -49.32
C ARG C 334 -21.87 16.71 -50.29
N PRO C 398 -35.92 -17.24 -82.58
CA PRO C 398 -35.09 -18.31 -82.00
C PRO C 398 -35.22 -18.36 -80.48
N GLN C 399 -35.42 -19.55 -79.93
CA GLN C 399 -35.64 -19.67 -78.49
C GLN C 399 -34.43 -19.17 -77.70
N ASP C 400 -33.23 -19.48 -78.17
CA ASP C 400 -32.03 -19.07 -77.46
C ASP C 400 -31.92 -17.55 -77.39
N LEU C 401 -32.25 -16.86 -78.47
CA LEU C 401 -32.16 -15.41 -78.48
C LEU C 401 -33.13 -14.79 -77.48
N LYS C 402 -34.37 -15.29 -77.43
CA LYS C 402 -35.31 -14.80 -76.43
C LYS C 402 -34.82 -15.07 -75.01
N GLU C 403 -34.25 -16.26 -74.78
CA GLU C 403 -33.74 -16.57 -73.45
C GLU C 403 -32.60 -15.61 -73.07
N ALA C 404 -31.69 -15.34 -73.99
CA ALA C 404 -30.58 -14.43 -73.70
C ALA C 404 -31.09 -13.02 -73.45
N VAL C 405 -32.06 -12.57 -74.23
CA VAL C 405 -32.63 -11.25 -74.03
C VAL C 405 -33.28 -11.15 -72.66
N GLU C 406 -34.00 -12.20 -72.26
CA GLU C 406 -34.61 -12.21 -70.93
C GLU C 406 -33.56 -12.16 -69.84
N ALA C 407 -32.47 -12.90 -70.01
CA ALA C 407 -31.40 -12.90 -69.01
C ALA C 407 -30.78 -11.51 -68.88
N ILE C 408 -30.51 -10.85 -70.01
CA ILE C 408 -29.93 -9.51 -69.96
C ILE C 408 -30.89 -8.54 -69.30
N LYS C 409 -32.18 -8.63 -69.63
CA LYS C 409 -33.18 -7.76 -69.03
C LYS C 409 -33.24 -7.96 -67.52
N TYR C 410 -33.18 -9.22 -67.08
CA TYR C 410 -33.19 -9.51 -65.65
C TYR C 410 -31.98 -8.93 -64.95
N ILE C 411 -30.81 -9.05 -65.58
CA ILE C 411 -29.60 -8.48 -64.98
C ILE C 411 -29.72 -6.97 -64.85
N ALA C 412 -30.25 -6.31 -65.89
CA ALA C 412 -30.43 -4.87 -65.81
C ALA C 412 -31.39 -4.49 -64.68
N GLU C 413 -32.48 -5.23 -64.53
CA GLU C 413 -33.42 -4.93 -63.45
C GLU C 413 -32.77 -5.12 -62.09
N GLN C 414 -31.97 -6.18 -61.93
CA GLN C 414 -31.27 -6.39 -60.67
C GLN C 414 -30.33 -5.23 -60.35
N LEU C 415 -29.59 -4.75 -61.36
CA LEU C 415 -28.69 -3.62 -61.14
C LEU C 415 -29.47 -2.37 -60.74
N GLU C 416 -30.61 -2.13 -61.39
CA GLU C 416 -31.41 -0.96 -61.05
C GLU C 416 -31.93 -1.02 -59.62
N SER C 417 -32.44 -2.18 -59.21
CA SER C 417 -32.92 -2.34 -57.85
C SER C 417 -31.80 -2.14 -56.84
N ALA C 418 -30.62 -2.71 -57.13
CA ALA C 418 -29.48 -2.53 -56.23
C ALA C 418 -29.09 -1.06 -56.14
N SER C 419 -29.17 -0.32 -57.26
CA SER C 419 -28.84 1.09 -57.23
C SER C 419 -29.80 1.88 -56.34
N GLU C 420 -31.09 1.58 -56.44
CA GLU C 420 -32.06 2.27 -55.58
C GLU C 420 -31.80 1.97 -54.11
N PHE C 421 -31.54 0.69 -53.79
CA PHE C 421 -31.22 0.31 -52.43
C PHE C 421 -29.98 1.03 -51.92
N ASP C 422 -28.95 1.14 -52.77
CA ASP C 422 -27.74 1.83 -52.39
C ASP C 422 -27.99 3.31 -52.15
N ASP C 423 -28.86 3.93 -52.94
CA ASP C 423 -29.17 5.33 -52.72
C ASP C 423 -29.83 5.55 -51.36
N LEU C 424 -30.79 4.69 -51.01
CA LEU C 424 -31.41 4.84 -49.69
C LEU C 424 -30.41 4.60 -48.56
N LYS C 425 -29.53 3.61 -48.72
CA LYS C 425 -28.49 3.39 -47.72
C LYS C 425 -27.59 4.61 -47.59
N LYS C 426 -27.25 5.23 -48.71
CA LYS C 426 -26.43 6.44 -48.65
C LYS C 426 -27.15 7.56 -47.93
N ASP C 427 -28.48 7.64 -48.07
CA ASP C 427 -29.23 8.63 -47.29
C ASP C 427 -29.08 8.37 -45.80
N TRP C 428 -29.23 7.12 -45.39
CA TRP C 428 -29.06 6.79 -43.97
C TRP C 428 -27.66 7.13 -43.49
N GLN C 429 -26.65 6.80 -44.29
CA GLN C 429 -25.27 7.06 -43.90
C GLN C 429 -24.98 8.56 -43.81
N TYR C 430 -25.58 9.34 -44.71
CA TYR C 430 -25.43 10.79 -44.64
C TYR C 430 -26.07 11.36 -43.39
N VAL C 431 -27.24 10.84 -43.00
CA VAL C 431 -27.85 11.27 -41.74
C VAL C 431 -26.91 10.97 -40.59
N ALA C 432 -26.30 9.78 -40.59
CA ALA C 432 -25.36 9.44 -39.53
C ALA C 432 -24.18 10.41 -39.52
N MET C 433 -23.66 10.76 -40.69
CA MET C 433 -22.53 11.69 -40.77
C MET C 433 -22.90 13.06 -40.20
N VAL C 434 -24.06 13.57 -40.56
CA VAL C 434 -24.48 14.89 -40.08
C VAL C 434 -24.65 14.87 -38.57
N ALA C 435 -25.30 13.83 -38.05
CA ALA C 435 -25.46 13.71 -36.60
C ALA C 435 -24.11 13.62 -35.91
N ASP C 436 -23.15 12.93 -36.54
CA ASP C 436 -21.83 12.78 -35.95
C ASP C 436 -21.11 14.13 -35.87
N ARG C 437 -21.21 14.95 -36.93
CA ARG C 437 -20.61 16.28 -36.87
C ARG C 437 -21.28 17.15 -35.81
N LEU C 438 -22.60 17.04 -35.69
CA LEU C 438 -23.31 17.79 -34.65
C LEU C 438 -22.81 17.39 -33.27
N PHE C 439 -22.65 16.08 -33.03
CA PHE C 439 -22.13 15.63 -31.75
C PHE C 439 -20.71 16.13 -31.52
N LEU C 440 -19.89 16.14 -32.57
CA LEU C 440 -18.53 16.64 -32.43
C LEU C 440 -18.53 18.07 -31.93
N TYR C 441 -19.30 18.94 -32.58
CA TYR C 441 -19.34 20.34 -32.15
C TYR C 441 -19.90 20.49 -30.74
N VAL C 442 -20.99 19.77 -30.44
CA VAL C 442 -21.63 19.92 -29.14
C VAL C 442 -20.71 19.46 -28.03
N PHE C 443 -20.05 18.31 -28.22
CA PHE C 443 -19.15 17.81 -27.19
C PHE C 443 -17.92 18.70 -27.04
N PHE C 444 -17.39 19.23 -28.14
CA PHE C 444 -16.29 20.17 -28.02
C PHE C 444 -16.68 21.36 -27.17
N VAL C 445 -17.84 21.95 -27.44
CA VAL C 445 -18.28 23.11 -26.68
C VAL C 445 -18.47 22.74 -25.21
N ILE C 446 -19.16 21.62 -24.95
CA ILE C 446 -19.48 21.24 -23.58
C ILE C 446 -18.20 20.96 -22.80
N CYS C 447 -17.28 20.20 -23.39
CA CYS C 447 -16.03 19.86 -22.70
C CYS C 447 -15.20 21.11 -22.42
N SER C 448 -15.07 21.99 -23.41
CA SER C 448 -14.30 23.21 -23.19
C SER C 448 -14.91 24.05 -22.07
N ILE C 449 -16.23 24.26 -22.12
CA ILE C 449 -16.89 25.10 -21.11
C ILE C 449 -16.75 24.47 -19.73
N GLY C 450 -16.97 23.16 -19.62
CA GLY C 450 -16.89 22.51 -18.32
C GLY C 450 -15.49 22.56 -17.73
N THR C 451 -14.49 22.22 -18.54
CA THR C 451 -13.11 22.25 -18.04
C THR C 451 -12.70 23.66 -17.64
N PHE C 452 -13.06 24.64 -18.46
CA PHE C 452 -12.72 26.03 -18.15
C PHE C 452 -13.41 26.47 -16.86
N SER C 453 -14.68 26.13 -16.70
CA SER C 453 -15.41 26.51 -15.49
C SER C 453 -14.76 25.90 -14.25
N ILE C 454 -14.43 24.61 -14.32
CA ILE C 454 -13.83 23.95 -13.16
C ILE C 454 -12.47 24.54 -12.84
N PHE C 455 -11.67 24.84 -13.86
CA PHE C 455 -10.34 25.38 -13.61
C PHE C 455 -10.39 26.79 -13.03
N LEU C 456 -11.26 27.66 -13.54
CA LEU C 456 -11.38 28.98 -12.91
C LEU C 456 -11.95 28.89 -11.51
N ASP C 457 -12.91 27.99 -11.28
CA ASP C 457 -13.41 27.80 -9.93
C ASP C 457 -12.30 27.39 -8.98
N ALA C 458 -11.44 26.46 -9.41
CA ALA C 458 -10.33 26.03 -8.57
C ALA C 458 -9.30 27.14 -8.38
N SER C 459 -9.03 27.91 -9.43
CA SER C 459 -8.00 28.94 -9.39
C SER C 459 -8.45 30.20 -8.66
N HIS C 460 -9.73 30.38 -8.42
CA HIS C 460 -10.21 31.52 -7.65
C HIS C 460 -10.20 31.24 -6.15
N ASN C 461 -9.67 30.10 -5.72
CA ASN C 461 -9.62 29.72 -4.32
C ASN C 461 -8.28 30.18 -3.74
N VAL C 462 -8.31 31.25 -2.95
CA VAL C 462 -7.10 31.83 -2.37
C VAL C 462 -7.33 32.08 -0.89
N PRO C 463 -6.30 31.86 -0.07
CA PRO C 463 -6.44 32.17 1.35
C PRO C 463 -6.67 33.65 1.56
N PRO C 464 -7.42 34.03 2.58
CA PRO C 464 -7.75 35.44 2.76
C PRO C 464 -6.52 36.27 3.13
N ASP C 465 -6.59 37.56 2.78
CA ASP C 465 -5.51 38.47 3.13
C ASP C 465 -5.42 38.65 4.63
N ASN C 466 -6.56 38.72 5.31
CA ASN C 466 -6.59 38.84 6.76
C ASN C 466 -6.82 37.47 7.38
N PRO C 467 -5.91 36.98 8.22
CA PRO C 467 -6.09 35.63 8.79
C PRO C 467 -7.28 35.51 9.72
N PHE C 468 -7.85 36.62 10.18
CA PHE C 468 -8.95 36.67 11.13
C PHE C 468 -8.57 36.15 12.50
N ALA C 469 -7.28 35.99 12.77
CA ALA C 469 -6.83 35.41 14.03
C ALA C 469 -5.50 36.02 14.48
N SER D 1 5.02 28.59 47.03
CA SER D 1 4.30 29.00 48.22
C SER D 1 4.77 28.22 49.43
N GLU D 2 5.23 28.93 50.46
CA GLU D 2 5.69 28.24 51.66
C GLU D 2 4.54 27.58 52.42
N HIS D 3 3.36 28.21 52.42
CA HIS D 3 2.20 27.60 53.03
C HIS D 3 1.83 26.31 52.33
N GLU D 4 1.78 26.33 50.99
CA GLU D 4 1.48 25.12 50.24
C GLU D 4 2.60 24.10 50.36
N THR D 5 3.84 24.54 50.47
CA THR D 5 4.94 23.61 50.69
C THR D 5 4.76 22.86 51.99
N ARG D 6 4.46 23.59 53.07
CA ARG D 6 4.24 22.95 54.37
C ARG D 6 3.03 22.04 54.32
N LEU D 7 1.97 22.45 53.63
CA LEU D 7 0.78 21.61 53.52
C LEU D 7 1.08 20.31 52.82
N VAL D 8 1.80 20.37 51.70
CA VAL D 8 2.13 19.16 50.96
C VAL D 8 3.06 18.27 51.77
N ALA D 9 3.98 18.88 52.53
CA ALA D 9 4.87 18.08 53.38
C ALA D 9 4.08 17.34 54.46
N ASN D 10 3.13 18.02 55.10
CA ASN D 10 2.36 17.41 56.17
C ASN D 10 1.23 16.52 55.68
N LEU D 11 0.88 16.60 54.40
CA LEU D 11 -0.30 15.93 53.90
C LEU D 11 0.01 14.56 53.32
N LEU D 12 1.27 14.28 53.01
CA LEU D 12 1.68 12.98 52.50
C LEU D 12 2.71 12.31 53.40
N GLU D 13 2.89 12.81 54.61
CA GLU D 13 3.93 12.29 55.50
C GLU D 13 3.66 10.84 55.89
N ASN D 14 2.42 10.52 56.24
CA ASN D 14 2.02 9.18 56.63
C ASN D 14 0.91 8.67 55.73
N TYR D 15 0.96 9.01 54.46
CA TYR D 15 -0.07 8.63 53.50
C TYR D 15 0.42 7.42 52.73
N ASN D 16 -0.31 6.33 52.82
CA ASN D 16 -0.04 5.12 52.06
C ASN D 16 -1.02 5.05 50.90
N LYS D 17 -0.51 5.12 49.69
CA LYS D 17 -1.36 5.12 48.52
C LYS D 17 -1.83 3.72 48.13
N VAL D 18 -1.44 2.71 48.90
CA VAL D 18 -1.92 1.36 48.68
C VAL D 18 -3.28 1.13 49.32
N ILE D 19 -3.63 1.92 50.31
CA ILE D 19 -4.81 1.67 51.14
C ILE D 19 -6.00 2.42 50.58
N ARG D 20 -7.19 1.81 50.68
CA ARG D 20 -8.41 2.47 50.26
C ARG D 20 -8.67 3.70 51.12
N PRO D 21 -9.25 4.75 50.55
CA PRO D 21 -9.58 5.95 51.33
C PRO D 21 -10.94 5.84 52.00
N VAL D 22 -11.04 5.00 53.02
CA VAL D 22 -12.27 4.81 53.77
C VAL D 22 -11.95 4.88 55.26
N GLU D 23 -12.88 5.45 56.01
CA GLU D 23 -12.72 5.51 57.47
C GLU D 23 -12.76 4.12 58.08
N HIS D 24 -13.63 3.25 57.57
CA HIS D 24 -13.72 1.88 58.05
C HIS D 24 -13.66 0.93 56.85
N HIS D 25 -13.07 -0.25 57.06
CA HIS D 25 -12.90 -1.18 55.96
C HIS D 25 -14.21 -1.75 55.45
N THR D 26 -15.31 -1.57 56.18
CA THR D 26 -16.62 -2.01 55.72
C THR D 26 -17.33 -0.97 54.86
N HIS D 27 -16.81 0.24 54.79
CA HIS D 27 -17.37 1.27 53.92
C HIS D 27 -16.88 1.08 52.49
N PHE D 28 -17.45 1.86 51.59
CA PHE D 28 -17.06 1.83 50.19
C PHE D 28 -16.73 3.24 49.73
N VAL D 29 -15.83 3.33 48.76
CA VAL D 29 -15.50 4.59 48.12
C VAL D 29 -16.53 4.84 47.03
N ASP D 30 -17.20 5.99 47.08
CA ASP D 30 -18.15 6.37 46.06
C ASP D 30 -17.42 7.26 45.05
N ILE D 31 -17.27 6.76 43.84
CA ILE D 31 -16.55 7.47 42.78
C ILE D 31 -17.53 7.89 41.71
N THR D 32 -17.57 9.17 41.41
CA THR D 32 -18.42 9.71 40.35
C THR D 32 -17.64 9.72 39.05
N VAL D 33 -18.00 8.85 38.13
CA VAL D 33 -17.28 8.69 36.88
C VAL D 33 -18.07 9.38 35.77
N GLY D 34 -17.43 10.27 35.06
CA GLY D 34 -18.04 10.91 33.90
C GLY D 34 -17.10 10.84 32.72
N LEU D 35 -17.68 10.57 31.56
CA LEU D 35 -16.91 10.40 30.35
C LEU D 35 -17.17 11.57 29.42
N GLN D 36 -16.11 12.19 28.91
CA GLN D 36 -16.21 13.32 28.02
C GLN D 36 -15.56 12.95 26.70
N LEU D 37 -16.35 12.96 25.62
CA LEU D 37 -15.86 12.57 24.30
C LEU D 37 -15.30 13.80 23.59
N ILE D 38 -14.02 13.77 23.30
CA ILE D 38 -13.36 14.91 22.65
C ILE D 38 -13.34 14.74 21.14
N GLN D 39 -13.10 13.53 20.65
CA GLN D 39 -12.90 13.33 19.23
C GLN D 39 -13.14 11.86 18.89
N LEU D 40 -13.73 11.62 17.74
CA LEU D 40 -13.89 10.28 17.19
C LEU D 40 -12.79 10.09 16.16
N ILE D 41 -11.71 9.40 16.56
CA ILE D 41 -10.54 9.32 15.70
C ILE D 41 -10.82 8.49 14.47
N SER D 42 -11.40 7.30 14.64
CA SER D 42 -11.65 6.41 13.51
C SER D 42 -12.53 5.27 13.95
N VAL D 43 -13.16 4.62 12.96
CA VAL D 43 -13.89 3.39 13.16
C VAL D 43 -13.33 2.37 12.17
N ASP D 44 -12.79 1.27 12.71
CA ASP D 44 -12.19 0.21 11.88
C ASP D 44 -13.23 -0.89 11.69
N GLU D 45 -13.85 -0.93 10.52
CA GLU D 45 -14.88 -1.93 10.26
C GLU D 45 -14.29 -3.32 10.19
N VAL D 46 -13.09 -3.46 9.64
CA VAL D 46 -12.49 -4.78 9.45
C VAL D 46 -12.23 -5.44 10.79
N ASN D 47 -11.56 -4.73 11.70
CA ASN D 47 -11.21 -5.30 13.00
C ASN D 47 -12.24 -5.02 14.08
N GLN D 48 -13.27 -4.22 13.78
CA GLN D 48 -14.32 -3.89 14.74
C GLN D 48 -13.76 -3.16 15.97
N ILE D 49 -12.97 -2.12 15.71
CA ILE D 49 -12.35 -1.33 16.76
C ILE D 49 -12.71 0.13 16.54
N VAL D 50 -13.19 0.80 17.59
CA VAL D 50 -13.49 2.22 17.57
C VAL D 50 -12.46 2.94 18.42
N GLU D 51 -11.82 3.94 17.84
CA GLU D 51 -10.79 4.72 18.52
C GLU D 51 -11.35 6.09 18.85
N THR D 52 -11.34 6.44 20.13
CA THR D 52 -11.86 7.72 20.58
C THR D 52 -10.89 8.38 21.54
N ASN D 53 -10.86 9.70 21.52
CA ASN D 53 -10.06 10.50 22.43
C ASN D 53 -11.02 11.06 23.49
N VAL D 54 -10.78 10.70 24.75
CA VAL D 54 -11.72 10.99 25.82
C VAL D 54 -10.96 11.57 27.01
N ARG D 55 -11.73 12.21 27.90
CA ARG D 55 -11.27 12.57 29.24
C ARG D 55 -12.14 11.83 30.25
N LEU D 56 -11.50 11.11 31.15
CA LEU D 56 -12.21 10.24 32.10
C LEU D 56 -12.26 10.96 33.45
N ARG D 57 -13.33 11.71 33.66
CA ARG D 57 -13.47 12.48 34.89
C ARG D 57 -13.84 11.56 36.06
N GLN D 58 -13.10 11.69 37.16
CA GLN D 58 -13.35 10.88 38.34
C GLN D 58 -13.34 11.76 39.57
N GLN D 59 -14.31 11.55 40.45
CA GLN D 59 -14.45 12.33 41.67
C GLN D 59 -14.66 11.39 42.84
N TRP D 60 -13.93 11.60 43.93
CA TRP D 60 -14.13 10.83 45.15
C TRP D 60 -13.55 11.63 46.32
N ILE D 61 -13.90 11.18 47.51
CA ILE D 61 -13.45 11.81 48.76
C ILE D 61 -12.38 10.94 49.38
N ASP D 62 -11.28 11.57 49.79
CA ASP D 62 -10.20 10.92 50.50
C ASP D 62 -10.04 11.63 51.84
N VAL D 63 -10.53 11.00 52.91
CA VAL D 63 -10.56 11.65 54.22
C VAL D 63 -9.15 11.91 54.73
N ARG D 64 -8.17 11.11 54.33
CA ARG D 64 -6.81 11.30 54.82
C ARG D 64 -6.15 12.56 54.28
N LEU D 65 -6.72 13.18 53.26
CA LEU D 65 -6.09 14.31 52.58
C LEU D 65 -6.84 15.61 52.82
N ARG D 66 -7.46 15.76 53.99
CA ARG D 66 -8.16 16.98 54.34
C ARG D 66 -7.33 17.80 55.29
N TRP D 67 -7.55 19.11 55.26
CA TRP D 67 -6.81 20.03 56.11
C TRP D 67 -7.69 21.24 56.42
N ASN D 68 -7.28 21.99 57.44
CA ASN D 68 -7.98 23.21 57.82
C ASN D 68 -7.34 24.38 57.08
N PRO D 69 -8.08 25.09 56.22
CA PRO D 69 -7.47 26.20 55.49
C PRO D 69 -6.90 27.28 56.37
N ALA D 70 -7.46 27.48 57.56
CA ALA D 70 -7.00 28.57 58.42
C ALA D 70 -5.56 28.38 58.89
N ASP D 71 -5.05 27.16 58.89
CA ASP D 71 -3.69 26.88 59.35
C ASP D 71 -2.65 27.04 58.25
N TYR D 72 -3.08 27.30 57.01
CA TYR D 72 -2.16 27.36 55.88
C TYR D 72 -2.44 28.58 55.02
N GLY D 73 -2.77 29.70 55.66
CA GLY D 73 -2.96 30.93 54.93
C GLY D 73 -4.19 30.98 54.06
N GLY D 74 -5.20 30.18 54.34
CA GLY D 74 -6.43 30.22 53.57
C GLY D 74 -6.44 29.42 52.31
N ILE D 75 -5.50 28.49 52.14
CA ILE D 75 -5.49 27.63 50.96
C ILE D 75 -6.67 26.68 51.01
N LYS D 76 -7.42 26.59 49.90
CA LYS D 76 -8.55 25.67 49.82
C LYS D 76 -8.40 24.61 48.75
N LYS D 77 -7.58 24.81 47.72
CA LYS D 77 -7.39 23.82 46.67
C LYS D 77 -5.92 23.78 46.28
N ILE D 78 -5.40 22.57 46.13
CA ILE D 78 -4.04 22.35 45.65
C ILE D 78 -4.08 21.31 44.56
N ARG D 79 -3.03 21.28 43.75
CA ARG D 79 -2.86 20.29 42.70
C ARG D 79 -1.77 19.32 43.11
N LEU D 80 -2.08 18.03 43.08
CA LEU D 80 -1.13 17.00 43.42
C LEU D 80 -0.95 16.05 42.26
N PRO D 81 0.24 15.48 42.08
CA PRO D 81 0.41 14.41 41.10
C PRO D 81 -0.47 13.23 41.44
N SER D 82 -1.10 12.65 40.42
CA SER D 82 -2.05 11.57 40.67
C SER D 82 -1.38 10.33 41.21
N ASP D 83 -0.08 10.15 40.99
CA ASP D 83 0.62 8.96 41.44
C ASP D 83 1.06 9.05 42.89
N ASP D 84 0.75 10.16 43.57
CA ASP D 84 1.05 10.31 44.99
C ASP D 84 -0.05 9.79 45.89
N VAL D 85 -1.26 9.60 45.38
CA VAL D 85 -2.42 9.27 46.18
C VAL D 85 -3.03 7.98 45.66
N TRP D 86 -3.97 7.43 46.44
CA TRP D 86 -4.75 6.29 46.01
C TRP D 86 -5.62 6.65 44.82
N LEU D 87 -5.66 5.77 43.82
CA LEU D 87 -6.46 5.99 42.63
C LEU D 87 -7.34 4.78 42.37
N PRO D 88 -8.53 4.99 41.84
CA PRO D 88 -9.35 3.85 41.40
C PRO D 88 -8.81 3.25 40.13
N ASP D 89 -8.77 1.92 40.08
CA ASP D 89 -8.28 1.20 38.92
C ASP D 89 -9.42 0.92 37.95
N LEU D 90 -9.86 1.99 37.30
CA LEU D 90 -10.87 1.87 36.26
C LEU D 90 -10.25 1.25 35.01
N VAL D 91 -10.93 0.26 34.46
CA VAL D 91 -10.45 -0.47 33.29
C VAL D 91 -11.54 -0.46 32.23
N LEU D 92 -11.15 -0.24 30.98
CA LEU D 92 -12.06 -0.38 29.85
C LEU D 92 -12.20 -1.85 29.53
N TYR D 93 -13.32 -2.44 29.93
CA TYR D 93 -13.48 -3.89 29.82
C TYR D 93 -13.44 -4.36 28.37
N ASN D 94 -14.09 -3.63 27.47
CA ASN D 94 -14.10 -4.00 26.06
C ASN D 94 -12.99 -3.35 25.27
N ASN D 95 -11.85 -3.09 25.90
CA ASN D 95 -10.68 -2.59 25.20
C ASN D 95 -10.26 -3.61 24.13
N ALA D 96 -10.08 -3.13 22.91
CA ALA D 96 -9.67 -4.03 21.83
C ALA D 96 -8.16 -4.23 21.81
N ASP D 97 -7.41 -3.18 21.51
CA ASP D 97 -5.96 -3.32 21.39
C ASP D 97 -5.21 -2.12 21.95
N GLY D 98 -5.84 -1.31 22.78
CA GLY D 98 -5.22 -0.14 23.37
C GLY D 98 -4.78 -0.40 24.79
N ASP D 99 -4.83 0.65 25.61
CA ASP D 99 -4.49 0.55 27.02
C ASP D 99 -5.72 0.17 27.83
N PHE D 100 -5.53 -0.71 28.80
CA PHE D 100 -6.66 -1.15 29.61
C PHE D 100 -7.04 -0.12 30.66
N ALA D 101 -6.07 0.58 31.23
CA ALA D 101 -6.30 1.55 32.27
C ALA D 101 -5.70 2.88 31.86
N ILE D 102 -5.90 3.90 32.69
CA ILE D 102 -5.33 5.21 32.41
C ILE D 102 -3.82 5.14 32.50
N VAL D 103 -3.15 5.69 31.49
CA VAL D 103 -1.69 5.72 31.48
C VAL D 103 -1.12 7.12 31.62
N HIS D 104 -1.89 8.16 31.35
CA HIS D 104 -1.41 9.54 31.47
C HIS D 104 -1.75 10.04 32.87
N MET D 105 -0.77 10.00 33.76
CA MET D 105 -0.98 10.36 35.16
C MET D 105 -0.86 11.87 35.33
N THR D 106 -1.90 12.58 34.91
CA THR D 106 -1.92 14.03 35.07
C THR D 106 -2.24 14.40 36.52
N LYS D 107 -1.94 15.64 36.87
CA LYS D 107 -2.18 16.12 38.22
C LYS D 107 -3.67 16.17 38.51
N LEU D 108 -4.02 16.00 39.78
CA LEU D 108 -5.42 16.06 40.21
C LEU D 108 -5.63 17.23 41.15
N LEU D 109 -6.88 17.65 41.24
CA LEU D 109 -7.27 18.80 42.06
C LEU D 109 -7.80 18.29 43.39
N LEU D 110 -7.18 18.74 44.47
CA LEU D 110 -7.53 18.30 45.82
C LEU D 110 -8.12 19.47 46.60
N ASP D 111 -9.31 19.28 47.13
CA ASP D 111 -10.02 20.28 47.90
C ASP D 111 -9.76 20.05 49.39
N TYR D 112 -9.87 21.12 50.18
CA TYR D 112 -9.51 21.02 51.59
C TYR D 112 -10.39 20.05 52.37
N THR D 113 -11.55 19.69 51.83
CA THR D 113 -12.40 18.70 52.46
C THR D 113 -12.04 17.28 52.04
N GLY D 114 -10.99 17.10 51.25
CA GLY D 114 -10.62 15.80 50.75
C GLY D 114 -11.26 15.42 49.42
N LYS D 115 -12.15 16.25 48.89
CA LYS D 115 -12.77 15.96 47.61
C LYS D 115 -11.73 16.08 46.51
N ILE D 116 -11.62 15.04 45.68
CA ILE D 116 -10.60 14.97 44.65
C ILE D 116 -11.27 14.98 43.29
N MET D 117 -10.69 15.74 42.36
CA MET D 117 -11.16 15.79 40.98
C MET D 117 -9.99 15.43 40.08
N TRP D 118 -10.09 14.29 39.39
CA TRP D 118 -9.06 13.80 38.50
C TRP D 118 -9.64 13.56 37.13
N THR D 119 -9.07 14.19 36.10
CA THR D 119 -9.58 14.11 34.74
C THR D 119 -8.45 13.77 33.78
N PRO D 120 -7.92 12.54 33.85
CA PRO D 120 -6.85 12.17 32.95
C PRO D 120 -7.37 12.01 31.53
N PRO D 121 -6.51 12.20 30.54
CA PRO D 121 -6.90 11.90 29.16
C PRO D 121 -6.63 10.44 28.81
N ALA D 122 -7.25 10.00 27.73
CA ALA D 122 -7.09 8.62 27.30
C ALA D 122 -7.46 8.48 25.83
N ILE D 123 -6.91 7.46 25.21
CA ILE D 123 -7.31 7.01 23.88
C ILE D 123 -7.93 5.63 24.07
N PHE D 124 -9.23 5.52 23.84
CA PHE D 124 -9.93 4.25 24.00
C PHE D 124 -10.05 3.56 22.65
N LYS D 125 -9.53 2.34 22.56
CA LYS D 125 -9.70 1.50 21.39
C LYS D 125 -10.59 0.33 21.83
N SER D 126 -11.89 0.50 21.68
CA SER D 126 -12.87 -0.44 22.22
C SER D 126 -13.44 -1.33 21.12
N TYR D 127 -13.69 -2.58 21.46
CA TYR D 127 -14.21 -3.56 20.53
C TYR D 127 -15.73 -3.44 20.45
N CYS D 128 -16.27 -3.42 19.23
CA CYS D 128 -17.71 -3.32 19.05
C CYS D 128 -18.13 -3.97 17.74
N GLU D 129 -19.29 -4.63 17.76
CA GLU D 129 -19.85 -5.24 16.56
C GLU D 129 -20.18 -4.22 15.48
N ILE D 130 -19.52 -4.32 14.34
CA ILE D 130 -19.82 -3.48 13.19
C ILE D 130 -20.78 -4.24 12.29
N ILE D 131 -21.90 -3.62 11.95
CA ILE D 131 -22.92 -4.23 11.12
C ILE D 131 -22.80 -3.61 9.74
N VAL D 132 -22.10 -4.30 8.84
CA VAL D 132 -21.97 -3.88 7.45
C VAL D 132 -23.02 -4.65 6.66
N THR D 133 -24.25 -4.13 6.68
CA THR D 133 -25.33 -4.75 5.93
C THR D 133 -25.96 -3.68 5.04
N HIS D 134 -26.01 -2.46 5.55
CA HIS D 134 -26.50 -1.32 4.79
C HIS D 134 -25.38 -0.36 4.44
N PHE D 135 -24.13 -0.83 4.48
CA PHE D 135 -23.00 -0.02 4.09
C PHE D 135 -23.18 0.47 2.65
N PRO D 136 -22.93 1.76 2.36
CA PRO D 136 -22.40 2.78 3.27
C PRO D 136 -23.46 3.57 4.03
N PHE D 137 -24.73 3.21 3.88
CA PHE D 137 -25.80 3.88 4.60
C PHE D 137 -26.08 3.19 5.93
N ASP D 138 -25.02 2.94 6.71
CA ASP D 138 -25.10 2.08 7.87
C ASP D 138 -25.02 2.90 9.15
N GLN D 139 -25.70 2.41 10.18
CA GLN D 139 -25.69 3.01 11.52
C GLN D 139 -25.01 2.05 12.48
N GLN D 140 -24.07 2.56 13.25
CA GLN D 140 -23.29 1.74 14.18
C GLN D 140 -23.57 2.16 15.62
N ASN D 141 -23.62 1.18 16.50
CA ASN D 141 -23.87 1.37 17.93
C ASN D 141 -22.68 0.75 18.67
N CYS D 142 -21.71 1.57 19.04
CA CYS D 142 -20.48 1.08 19.65
C CYS D 142 -20.34 1.66 21.05
N THR D 143 -19.93 0.82 21.98
CA THR D 143 -20.05 1.08 23.41
C THR D 143 -18.67 1.11 24.08
N MET D 144 -18.66 1.64 25.30
CA MET D 144 -17.47 1.68 26.15
C MET D 144 -17.88 1.22 27.54
N LYS D 145 -17.32 0.10 27.99
CA LYS D 145 -17.67 -0.48 29.28
C LYS D 145 -16.55 -0.18 30.28
N LEU D 146 -16.90 0.48 31.38
CA LEU D 146 -15.94 0.88 32.40
C LEU D 146 -16.32 0.30 33.74
N GLY D 147 -15.32 -0.10 34.52
CA GLY D 147 -15.58 -0.62 35.84
C GLY D 147 -14.28 -0.83 36.59
N ILE D 148 -14.42 -0.95 37.91
CA ILE D 148 -13.28 -1.21 38.77
C ILE D 148 -12.85 -2.65 38.60
N TRP D 149 -11.56 -2.86 38.31
CA TRP D 149 -11.08 -4.18 37.93
C TRP D 149 -11.09 -5.15 39.10
N THR D 150 -10.57 -4.73 40.25
CA THR D 150 -10.25 -5.66 41.32
C THR D 150 -11.12 -5.49 42.56
N TYR D 151 -12.07 -4.57 42.56
CA TYR D 151 -12.97 -4.38 43.69
C TYR D 151 -14.40 -4.66 43.27
N ASP D 152 -15.19 -5.19 44.20
CA ASP D 152 -16.60 -5.37 43.99
C ASP D 152 -17.35 -4.12 44.44
N GLY D 153 -18.68 -4.15 44.38
CA GLY D 153 -19.46 -2.95 44.67
C GLY D 153 -19.56 -2.60 46.13
N THR D 154 -19.22 -3.53 47.02
CA THR D 154 -19.24 -3.25 48.44
C THR D 154 -17.97 -2.58 48.93
N LYS D 155 -16.94 -2.52 48.09
CA LYS D 155 -15.67 -1.89 48.44
C LYS D 155 -15.40 -0.61 47.68
N VAL D 156 -15.77 -0.56 46.40
CA VAL D 156 -15.59 0.61 45.55
C VAL D 156 -16.81 0.70 44.64
N SER D 157 -17.62 1.73 44.82
CA SER D 157 -18.83 1.91 44.02
C SER D 157 -18.63 3.08 43.07
N ILE D 158 -18.93 2.85 41.79
CA ILE D 158 -18.85 3.87 40.75
C ILE D 158 -20.27 4.19 40.29
N SER D 159 -20.55 5.48 40.13
CA SER D 159 -21.85 5.92 39.63
C SER D 159 -21.66 6.95 38.53
N PRO D 160 -22.54 6.96 37.54
CA PRO D 160 -22.39 7.93 36.44
C PRO D 160 -22.59 9.35 36.92
N GLU D 161 -21.81 10.26 36.33
CA GLU D 161 -21.96 11.68 36.65
C GLU D 161 -23.28 12.23 36.10
N SER D 162 -23.65 11.82 34.89
CA SER D 162 -24.94 12.15 34.31
C SER D 162 -25.38 10.98 33.44
N ASP D 163 -26.61 11.06 32.93
CA ASP D 163 -27.14 9.96 32.15
C ASP D 163 -26.62 9.93 30.72
N ARG D 164 -25.89 10.95 30.29
CA ARG D 164 -25.33 11.00 28.96
C ARG D 164 -23.87 11.37 29.03
N PRO D 165 -23.04 10.88 28.11
CA PRO D 165 -21.66 11.36 28.03
C PRO D 165 -21.63 12.83 27.67
N ASP D 166 -20.56 13.49 28.09
CA ASP D 166 -20.38 14.91 27.76
C ASP D 166 -19.79 15.02 26.37
N LEU D 167 -20.58 15.54 25.43
CA LEU D 167 -20.10 15.85 24.08
C LEU D 167 -20.15 17.36 23.83
N SER D 168 -20.00 18.15 24.90
CA SER D 168 -20.05 19.59 24.78
C SER D 168 -18.92 20.13 23.90
N THR D 169 -17.72 19.56 24.03
CA THR D 169 -16.57 19.97 23.25
C THR D 169 -16.20 18.93 22.20
N PHE D 170 -17.18 18.21 21.69
CA PHE D 170 -16.93 17.21 20.66
C PHE D 170 -16.51 17.87 19.36
N MET D 171 -15.60 17.23 18.63
CA MET D 171 -15.19 17.67 17.32
C MET D 171 -16.02 16.95 16.27
N GLU D 172 -16.58 17.70 15.33
CA GLU D 172 -17.35 17.10 14.25
C GLU D 172 -16.46 16.15 13.45
N SER D 173 -16.96 14.93 13.23
CA SER D 173 -16.11 13.86 12.71
C SER D 173 -15.77 14.07 11.25
N GLY D 174 -16.74 14.45 10.44
CA GLY D 174 -16.56 14.50 9.01
C GLY D 174 -16.84 13.20 8.30
N GLU D 175 -16.90 12.10 9.03
CA GLU D 175 -17.32 10.82 8.50
C GLU D 175 -18.53 10.23 9.21
N TRP D 176 -18.79 10.64 10.45
CA TRP D 176 -19.88 10.09 11.25
C TRP D 176 -20.67 11.22 11.88
N VAL D 177 -21.97 11.01 12.02
CA VAL D 177 -22.87 11.93 12.69
C VAL D 177 -23.37 11.23 13.95
N MET D 178 -23.36 11.95 15.07
CA MET D 178 -23.66 11.35 16.37
C MET D 178 -25.15 11.47 16.62
N LYS D 179 -25.90 10.41 16.29
CA LYS D 179 -27.34 10.42 16.49
C LYS D 179 -27.70 10.52 17.96
N ASP D 180 -27.13 9.66 18.79
CA ASP D 180 -27.54 9.56 20.18
C ASP D 180 -26.40 9.01 21.01
N TYR D 181 -26.46 9.26 22.31
CA TYR D 181 -25.48 8.74 23.25
C TYR D 181 -26.07 8.74 24.63
N ARG D 182 -25.73 7.73 25.42
CA ARG D 182 -26.28 7.59 26.76
C ARG D 182 -25.30 6.78 27.60
N GLY D 183 -25.46 6.84 28.90
CA GLY D 183 -24.65 6.07 29.82
C GLY D 183 -25.52 5.36 30.84
N TRP D 184 -25.22 4.08 31.05
CA TRP D 184 -26.04 3.23 31.91
C TRP D 184 -25.16 2.52 32.92
N LYS D 185 -25.68 2.38 34.14
CA LYS D 185 -25.01 1.63 35.19
C LYS D 185 -25.73 0.31 35.40
N HIS D 186 -24.95 -0.77 35.53
CA HIS D 186 -25.49 -2.11 35.68
C HIS D 186 -25.02 -2.74 36.98
N TRP D 187 -25.91 -3.50 37.61
CA TRP D 187 -25.57 -4.36 38.73
C TRP D 187 -25.54 -5.80 38.24
N VAL D 188 -24.43 -6.48 38.45
CA VAL D 188 -24.26 -7.86 38.02
C VAL D 188 -23.97 -8.71 39.24
N TYR D 189 -24.75 -9.78 39.41
CA TYR D 189 -24.58 -10.72 40.50
C TYR D 189 -24.20 -12.09 39.95
N TYR D 190 -23.68 -12.94 40.83
CA TYR D 190 -23.21 -14.26 40.46
C TYR D 190 -23.83 -15.32 41.35
N THR D 191 -23.76 -16.57 40.88
CA THR D 191 -24.31 -17.71 41.61
C THR D 191 -23.68 -17.87 42.99
N CYS D 192 -22.43 -17.40 43.17
CA CYS D 192 -21.80 -17.39 44.48
C CYS D 192 -22.72 -16.89 45.57
N CYS D 193 -23.15 -15.66 45.40
CA CYS D 193 -23.56 -14.85 46.52
C CYS D 193 -24.23 -13.56 46.04
N PRO D 194 -25.43 -13.26 46.49
CA PRO D 194 -26.18 -12.10 46.00
C PRO D 194 -25.95 -10.81 46.77
N ASP D 195 -25.04 -10.80 47.73
CA ASP D 195 -24.72 -9.60 48.50
C ASP D 195 -23.51 -8.86 47.96
N THR D 196 -22.95 -9.28 46.85
CA THR D 196 -21.71 -8.72 46.31
C THR D 196 -21.98 -8.27 44.88
N PRO D 197 -22.52 -7.06 44.72
CA PRO D 197 -22.77 -6.56 43.37
C PRO D 197 -21.49 -6.18 42.66
N TYR D 198 -21.45 -6.41 41.35
CA TYR D 198 -20.35 -5.99 40.51
C TYR D 198 -20.86 -4.93 39.55
N LEU D 199 -20.25 -3.75 39.60
CA LEU D 199 -20.76 -2.57 38.92
C LEU D 199 -19.97 -2.29 37.67
N ASP D 200 -20.67 -1.85 36.63
CA ASP D 200 -20.03 -1.37 35.41
C ASP D 200 -20.88 -0.25 34.85
N ILE D 201 -20.23 0.68 34.15
CA ILE D 201 -20.92 1.76 33.47
C ILE D 201 -20.62 1.63 31.98
N THR D 202 -21.67 1.53 31.19
CA THR D 202 -21.55 1.38 29.74
C THR D 202 -22.05 2.65 29.07
N TYR D 203 -21.18 3.26 28.27
CA TYR D 203 -21.56 4.39 27.44
C TYR D 203 -21.65 3.90 26.00
N HIS D 204 -22.74 4.22 25.33
CA HIS D 204 -22.94 3.82 23.96
C HIS D 204 -23.23 5.03 23.11
N PHE D 205 -22.78 4.98 21.86
CA PHE D 205 -22.92 6.10 20.93
C PHE D 205 -23.54 5.57 19.65
N ILE D 206 -24.62 6.21 19.21
CA ILE D 206 -25.26 5.86 17.95
C ILE D 206 -24.63 6.71 16.86
N MET D 207 -23.97 6.06 15.91
CA MET D 207 -23.23 6.74 14.87
C MET D 207 -23.86 6.44 13.52
N GLN D 208 -24.13 7.48 12.75
CA GLN D 208 -24.63 7.36 11.39
C GLN D 208 -23.53 7.79 10.44
N ARG D 209 -23.18 6.92 9.50
CA ARG D 209 -22.15 7.24 8.53
C ARG D 209 -22.66 8.27 7.54
N ILE D 210 -21.80 9.20 7.16
CA ILE D 210 -22.14 10.18 6.13
C ILE D 210 -21.80 9.55 4.79
N PRO D 211 -22.78 9.12 3.99
CA PRO D 211 -22.52 8.34 2.78
C PRO D 211 -22.34 9.20 1.53
N LEU D 212 -21.43 10.16 1.60
CA LEU D 212 -21.12 10.97 0.41
C LEU D 212 -19.85 10.49 -0.27
N TYR D 213 -18.81 10.20 0.51
CA TYR D 213 -17.56 9.73 -0.08
C TYR D 213 -17.77 8.42 -0.84
N PHE D 214 -18.41 7.45 -0.19
CA PHE D 214 -18.57 6.14 -0.81
C PHE D 214 -19.51 6.20 -2.00
N VAL D 215 -20.60 6.96 -1.90
CA VAL D 215 -21.51 7.09 -3.03
C VAL D 215 -20.76 7.58 -4.26
N VAL D 216 -20.16 8.76 -4.16
CA VAL D 216 -19.49 9.36 -5.31
C VAL D 216 -18.36 8.46 -5.80
N ASN D 217 -17.59 7.89 -4.88
CA ASN D 217 -16.38 7.16 -5.27
C ASN D 217 -16.63 5.73 -5.71
N VAL D 218 -17.82 5.15 -5.45
CA VAL D 218 -18.05 3.75 -5.81
C VAL D 218 -19.32 3.60 -6.64
N ILE D 219 -20.44 4.11 -6.12
CA ILE D 219 -21.74 3.75 -6.67
C ILE D 219 -21.94 4.36 -8.05
N ILE D 220 -21.49 5.61 -8.24
CA ILE D 220 -21.72 6.28 -9.51
C ILE D 220 -21.05 5.56 -10.69
N PRO D 221 -19.76 5.18 -10.61
CA PRO D 221 -19.19 4.41 -11.73
C PRO D 221 -19.91 3.11 -11.99
N CYS D 222 -20.42 2.44 -10.95
CA CYS D 222 -21.18 1.22 -11.15
C CYS D 222 -22.48 1.50 -11.91
N LEU D 223 -23.14 2.62 -11.58
CA LEU D 223 -24.32 3.02 -12.35
C LEU D 223 -23.96 3.23 -13.82
N LEU D 224 -22.82 3.90 -14.05
CA LEU D 224 -22.39 4.13 -15.42
C LEU D 224 -22.17 2.83 -16.17
N PHE D 225 -21.50 1.86 -15.52
CA PHE D 225 -21.21 0.61 -16.19
C PHE D 225 -22.48 -0.20 -16.45
N SER D 226 -23.44 -0.16 -15.52
CA SER D 226 -24.73 -0.80 -15.77
C SER D 226 -25.41 -0.19 -16.98
N PHE D 227 -25.43 1.14 -17.06
CA PHE D 227 -26.05 1.77 -18.22
C PHE D 227 -25.36 1.37 -19.52
N LEU D 228 -24.02 1.36 -19.53
CA LEU D 228 -23.32 1.01 -20.77
C LEU D 228 -23.56 -0.44 -21.18
N THR D 229 -23.53 -1.36 -20.22
CA THR D 229 -23.76 -2.76 -20.57
C THR D 229 -25.18 -2.96 -21.06
N GLY D 230 -26.13 -2.15 -20.58
CA GLY D 230 -27.43 -2.14 -21.22
C GLY D 230 -27.37 -1.61 -22.64
N LEU D 231 -26.58 -0.56 -22.85
CA LEU D 231 -26.55 0.11 -24.15
C LEU D 231 -26.01 -0.77 -25.26
N VAL D 232 -25.16 -1.74 -24.91
CA VAL D 232 -24.53 -2.57 -25.94
C VAL D 232 -25.52 -3.12 -26.96
N PHE D 233 -26.79 -3.27 -26.58
CA PHE D 233 -27.77 -3.92 -27.44
C PHE D 233 -28.30 -3.02 -28.55
N TYR D 234 -27.99 -1.73 -28.54
CA TYR D 234 -28.39 -0.87 -29.64
C TYR D 234 -27.32 -0.80 -30.72
N LEU D 235 -26.20 -1.47 -30.51
CA LEU D 235 -25.10 -1.47 -31.46
C LEU D 235 -25.35 -2.51 -32.55
N PRO D 236 -25.35 -2.12 -33.82
CA PRO D 236 -25.59 -3.11 -34.88
C PRO D 236 -24.47 -4.14 -34.96
N THR D 237 -24.85 -5.35 -35.34
CA THR D 237 -23.85 -6.42 -35.46
C THR D 237 -22.95 -6.22 -36.67
N ASP D 238 -23.44 -5.50 -37.69
CA ASP D 238 -22.62 -5.25 -38.87
C ASP D 238 -21.33 -4.52 -38.51
N SER D 239 -21.43 -3.54 -37.62
CA SER D 239 -20.24 -2.95 -37.02
C SER D 239 -19.64 -3.99 -36.08
N GLY D 240 -18.55 -4.62 -36.50
CA GLY D 240 -18.01 -5.73 -35.74
C GLY D 240 -17.38 -5.27 -34.44
N GLU D 241 -18.22 -4.74 -33.53
CA GLU D 241 -17.70 -4.15 -32.31
C GLU D 241 -18.57 -4.42 -31.08
N LYS D 242 -19.56 -5.32 -31.16
CA LYS D 242 -20.35 -5.63 -29.99
C LYS D 242 -19.48 -6.24 -28.88
N MET D 243 -18.64 -7.20 -29.27
CA MET D 243 -17.75 -7.82 -28.29
C MET D 243 -16.78 -6.81 -27.70
N THR D 244 -16.24 -5.92 -28.53
CA THR D 244 -15.32 -4.91 -28.02
C THR D 244 -15.97 -4.09 -26.92
N LEU D 245 -17.16 -3.55 -27.20
CA LEU D 245 -17.85 -2.71 -26.23
C LEU D 245 -18.17 -3.48 -24.96
N SER D 246 -18.78 -4.65 -25.10
CA SER D 246 -19.21 -5.40 -23.92
C SER D 246 -18.03 -5.84 -23.06
N ILE D 247 -16.99 -6.39 -23.69
CA ILE D 247 -15.89 -6.92 -22.91
C ILE D 247 -15.02 -5.79 -22.36
N SER D 248 -15.00 -4.63 -23.01
CA SER D 248 -14.28 -3.50 -22.44
C SER D 248 -15.04 -2.90 -21.27
N VAL D 249 -16.38 -2.93 -21.32
CA VAL D 249 -17.15 -2.57 -20.15
C VAL D 249 -16.85 -3.53 -19.00
N LEU D 250 -16.73 -4.82 -19.31
CA LEU D 250 -16.33 -5.78 -18.29
C LEU D 250 -14.95 -5.48 -17.73
N LEU D 251 -14.00 -5.11 -18.59
CA LEU D 251 -12.65 -4.78 -18.13
C LEU D 251 -12.67 -3.56 -17.21
N SER D 252 -13.44 -2.54 -17.58
CA SER D 252 -13.58 -1.37 -16.72
C SER D 252 -14.20 -1.76 -15.39
N LEU D 253 -15.19 -2.66 -15.40
CA LEU D 253 -15.77 -3.13 -14.17
C LEU D 253 -14.75 -3.91 -13.32
N THR D 254 -13.82 -4.61 -13.96
CA THR D 254 -12.78 -5.32 -13.21
C THR D 254 -11.80 -4.35 -12.56
N VAL D 255 -11.37 -3.33 -13.30
CA VAL D 255 -10.50 -2.31 -12.73
C VAL D 255 -11.22 -1.62 -11.56
N PHE D 256 -12.51 -1.34 -11.73
CA PHE D 256 -13.24 -0.72 -10.64
C PHE D 256 -13.48 -1.68 -9.50
N LEU D 257 -13.52 -2.99 -9.76
CA LEU D 257 -13.55 -3.95 -8.67
C LEU D 257 -12.28 -3.88 -7.85
N LEU D 258 -11.15 -3.71 -8.53
CA LEU D 258 -9.89 -3.44 -7.84
C LEU D 258 -10.03 -2.22 -6.94
N VAL D 259 -10.59 -1.13 -7.49
CA VAL D 259 -10.79 0.09 -6.72
C VAL D 259 -11.71 -0.16 -5.51
N ILE D 260 -12.81 -0.89 -5.74
CA ILE D 260 -13.77 -1.16 -4.68
C ILE D 260 -13.11 -1.93 -3.55
N VAL D 261 -12.40 -3.00 -3.88
CA VAL D 261 -11.70 -3.79 -2.87
C VAL D 261 -10.70 -2.92 -2.14
N GLU D 262 -10.12 -1.94 -2.84
CA GLU D 262 -9.24 -0.99 -2.16
C GLU D 262 -10.01 -0.13 -1.16
N LEU D 263 -11.25 0.24 -1.49
CA LEU D 263 -11.99 1.21 -0.67
C LEU D 263 -12.82 0.58 0.45
N ILE D 264 -13.77 -0.28 0.09
CA ILE D 264 -14.75 -0.78 1.05
C ILE D 264 -14.07 -1.71 2.06
N PRO D 265 -14.65 -1.92 3.25
CA PRO D 265 -14.03 -2.83 4.22
C PRO D 265 -14.02 -4.26 3.74
N SER D 266 -13.05 -5.03 4.24
CA SER D 266 -12.84 -6.43 3.87
C SER D 266 -13.52 -7.40 4.83
N THR D 267 -14.61 -6.98 5.48
CA THR D 267 -15.29 -7.83 6.43
C THR D 267 -15.87 -9.07 5.74
N SER D 268 -16.25 -10.05 6.55
CA SER D 268 -16.88 -11.26 6.04
C SER D 268 -18.12 -11.64 6.84
N SER D 269 -18.54 -10.81 7.80
CA SER D 269 -19.72 -11.13 8.60
C SER D 269 -20.98 -11.15 7.74
N ALA D 270 -21.10 -10.20 6.82
CA ALA D 270 -22.28 -10.11 5.97
C ALA D 270 -21.89 -9.40 4.68
N VAL D 271 -22.75 -9.55 3.66
CA VAL D 271 -22.55 -8.87 2.40
C VAL D 271 -23.06 -7.44 2.52
N PRO D 272 -22.23 -6.43 2.33
CA PRO D 272 -22.72 -5.05 2.34
C PRO D 272 -23.61 -4.77 1.14
N LEU D 273 -24.24 -3.60 1.18
CA LEU D 273 -25.07 -3.19 0.05
C LEU D 273 -24.23 -2.99 -1.20
N ILE D 274 -23.04 -2.39 -1.06
CA ILE D 274 -22.17 -2.21 -2.22
C ILE D 274 -21.72 -3.55 -2.77
N GLY D 275 -21.48 -4.53 -1.90
CA GLY D 275 -21.12 -5.85 -2.38
C GLY D 275 -22.22 -6.45 -3.24
N LYS D 276 -23.46 -6.35 -2.77
CA LYS D 276 -24.59 -6.85 -3.54
C LYS D 276 -24.73 -6.12 -4.87
N TYR D 277 -24.57 -4.79 -4.87
CA TYR D 277 -24.73 -4.06 -6.12
C TYR D 277 -23.60 -4.35 -7.09
N MET D 278 -22.38 -4.50 -6.59
CA MET D 278 -21.27 -4.89 -7.46
C MET D 278 -21.49 -6.25 -8.07
N LEU D 279 -21.94 -7.22 -7.28
CA LEU D 279 -22.19 -8.55 -7.82
C LEU D 279 -23.32 -8.52 -8.84
N PHE D 280 -24.36 -7.72 -8.58
CA PHE D 280 -25.45 -7.59 -9.54
C PHE D 280 -24.95 -6.98 -10.84
N THR D 281 -24.09 -5.97 -10.76
CA THR D 281 -23.53 -5.37 -11.96
C THR D 281 -22.67 -6.37 -12.74
N MET D 282 -21.89 -7.19 -12.02
CA MET D 282 -21.09 -8.21 -12.69
C MET D 282 -21.98 -9.21 -13.43
N ILE D 283 -23.03 -9.70 -12.76
CA ILE D 283 -23.92 -10.67 -13.41
C ILE D 283 -24.63 -10.03 -14.58
N PHE D 284 -25.01 -8.76 -14.45
CA PHE D 284 -25.63 -8.03 -15.54
C PHE D 284 -24.72 -7.99 -16.76
N VAL D 285 -23.46 -7.63 -16.55
CA VAL D 285 -22.52 -7.53 -17.67
C VAL D 285 -22.28 -8.91 -18.29
N ILE D 286 -22.16 -9.95 -17.47
CA ILE D 286 -21.94 -11.29 -18.00
C ILE D 286 -23.12 -11.75 -18.84
N SER D 287 -24.34 -11.53 -18.33
CA SER D 287 -25.53 -11.90 -19.10
C SER D 287 -25.60 -11.10 -20.39
N SER D 288 -25.23 -9.82 -20.34
CA SER D 288 -25.19 -9.02 -21.55
C SER D 288 -24.24 -9.60 -22.57
N ILE D 289 -23.05 -10.03 -22.13
CA ILE D 289 -22.08 -10.60 -23.07
C ILE D 289 -22.60 -11.90 -23.66
N ILE D 290 -23.19 -12.77 -22.82
CA ILE D 290 -23.69 -14.04 -23.33
C ILE D 290 -24.78 -13.82 -24.36
N ILE D 291 -25.72 -12.91 -24.07
CA ILE D 291 -26.84 -12.72 -24.99
C ILE D 291 -26.37 -12.01 -26.25
N THR D 292 -25.35 -11.16 -26.13
CA THR D 292 -24.74 -10.57 -27.31
C THR D 292 -24.09 -11.64 -28.18
N VAL D 293 -23.44 -12.62 -27.56
CA VAL D 293 -22.87 -13.71 -28.34
C VAL D 293 -23.97 -14.47 -29.07
N VAL D 294 -25.08 -14.70 -28.38
CA VAL D 294 -26.22 -15.38 -29.01
C VAL D 294 -26.73 -14.59 -30.22
N VAL D 295 -26.88 -13.27 -30.05
CA VAL D 295 -27.36 -12.44 -31.15
C VAL D 295 -26.37 -12.44 -32.31
N ILE D 296 -25.08 -12.33 -32.03
CA ILE D 296 -24.08 -12.35 -33.09
C ILE D 296 -24.15 -13.66 -33.86
N ASN D 297 -24.34 -14.77 -33.13
CA ASN D 297 -24.48 -16.06 -33.78
C ASN D 297 -25.71 -16.09 -34.68
N THR D 298 -26.83 -15.57 -34.20
CA THR D 298 -28.06 -15.58 -35.00
C THR D 298 -27.93 -14.70 -36.24
N HIS D 299 -27.28 -13.55 -36.10
CA HIS D 299 -27.15 -12.61 -37.20
C HIS D 299 -26.35 -13.22 -38.35
N HIS D 300 -25.23 -13.85 -38.04
CA HIS D 300 -24.43 -14.55 -39.04
C HIS D 300 -24.85 -16.00 -39.18
N ARG D 301 -26.14 -16.22 -39.44
CA ARG D 301 -26.67 -17.57 -39.63
C ARG D 301 -26.68 -17.86 -41.13
N SER D 302 -25.98 -18.91 -41.53
CA SER D 302 -25.84 -19.21 -42.95
C SER D 302 -27.13 -19.78 -43.51
N PRO D 303 -27.72 -19.17 -44.54
CA PRO D 303 -28.94 -19.74 -45.13
C PRO D 303 -28.70 -21.05 -45.87
N SER D 304 -27.47 -21.30 -46.33
CA SER D 304 -27.19 -22.54 -47.04
C SER D 304 -27.30 -23.75 -46.13
N THR D 305 -26.82 -23.64 -44.90
CA THR D 305 -26.85 -24.74 -43.95
C THR D 305 -28.03 -24.66 -42.97
N HIS D 306 -28.65 -23.50 -42.82
CA HIS D 306 -29.76 -23.33 -41.89
C HIS D 306 -30.98 -22.83 -42.62
N THR D 307 -32.15 -23.30 -42.19
CA THR D 307 -33.42 -22.81 -42.67
C THR D 307 -34.22 -22.28 -41.49
N MET D 308 -34.87 -21.14 -41.69
CA MET D 308 -35.53 -20.46 -40.59
C MET D 308 -36.73 -21.26 -40.11
N PRO D 309 -36.83 -21.56 -38.82
CA PRO D 309 -38.02 -22.24 -38.31
C PRO D 309 -39.26 -21.39 -38.51
N GLN D 310 -40.40 -22.07 -38.71
CA GLN D 310 -41.64 -21.36 -38.98
C GLN D 310 -42.06 -20.51 -37.79
N TRP D 311 -41.88 -21.02 -36.57
CA TRP D 311 -42.29 -20.26 -35.39
C TRP D 311 -41.46 -19.00 -35.22
N VAL D 312 -40.17 -19.06 -35.53
CA VAL D 312 -39.32 -17.86 -35.47
C VAL D 312 -39.81 -16.82 -36.46
N ARG D 313 -40.10 -17.26 -37.70
CA ARG D 313 -40.62 -16.34 -38.70
C ARG D 313 -41.94 -15.73 -38.26
N LYS D 314 -42.81 -16.54 -37.66
CA LYS D 314 -44.11 -16.05 -37.21
C LYS D 314 -43.97 -15.03 -36.09
N ILE D 315 -43.04 -15.25 -35.17
CA ILE D 315 -42.94 -14.42 -33.98
C ILE D 315 -42.14 -13.14 -34.25
N PHE D 316 -40.93 -13.28 -34.76
CA PHE D 316 -40.02 -12.15 -34.83
C PHE D 316 -40.14 -11.33 -36.11
N ILE D 317 -40.93 -11.79 -37.08
CA ILE D 317 -41.01 -11.09 -38.36
C ILE D 317 -42.42 -10.55 -38.54
N ASP D 318 -43.39 -11.21 -37.92
CA ASP D 318 -44.79 -10.87 -38.16
C ASP D 318 -45.43 -10.11 -37.00
N THR D 319 -45.38 -10.66 -35.79
CA THR D 319 -46.15 -10.06 -34.70
C THR D 319 -45.37 -9.05 -33.88
N ILE D 320 -44.13 -9.37 -33.48
CA ILE D 320 -43.36 -8.47 -32.63
C ILE D 320 -43.16 -7.10 -33.27
N PRO D 321 -42.73 -6.97 -34.52
CA PRO D 321 -42.54 -5.63 -35.09
C PRO D 321 -43.80 -4.80 -35.15
N ASN D 322 -44.97 -5.42 -35.11
CA ASN D 322 -46.22 -4.66 -35.17
C ASN D 322 -46.51 -3.96 -33.85
N VAL D 323 -46.04 -4.50 -32.73
CA VAL D 323 -46.29 -3.89 -31.44
C VAL D 323 -45.17 -2.95 -31.01
N MET D 324 -44.15 -2.76 -31.85
CA MET D 324 -43.04 -1.86 -31.54
C MET D 324 -43.30 -0.51 -32.19
N PHE D 325 -44.26 0.22 -31.60
CA PHE D 325 -44.76 1.44 -32.24
C PHE D 325 -43.70 2.53 -32.28
N PHE D 326 -42.95 2.72 -31.19
CA PHE D 326 -41.97 3.79 -31.14
C PHE D 326 -40.80 3.57 -32.10
N SER D 327 -40.53 2.33 -32.48
CA SER D 327 -39.42 2.05 -33.37
C SER D 327 -39.75 2.46 -34.80
N THR D 328 -38.71 2.54 -35.62
CA THR D 328 -38.85 2.97 -37.01
C THR D 328 -38.53 1.86 -37.99
N MET D 329 -38.52 0.61 -37.53
CA MET D 329 -38.16 -0.51 -38.38
C MET D 329 -39.30 -0.86 -39.34
N LYS D 330 -38.92 -1.47 -40.47
CA LYS D 330 -39.90 -1.85 -41.48
C LYS D 330 -40.85 -2.91 -40.93
N ARG D 331 -42.12 -2.78 -41.27
CA ARG D 331 -43.13 -3.75 -40.82
C ARG D 331 -43.48 -4.73 -41.93
N PRO D 370 -22.07 -22.16 -83.44
CA PRO D 370 -20.78 -21.47 -83.28
C PRO D 370 -20.52 -21.06 -81.83
N ASP D 371 -19.70 -20.03 -81.65
CA ASP D 371 -19.47 -19.47 -80.31
C ASP D 371 -20.65 -18.66 -79.80
N VAL D 372 -21.58 -18.26 -80.68
CA VAL D 372 -22.74 -17.51 -80.24
C VAL D 372 -23.57 -18.32 -79.25
N LYS D 373 -23.67 -19.63 -79.49
CA LYS D 373 -24.38 -20.49 -78.55
C LYS D 373 -23.69 -20.47 -77.18
N SER D 374 -22.37 -20.51 -77.16
CA SER D 374 -21.63 -20.47 -75.91
C SER D 374 -21.86 -19.13 -75.19
N ALA D 375 -21.85 -18.03 -75.92
CA ALA D 375 -22.08 -16.73 -75.30
C ALA D 375 -23.48 -16.64 -74.71
N ILE D 376 -24.48 -17.15 -75.43
CA ILE D 376 -25.85 -17.14 -74.92
C ILE D 376 -25.95 -17.99 -73.65
N GLU D 377 -25.31 -19.16 -73.66
CA GLU D 377 -25.33 -20.01 -72.48
C GLU D 377 -24.62 -19.34 -71.30
N GLY D 378 -23.54 -18.61 -71.56
CA GLY D 378 -22.87 -17.89 -70.49
C GLY D 378 -23.72 -16.79 -69.89
N VAL D 379 -24.44 -16.06 -70.74
CA VAL D 379 -25.33 -15.01 -70.24
C VAL D 379 -26.43 -15.64 -69.39
N LYS D 380 -26.99 -16.76 -69.84
CA LYS D 380 -28.00 -17.45 -69.05
C LYS D 380 -27.44 -17.90 -67.70
N TYR D 381 -26.20 -18.39 -67.71
CA TYR D 381 -25.55 -18.81 -66.48
C TYR D 381 -25.38 -17.65 -65.51
N ILE D 382 -24.96 -16.49 -66.01
CA ILE D 382 -24.82 -15.33 -65.15
C ILE D 382 -26.17 -14.95 -64.55
N ALA D 383 -27.22 -14.98 -65.36
CA ALA D 383 -28.54 -14.63 -64.85
C ALA D 383 -28.98 -15.59 -63.74
N GLU D 384 -28.78 -16.90 -63.94
CA GLU D 384 -29.25 -17.84 -62.92
C GLU D 384 -28.40 -17.76 -61.65
N HIS D 385 -27.10 -17.46 -61.78
CA HIS D 385 -26.31 -17.26 -60.58
C HIS D 385 -26.76 -16.01 -59.82
N MET D 386 -27.14 -14.95 -60.54
CA MET D 386 -27.71 -13.80 -59.85
C MET D 386 -29.00 -14.17 -59.14
N LYS D 387 -29.81 -15.02 -59.77
CA LYS D 387 -31.03 -15.49 -59.11
C LYS D 387 -30.70 -16.17 -57.78
N SER D 388 -29.75 -17.10 -57.81
CA SER D 388 -29.38 -17.83 -56.60
C SER D 388 -28.82 -16.90 -55.53
N ASP D 389 -27.95 -15.97 -55.94
CA ASP D 389 -27.39 -15.02 -54.99
C ASP D 389 -28.48 -14.17 -54.35
N GLU D 390 -29.46 -13.75 -55.15
CA GLU D 390 -30.56 -12.96 -54.61
C GLU D 390 -31.36 -13.75 -53.58
N GLU D 391 -31.64 -15.02 -53.87
CA GLU D 391 -32.38 -15.84 -52.91
C GLU D 391 -31.61 -15.98 -51.59
N SER D 392 -30.32 -16.29 -51.69
CA SER D 392 -29.51 -16.45 -50.49
C SER D 392 -29.44 -15.15 -49.69
N SER D 393 -29.29 -14.02 -50.39
CA SER D 393 -29.25 -12.74 -49.72
C SER D 393 -30.56 -12.45 -49.00
N ASN D 394 -31.69 -12.81 -49.61
CA ASN D 394 -32.98 -12.59 -48.96
C ASN D 394 -33.08 -13.40 -47.67
N ALA D 395 -32.67 -14.67 -47.70
CA ALA D 395 -32.73 -15.48 -46.49
C ALA D 395 -31.80 -14.92 -45.41
N ALA D 396 -30.59 -14.53 -45.79
CA ALA D 396 -29.65 -13.97 -44.82
C ALA D 396 -30.19 -12.68 -44.22
N GLU D 397 -30.84 -11.84 -45.04
CA GLU D 397 -31.41 -10.60 -44.54
C GLU D 397 -32.55 -10.88 -43.58
N GLU D 398 -33.30 -11.95 -43.82
CA GLU D 398 -34.33 -12.33 -42.85
C GLU D 398 -33.71 -12.71 -41.51
N TRP D 399 -32.62 -13.48 -41.54
CA TRP D 399 -31.93 -13.81 -40.29
C TRP D 399 -31.44 -12.55 -39.58
N LYS D 400 -30.87 -11.61 -40.34
CA LYS D 400 -30.39 -10.37 -39.75
C LYS D 400 -31.52 -9.56 -39.14
N TYR D 401 -32.68 -9.54 -39.80
CA TYR D 401 -33.85 -8.85 -39.24
C TYR D 401 -34.28 -9.48 -37.94
N VAL D 402 -34.30 -10.81 -37.87
CA VAL D 402 -34.66 -11.48 -36.62
C VAL D 402 -33.70 -11.09 -35.51
N ALA D 403 -32.39 -11.09 -35.80
CA ALA D 403 -31.42 -10.71 -34.79
C ALA D 403 -31.62 -9.27 -34.33
N MET D 404 -31.92 -8.37 -35.26
CA MET D 404 -32.13 -6.97 -34.91
C MET D 404 -33.37 -6.78 -34.03
N VAL D 405 -34.45 -7.50 -34.33
CA VAL D 405 -35.64 -7.43 -33.49
C VAL D 405 -35.34 -7.95 -32.09
N ILE D 406 -34.59 -9.05 -32.01
CA ILE D 406 -34.19 -9.59 -30.71
C ILE D 406 -33.37 -8.56 -29.94
N ASP D 407 -32.50 -7.82 -30.64
CA ASP D 407 -31.75 -6.75 -30.00
C ASP D 407 -32.65 -5.65 -29.46
N HIS D 408 -33.67 -5.26 -30.22
CA HIS D 408 -34.60 -4.25 -29.70
C HIS D 408 -35.28 -4.72 -28.43
N ILE D 409 -35.78 -5.96 -28.45
CA ILE D 409 -36.45 -6.50 -27.26
C ILE D 409 -35.49 -6.49 -26.09
N LEU D 410 -34.25 -6.94 -26.30
CA LEU D 410 -33.30 -7.03 -25.21
C LEU D 410 -32.85 -5.66 -24.73
N LEU D 411 -32.76 -4.68 -25.61
CA LEU D 411 -32.44 -3.33 -25.16
C LEU D 411 -33.51 -2.81 -24.20
N CYS D 412 -34.78 -2.95 -24.60
CA CYS D 412 -35.85 -2.52 -23.71
C CYS D 412 -35.78 -3.27 -22.38
N VAL D 413 -35.62 -4.59 -22.46
CA VAL D 413 -35.66 -5.43 -21.26
C VAL D 413 -34.50 -5.08 -20.34
N PHE D 414 -33.30 -4.91 -20.89
CA PHE D 414 -32.14 -4.64 -20.04
C PHE D 414 -32.15 -3.23 -19.47
N MET D 415 -32.66 -2.24 -20.19
CA MET D 415 -32.84 -0.95 -19.55
C MET D 415 -33.82 -1.04 -18.39
N LEU D 416 -34.92 -1.77 -18.59
CA LEU D 416 -35.86 -1.97 -17.51
C LEU D 416 -35.22 -2.67 -16.32
N ILE D 417 -34.44 -3.73 -16.60
CA ILE D 417 -33.79 -4.48 -15.52
C ILE D 417 -32.78 -3.61 -14.79
N CYS D 418 -32.01 -2.81 -15.52
CA CYS D 418 -31.04 -1.93 -14.87
C CYS D 418 -31.73 -0.95 -13.94
N ILE D 419 -32.80 -0.30 -14.41
CA ILE D 419 -33.51 0.65 -13.57
C ILE D 419 -34.12 -0.06 -12.35
N ILE D 420 -34.78 -1.20 -12.59
CA ILE D 420 -35.45 -1.91 -11.50
C ILE D 420 -34.44 -2.39 -10.46
N GLY D 421 -33.32 -2.95 -10.92
CA GLY D 421 -32.31 -3.42 -9.98
C GLY D 421 -31.66 -2.31 -9.20
N THR D 422 -31.31 -1.21 -9.88
CA THR D 422 -30.71 -0.09 -9.17
C THR D 422 -31.67 0.47 -8.12
N VAL D 423 -32.95 0.61 -8.47
CA VAL D 423 -33.92 1.11 -7.51
C VAL D 423 -34.12 0.09 -6.38
N SER D 424 -34.20 -1.20 -6.71
CA SER D 424 -34.53 -2.21 -5.71
C SER D 424 -33.41 -2.38 -4.69
N VAL D 425 -32.15 -2.33 -5.15
CA VAL D 425 -31.04 -2.59 -4.24
C VAL D 425 -30.93 -1.52 -3.17
N PHE D 426 -31.23 -0.26 -3.51
CA PHE D 426 -31.01 0.86 -2.60
C PHE D 426 -32.27 1.43 -1.98
N ALA D 427 -33.44 1.25 -2.59
CA ALA D 427 -34.64 1.95 -2.16
C ALA D 427 -35.07 1.55 -0.77
N GLY D 428 -34.92 0.27 -0.42
CA GLY D 428 -35.31 -0.15 0.92
C GLY D 428 -34.57 0.60 2.00
N ARG D 429 -33.24 0.70 1.86
CA ARG D 429 -32.46 1.44 2.83
C ARG D 429 -32.75 2.94 2.76
N LEU D 430 -32.88 3.50 1.56
CA LEU D 430 -33.10 4.93 1.43
C LEU D 430 -34.43 5.34 2.06
N ILE D 431 -35.47 4.54 1.86
CA ILE D 431 -36.75 4.79 2.51
C ILE D 431 -36.65 4.56 4.01
N GLU D 432 -35.88 3.55 4.42
CA GLU D 432 -35.66 3.30 5.84
C GLU D 432 -35.11 4.51 6.56
N LEU D 433 -34.35 5.35 5.86
CA LEU D 433 -33.77 6.54 6.46
C LEU D 433 -34.75 7.71 6.43
N GLU E 1 -9.90 4.15 61.37
CA GLU E 1 -9.09 4.08 60.17
C GLU E 1 -9.23 2.73 59.49
N ASN E 2 -8.75 2.64 58.26
CA ASN E 2 -8.81 1.38 57.51
C ASN E 2 -7.83 0.39 58.12
N GLU E 3 -8.37 -0.68 58.71
CA GLU E 3 -7.51 -1.73 59.25
C GLU E 3 -6.70 -2.39 58.15
N GLU E 4 -7.16 -2.32 56.90
CA GLU E 4 -6.36 -2.79 55.78
C GLU E 4 -5.00 -2.12 55.76
N GLY E 5 -4.93 -0.86 56.20
CA GLY E 5 -3.64 -0.17 56.22
C GLY E 5 -2.65 -0.84 57.15
N ARG E 6 -3.08 -1.09 58.39
CA ARG E 6 -2.19 -1.76 59.34
C ARG E 6 -1.85 -3.17 58.86
N LEU E 7 -2.83 -3.89 58.34
CA LEU E 7 -2.59 -5.25 57.88
C LEU E 7 -1.57 -5.29 56.74
N ILE E 8 -1.73 -4.40 55.76
CA ILE E 8 -0.84 -4.41 54.61
C ILE E 8 0.56 -3.93 55.02
N GLU E 9 0.64 -2.93 55.88
CA GLU E 9 1.94 -2.47 56.34
C GLU E 9 2.64 -3.55 57.15
N LYS E 10 1.89 -4.41 57.82
CA LYS E 10 2.51 -5.56 58.50
C LYS E 10 2.96 -6.62 57.49
N LEU E 11 2.11 -6.92 56.50
CA LEU E 11 2.44 -7.98 55.54
C LEU E 11 3.66 -7.63 54.71
N LEU E 12 3.67 -6.43 54.12
CA LEU E 12 4.75 -6.05 53.22
C LEU E 12 6.01 -5.63 53.97
N GLY E 13 5.94 -5.46 55.29
CA GLY E 13 7.15 -5.25 56.06
C GLY E 13 8.02 -6.50 56.05
N ASP E 14 9.29 -6.32 55.72
CA ASP E 14 10.24 -7.44 55.61
C ASP E 14 9.75 -8.49 54.61
N TYR E 15 9.23 -8.01 53.48
CA TYR E 15 8.79 -8.87 52.39
C TYR E 15 9.65 -8.55 51.17
N ASP E 16 10.33 -9.57 50.66
CA ASP E 16 11.22 -9.41 49.52
C ASP E 16 10.57 -10.06 48.31
N LYS E 17 10.19 -9.24 47.33
CA LYS E 17 9.56 -9.76 46.13
C LYS E 17 10.52 -10.52 45.23
N ARG E 18 11.82 -10.46 45.49
CA ARG E 18 12.79 -11.24 44.72
C ARG E 18 12.79 -12.71 45.12
N ILE E 19 12.28 -13.04 46.29
CA ILE E 19 12.43 -14.38 46.85
C ILE E 19 11.20 -15.19 46.50
N ILE E 20 11.43 -16.36 45.89
CA ILE E 20 10.33 -17.29 45.68
C ILE E 20 9.77 -17.72 47.03
N PRO E 21 8.46 -17.81 47.21
CA PRO E 21 7.92 -18.09 48.54
C PRO E 21 8.00 -19.56 48.93
N ALA E 22 8.88 -20.32 48.28
CA ALA E 22 9.12 -21.71 48.66
C ALA E 22 9.40 -21.82 50.15
N LYS E 23 8.56 -22.58 50.85
CA LYS E 23 8.65 -22.65 52.31
C LYS E 23 9.97 -23.27 52.74
N THR E 24 10.37 -24.37 52.11
CA THR E 24 11.63 -25.04 52.40
C THR E 24 12.25 -25.49 51.09
N LEU E 25 13.42 -26.12 51.18
CA LEU E 25 14.01 -26.75 50.01
C LEU E 25 13.09 -27.86 49.52
N ASP E 26 13.07 -28.03 48.19
CA ASP E 26 12.26 -29.04 47.52
C ASP E 26 10.77 -28.79 47.65
N HIS E 27 10.37 -27.58 48.06
CA HIS E 27 8.97 -27.17 48.02
C HIS E 27 8.70 -26.50 46.69
N ILE E 28 7.71 -27.01 45.96
CA ILE E 28 7.39 -26.53 44.63
C ILE E 28 6.11 -25.72 44.69
N ILE E 29 6.14 -24.51 44.16
CA ILE E 29 4.97 -23.64 44.14
C ILE E 29 4.04 -24.10 43.03
N ASP E 30 2.78 -24.36 43.38
CA ASP E 30 1.77 -24.70 42.39
C ASP E 30 1.17 -23.42 41.83
N VAL E 31 1.30 -23.24 40.52
CA VAL E 31 0.77 -22.08 39.82
C VAL E 31 -0.25 -22.59 38.81
N THR E 32 -1.49 -22.14 38.95
CA THR E 32 -2.58 -22.58 38.10
C THR E 32 -2.99 -21.46 37.15
N LEU E 33 -3.12 -21.79 35.88
CA LEU E 33 -3.49 -20.83 34.85
C LEU E 33 -4.88 -21.13 34.32
N LYS E 34 -5.65 -20.07 34.06
CA LYS E 34 -6.93 -20.16 33.40
C LYS E 34 -7.05 -19.01 32.42
N LEU E 35 -7.14 -19.32 31.14
CA LEU E 35 -7.18 -18.31 30.09
C LEU E 35 -8.63 -18.04 29.71
N THR E 36 -9.00 -16.76 29.69
CA THR E 36 -10.30 -16.32 29.23
C THR E 36 -10.10 -15.48 27.97
N LEU E 37 -10.79 -15.84 26.89
CA LEU E 37 -10.66 -15.13 25.63
C LEU E 37 -11.76 -14.08 25.55
N THR E 38 -11.35 -12.82 25.43
CA THR E 38 -12.29 -11.71 25.30
C THR E 38 -12.57 -11.36 23.85
N ASN E 39 -11.52 -11.25 23.03
CA ASN E 39 -11.68 -10.92 21.63
C ASN E 39 -10.59 -11.59 20.82
N LEU E 40 -10.99 -12.20 19.70
CA LEU E 40 -10.05 -12.68 18.69
C LEU E 40 -9.94 -11.56 17.67
N ILE E 41 -8.94 -10.68 17.88
CA ILE E 41 -8.89 -9.44 17.12
C ILE E 41 -8.64 -9.72 15.64
N SER E 42 -7.62 -10.51 15.34
CA SER E 42 -7.26 -10.77 13.95
C SER E 42 -6.24 -11.90 13.88
N LEU E 43 -6.15 -12.50 12.70
CA LEU E 43 -5.09 -13.45 12.37
C LEU E 43 -4.51 -12.97 11.04
N ASN E 44 -3.38 -12.27 11.09
CA ASN E 44 -2.80 -11.64 9.92
C ASN E 44 -1.98 -12.66 9.16
N GLU E 45 -2.46 -13.08 7.99
CA GLU E 45 -1.81 -14.14 7.24
C GLU E 45 -0.45 -13.70 6.70
N LYS E 46 -0.34 -12.43 6.34
CA LYS E 46 0.93 -11.92 5.82
C LYS E 46 2.03 -12.01 6.87
N GLU E 47 1.71 -11.65 8.11
CA GLU E 47 2.66 -11.69 9.21
C GLU E 47 2.65 -13.01 9.98
N GLU E 48 1.67 -13.87 9.72
CA GLU E 48 1.53 -15.14 10.43
C GLU E 48 1.48 -14.93 11.95
N ALA E 49 0.70 -13.94 12.37
CA ALA E 49 0.56 -13.60 13.78
C ALA E 49 -0.91 -13.53 14.15
N LEU E 50 -1.23 -14.04 15.33
CA LEU E 50 -2.58 -14.02 15.87
C LEU E 50 -2.64 -13.04 17.02
N THR E 51 -3.49 -12.02 16.90
CA THR E 51 -3.66 -11.02 17.94
C THR E 51 -4.94 -11.31 18.71
N THR E 52 -4.80 -11.48 20.03
CA THR E 52 -5.92 -11.83 20.89
C THR E 52 -5.90 -10.96 22.13
N ASN E 53 -7.08 -10.78 22.71
CA ASN E 53 -7.26 -10.08 23.98
C ASN E 53 -7.74 -11.10 25.00
N VAL E 54 -6.91 -11.38 26.01
CA VAL E 54 -7.22 -12.41 26.98
C VAL E 54 -7.06 -11.85 28.39
N TRP E 55 -7.79 -12.44 29.32
CA TRP E 55 -7.59 -12.22 30.75
C TRP E 55 -7.05 -13.53 31.31
N ILE E 56 -5.76 -13.54 31.66
CA ILE E 56 -5.15 -14.73 32.20
C ILE E 56 -5.27 -14.71 33.72
N GLU E 57 -5.80 -15.79 34.28
CA GLU E 57 -5.98 -15.93 35.72
C GLU E 57 -4.87 -16.80 36.28
N ILE E 58 -4.07 -16.23 37.18
CA ILE E 58 -2.93 -16.92 37.78
C ILE E 58 -3.20 -17.03 39.27
N GLN E 59 -3.09 -18.24 39.80
CA GLN E 59 -3.34 -18.50 41.21
C GLN E 59 -2.16 -19.24 41.81
N TRP E 60 -1.73 -18.79 42.99
CA TRP E 60 -0.66 -19.46 43.69
C TRP E 60 -0.79 -19.12 45.17
N ASN E 61 0.08 -19.71 45.98
CA ASN E 61 0.07 -19.52 47.42
C ASN E 61 1.39 -18.92 47.87
N ASP E 62 1.33 -17.88 48.68
CA ASP E 62 2.49 -17.20 49.25
C ASP E 62 2.33 -17.24 50.76
N TYR E 63 3.11 -18.08 51.43
CA TYR E 63 2.93 -18.25 52.87
C TYR E 63 3.29 -16.99 53.66
N ARG E 64 4.09 -16.10 53.08
CA ARG E 64 4.47 -14.89 53.81
C ARG E 64 3.33 -13.91 53.97
N LEU E 65 2.29 -14.00 53.14
CA LEU E 65 1.20 -13.04 53.11
C LEU E 65 -0.05 -13.61 53.77
N SER E 66 0.13 -14.43 54.80
CA SER E 66 -0.99 -15.00 55.53
C SER E 66 -1.09 -14.31 56.88
N TRP E 67 -2.33 -14.11 57.32
CA TRP E 67 -2.60 -13.41 58.57
C TRP E 67 -3.82 -14.04 59.23
N ASN E 68 -3.99 -13.74 60.50
CA ASN E 68 -5.09 -14.25 61.28
C ASN E 68 -6.21 -13.22 61.28
N THR E 69 -7.37 -13.60 60.74
CA THR E 69 -8.44 -12.64 60.53
C THR E 69 -8.96 -12.07 61.85
N SER E 70 -8.98 -12.87 62.91
CA SER E 70 -9.50 -12.40 64.19
C SER E 70 -8.70 -11.24 64.75
N GLU E 71 -7.45 -11.09 64.33
CA GLU E 71 -6.61 -9.98 64.78
C GLU E 71 -6.80 -8.71 63.97
N TYR E 72 -7.54 -8.77 62.87
CA TYR E 72 -7.70 -7.62 61.99
C TYR E 72 -9.17 -7.40 61.65
N GLU E 73 -10.04 -7.54 62.64
CA GLU E 73 -11.46 -7.25 62.50
C GLU E 73 -12.10 -8.06 61.37
N GLY E 74 -11.68 -9.31 61.22
CA GLY E 74 -12.31 -10.18 60.26
C GLY E 74 -11.97 -9.91 58.81
N ILE E 75 -10.92 -9.15 58.54
CA ILE E 75 -10.48 -8.94 57.16
C ILE E 75 -9.88 -10.23 56.63
N ASP E 76 -10.44 -10.74 55.53
CA ASP E 76 -9.97 -11.98 54.94
C ASP E 76 -9.50 -11.80 53.50
N LEU E 77 -9.49 -10.58 52.98
CA LEU E 77 -9.09 -10.35 51.60
C LEU E 77 -8.64 -8.90 51.47
N VAL E 78 -7.46 -8.70 50.91
CA VAL E 78 -6.92 -7.37 50.64
C VAL E 78 -6.40 -7.33 49.22
N ARG E 79 -6.30 -6.12 48.69
CA ARG E 79 -5.78 -5.88 47.34
C ARG E 79 -4.44 -5.20 47.45
N ILE E 80 -3.42 -5.81 46.84
CA ILE E 80 -2.06 -5.27 46.83
C ILE E 80 -1.61 -5.21 45.38
N PRO E 81 -1.00 -4.10 44.94
CA PRO E 81 -0.52 -4.04 43.56
C PRO E 81 0.49 -5.14 43.26
N SER E 82 0.42 -5.67 42.04
CA SER E 82 1.26 -6.80 41.66
C SER E 82 2.73 -6.44 41.63
N GLU E 83 3.07 -5.16 41.50
CA GLU E 83 4.46 -4.75 41.44
C GLU E 83 5.17 -4.83 42.79
N LEU E 84 4.43 -5.00 43.89
CA LEU E 84 5.04 -5.12 45.20
C LEU E 84 5.23 -6.56 45.65
N LEU E 85 4.79 -7.52 44.86
CA LEU E 85 4.74 -8.91 45.28
C LEU E 85 5.60 -9.78 44.39
N TRP E 86 5.97 -10.95 44.90
CA TRP E 86 6.56 -11.97 44.06
C TRP E 86 5.52 -12.48 43.08
N LEU E 87 5.93 -12.63 41.82
CA LEU E 87 5.04 -13.15 40.80
C LEU E 87 5.72 -14.28 40.05
N PRO E 88 4.97 -15.32 39.68
CA PRO E 88 5.53 -16.33 38.78
C PRO E 88 5.62 -15.75 37.38
N ASP E 89 6.81 -15.85 36.78
CA ASP E 89 7.08 -15.16 35.52
C ASP E 89 6.43 -15.90 34.35
N VAL E 90 5.11 -16.02 34.41
CA VAL E 90 4.35 -16.67 33.35
C VAL E 90 4.25 -15.72 32.16
N VAL E 91 4.80 -16.15 31.03
CA VAL E 91 4.88 -15.31 29.84
C VAL E 91 4.39 -16.10 28.64
N LEU E 92 4.02 -15.36 27.59
CA LEU E 92 3.73 -15.98 26.30
C LEU E 92 5.05 -16.17 25.55
N GLU E 93 5.37 -17.43 25.22
CA GLU E 93 6.65 -17.69 24.59
C GLU E 93 6.62 -17.41 23.10
N ASN E 94 5.61 -17.91 22.40
CA ASN E 94 5.58 -17.82 20.94
C ASN E 94 4.92 -16.52 20.48
N ASN E 95 5.47 -15.42 20.97
CA ASN E 95 5.03 -14.10 20.55
C ASN E 95 5.88 -13.60 19.38
N VAL E 96 5.22 -12.96 18.42
CA VAL E 96 5.94 -12.46 17.25
C VAL E 96 6.78 -11.24 17.62
N ASP E 97 6.22 -10.34 18.43
CA ASP E 97 6.93 -9.16 18.87
C ASP E 97 7.78 -9.50 20.10
N GLY E 98 8.23 -8.49 20.82
CA GLY E 98 8.99 -8.74 22.02
C GLY E 98 8.15 -8.70 23.29
N GLN E 99 6.84 -8.80 23.14
CA GLN E 99 5.92 -8.63 24.27
C GLN E 99 5.69 -9.98 24.94
N PHE E 100 6.43 -10.23 26.02
CA PHE E 100 6.19 -11.41 26.84
C PHE E 100 5.17 -11.16 27.93
N GLU E 101 5.14 -9.97 28.50
CA GLU E 101 4.39 -9.70 29.72
C GLU E 101 2.94 -9.38 29.40
N VAL E 102 2.13 -9.29 30.46
CA VAL E 102 0.74 -8.86 30.33
C VAL E 102 0.70 -7.36 30.09
N ALA E 103 -0.46 -6.84 29.69
CA ALA E 103 -0.58 -5.43 29.33
C ALA E 103 -0.82 -4.56 30.55
N TYR E 104 -1.72 -4.96 31.43
CA TYR E 104 -2.08 -4.20 32.61
C TYR E 104 -1.74 -5.00 33.86
N TYR E 105 -1.02 -4.38 34.78
CA TYR E 105 -0.60 -5.07 36.00
C TYR E 105 -1.64 -4.79 37.09
N ALA E 106 -2.65 -5.66 37.13
CA ALA E 106 -3.74 -5.48 38.07
C ALA E 106 -3.30 -5.77 39.49
N ASN E 107 -4.11 -5.32 40.45
CA ASN E 107 -3.87 -5.67 41.84
C ASN E 107 -4.07 -7.17 42.04
N VAL E 108 -3.33 -7.71 42.99
CA VAL E 108 -3.45 -9.12 43.35
C VAL E 108 -4.40 -9.22 44.54
N LEU E 109 -5.37 -10.12 44.44
CA LEU E 109 -6.25 -10.40 45.57
C LEU E 109 -5.53 -11.36 46.51
N VAL E 110 -5.31 -10.94 47.75
CA VAL E 110 -4.56 -11.72 48.73
C VAL E 110 -5.53 -12.15 49.82
N TYR E 111 -5.67 -13.46 50.00
CA TYR E 111 -6.55 -14.00 51.02
C TYR E 111 -5.76 -14.33 52.28
N ASN E 112 -6.48 -14.44 53.39
CA ASN E 112 -5.83 -14.54 54.69
C ASN E 112 -5.02 -15.82 54.86
N ASP E 113 -5.28 -16.85 54.05
CA ASP E 113 -4.55 -18.09 54.14
C ASP E 113 -3.32 -18.11 53.25
N GLY E 114 -3.01 -16.99 52.60
CA GLY E 114 -1.92 -16.93 51.65
C GLY E 114 -2.29 -17.17 50.21
N SER E 115 -3.53 -17.57 49.94
CA SER E 115 -3.96 -17.76 48.56
C SER E 115 -3.96 -16.42 47.84
N MET E 116 -3.51 -16.42 46.60
CA MET E 116 -3.39 -15.20 45.83
C MET E 116 -4.04 -15.38 44.47
N TYR E 117 -4.84 -14.41 44.07
CA TYR E 117 -5.62 -14.48 42.85
C TYR E 117 -5.30 -13.26 42.01
N TRP E 118 -4.58 -13.47 40.92
CA TRP E 118 -4.17 -12.41 40.00
C TRP E 118 -4.85 -12.61 38.66
N LEU E 119 -5.47 -11.56 38.15
CA LEU E 119 -6.17 -11.59 36.87
C LEU E 119 -5.75 -10.40 36.02
N PRO E 120 -4.54 -10.43 35.47
CA PRO E 120 -4.11 -9.36 34.58
C PRO E 120 -4.63 -9.57 33.17
N PRO E 121 -5.19 -8.54 32.55
CA PRO E 121 -5.52 -8.64 31.13
C PRO E 121 -4.28 -8.42 30.27
N ALA E 122 -4.31 -8.99 29.07
CA ALA E 122 -3.15 -8.96 28.21
C ALA E 122 -3.57 -8.92 26.75
N ILE E 123 -2.75 -8.26 25.94
CA ILE E 123 -2.87 -8.28 24.49
C ILE E 123 -1.68 -9.04 23.94
N TYR E 124 -1.94 -10.13 23.25
CA TYR E 124 -0.89 -11.03 22.80
C TYR E 124 -0.91 -11.15 21.29
N ARG E 125 0.28 -11.19 20.69
CA ARG E 125 0.45 -11.46 19.27
C ARG E 125 1.33 -12.69 19.15
N SER E 126 0.71 -13.84 18.92
CA SER E 126 1.40 -15.12 18.95
C SER E 126 1.62 -15.64 17.53
N THR E 127 2.65 -16.46 17.38
CA THR E 127 2.98 -17.04 16.08
C THR E 127 1.96 -18.12 15.71
N CYS E 128 1.37 -17.98 14.53
CA CYS E 128 0.47 -19.00 13.98
C CYS E 128 0.87 -19.26 12.53
N PRO E 129 1.71 -20.27 12.27
CA PRO E 129 2.01 -20.62 10.89
C PRO E 129 0.74 -21.02 10.15
N ILE E 130 0.65 -20.60 8.90
CA ILE E 130 -0.59 -20.67 8.14
C ILE E 130 -0.53 -21.89 7.23
N ALA E 131 -1.59 -22.71 7.27
CA ALA E 131 -1.78 -23.78 6.31
C ALA E 131 -2.47 -23.17 5.09
N VAL E 132 -1.71 -22.96 4.02
CA VAL E 132 -2.20 -22.17 2.89
C VAL E 132 -2.84 -23.03 1.81
N THR E 133 -2.90 -24.35 1.99
CA THR E 133 -3.33 -25.23 0.91
C THR E 133 -4.76 -24.92 0.47
N TYR E 134 -5.65 -24.67 1.42
CA TYR E 134 -7.06 -24.50 1.11
C TYR E 134 -7.53 -23.06 1.24
N PHE E 135 -6.61 -22.11 1.31
CA PHE E 135 -6.99 -20.70 1.36
C PHE E 135 -7.85 -20.36 0.14
N PRO E 136 -8.96 -19.61 0.30
CA PRO E 136 -9.47 -19.05 1.54
C PRO E 136 -10.46 -19.95 2.29
N PHE E 137 -10.65 -21.17 1.83
CA PHE E 137 -11.56 -22.10 2.51
C PHE E 137 -10.81 -22.93 3.54
N ASP E 138 -10.07 -22.27 4.42
CA ASP E 138 -9.12 -22.93 5.30
C ASP E 138 -9.48 -22.71 6.76
N TRP E 139 -8.98 -23.61 7.60
CA TRP E 139 -9.04 -23.47 9.04
C TRP E 139 -7.62 -23.54 9.59
N GLN E 140 -7.32 -22.66 10.54
CA GLN E 140 -6.00 -22.61 11.13
C GLN E 140 -6.03 -23.18 12.53
N ASN E 141 -4.85 -23.53 13.03
CA ASN E 141 -4.70 -24.19 14.33
C ASN E 141 -3.62 -23.41 15.09
N CYS E 142 -4.03 -22.34 15.75
CA CYS E 142 -3.11 -21.47 16.46
C CYS E 142 -3.03 -21.86 17.93
N SER E 143 -1.84 -21.67 18.51
CA SER E 143 -1.58 -22.07 19.88
C SER E 143 -0.94 -20.94 20.65
N LEU E 144 -1.31 -20.84 21.93
CA LEU E 144 -0.70 -19.90 22.87
C LEU E 144 0.06 -20.70 23.90
N VAL E 145 1.39 -20.57 23.88
CA VAL E 145 2.26 -21.35 24.75
C VAL E 145 2.66 -20.48 25.94
N PHE E 146 2.28 -20.93 27.13
CA PHE E 146 2.59 -20.23 28.37
C PHE E 146 3.54 -21.06 29.20
N ARG E 147 4.60 -20.42 29.69
CA ARG E 147 5.53 -21.07 30.60
C ARG E 147 6.22 -19.99 31.40
N SER E 148 6.84 -20.41 32.50
CA SER E 148 7.60 -19.51 33.35
C SER E 148 8.98 -19.30 32.74
N GLN E 149 9.34 -18.05 32.49
CA GLN E 149 10.63 -17.77 31.89
C GLN E 149 11.75 -17.64 32.91
N THR E 150 11.44 -17.75 34.20
CA THR E 150 12.43 -17.67 35.25
C THR E 150 12.65 -18.98 35.98
N TYR E 151 11.58 -19.63 36.42
CA TYR E 151 11.66 -20.79 37.28
C TYR E 151 11.41 -22.07 36.49
N ASN E 152 12.14 -23.11 36.86
CA ASN E 152 12.07 -24.40 36.21
C ASN E 152 11.10 -25.32 36.96
N ALA E 153 11.01 -26.57 36.53
CA ALA E 153 10.03 -27.49 37.11
C ALA E 153 10.37 -27.88 38.54
N HIS E 154 11.59 -27.63 38.99
CA HIS E 154 11.95 -27.90 40.38
C HIS E 154 11.52 -26.80 41.33
N GLU E 155 11.13 -25.64 40.81
CA GLU E 155 10.76 -24.49 41.61
C GLU E 155 9.29 -24.14 41.55
N VAL E 156 8.67 -24.22 40.38
CA VAL E 156 7.24 -24.01 40.22
C VAL E 156 6.66 -25.20 39.47
N ASN E 157 5.36 -25.39 39.61
CA ASN E 157 4.63 -26.47 38.96
C ASN E 157 3.41 -25.85 38.28
N LEU E 158 3.50 -25.59 36.98
CA LEU E 158 2.38 -25.03 36.24
C LEU E 158 1.30 -26.07 36.05
N GLN E 159 0.06 -25.69 36.33
CA GLN E 159 -1.07 -26.60 36.18
C GLN E 159 -2.23 -25.82 35.59
N LEU E 160 -3.20 -26.56 35.06
CA LEU E 160 -4.43 -25.96 34.61
C LEU E 160 -5.35 -25.77 35.82
N SER E 161 -6.03 -24.62 35.86
CA SER E 161 -6.92 -24.34 36.98
C SER E 161 -8.06 -25.35 37.01
N ALA E 162 -8.45 -25.75 38.21
CA ALA E 162 -9.50 -26.73 38.42
C ALA E 162 -10.68 -26.09 39.12
N GLU E 163 -11.87 -26.26 38.54
CA GLU E 163 -13.11 -25.74 39.09
C GLU E 163 -14.01 -26.90 39.48
N GLU E 164 -14.58 -26.82 40.68
CA GLU E 164 -15.39 -27.87 41.29
C GLU E 164 -14.80 -29.26 41.11
N GLY E 165 -13.46 -29.34 41.18
CA GLY E 165 -12.77 -30.62 41.06
C GLY E 165 -12.58 -31.12 39.66
N GLU E 166 -13.03 -30.39 38.65
CA GLU E 166 -12.84 -30.75 37.25
C GLU E 166 -11.88 -29.76 36.61
N ALA E 167 -10.86 -30.29 35.96
CA ALA E 167 -9.87 -29.44 35.31
C ALA E 167 -10.51 -28.63 34.19
N VAL E 168 -10.17 -27.35 34.13
CA VAL E 168 -10.62 -26.48 33.04
C VAL E 168 -9.61 -26.68 31.92
N GLU E 169 -9.83 -27.71 31.11
CA GLU E 169 -8.94 -28.02 29.99
C GLU E 169 -9.42 -27.36 28.71
N TRP E 170 -9.65 -26.05 28.76
CA TRP E 170 -10.12 -25.31 27.60
C TRP E 170 -9.99 -23.82 27.88
N ILE E 171 -9.93 -23.04 26.79
CA ILE E 171 -10.04 -21.60 26.90
C ILE E 171 -11.46 -21.24 27.28
N HIS E 172 -11.62 -20.40 28.30
CA HIS E 172 -12.93 -19.96 28.69
C HIS E 172 -13.41 -18.83 27.79
N ILE E 173 -14.61 -18.99 27.25
CA ILE E 173 -15.26 -17.96 26.44
C ILE E 173 -16.65 -17.74 27.01
N ASP E 174 -16.91 -16.54 27.49
CA ASP E 174 -18.21 -16.24 28.08
C ASP E 174 -19.23 -16.12 26.96
N PRO E 175 -20.28 -16.94 26.95
CA PRO E 175 -21.14 -17.02 25.76
C PRO E 175 -21.83 -15.72 25.40
N GLU E 176 -22.16 -14.87 26.38
CA GLU E 176 -22.95 -13.69 26.07
C GLU E 176 -22.09 -12.54 25.57
N ASP E 177 -21.06 -12.15 26.33
CA ASP E 177 -20.30 -10.96 25.97
C ASP E 177 -19.34 -11.17 24.81
N PHE E 178 -18.94 -12.41 24.54
CA PHE E 178 -17.97 -12.65 23.49
C PHE E 178 -18.58 -12.33 22.13
N THR E 179 -17.82 -11.61 21.31
CA THR E 179 -18.26 -11.18 19.98
C THR E 179 -17.47 -11.94 18.93
N GLU E 180 -18.17 -12.48 17.94
CA GLU E 180 -17.52 -13.18 16.84
C GLU E 180 -16.58 -12.23 16.10
N ASN E 181 -15.46 -12.79 15.65
CA ASN E 181 -14.45 -11.98 14.96
C ASN E 181 -14.99 -11.38 13.67
N GLY E 182 -15.79 -12.13 12.93
CA GLY E 182 -16.35 -11.71 11.66
C GLY E 182 -15.67 -12.34 10.47
N GLU E 183 -14.40 -12.72 10.60
CA GLU E 183 -13.73 -13.53 9.61
C GLU E 183 -13.38 -14.92 10.13
N TRP E 184 -13.29 -15.11 11.44
CA TRP E 184 -12.90 -16.38 12.00
C TRP E 184 -13.92 -16.83 13.02
N THR E 185 -14.28 -18.11 12.97
CA THR E 185 -15.18 -18.73 13.93
C THR E 185 -14.44 -19.85 14.65
N ILE E 186 -14.63 -19.91 15.96
CA ILE E 186 -13.87 -20.83 16.80
C ILE E 186 -14.59 -22.18 16.84
N ARG E 187 -13.91 -23.23 16.42
CA ARG E 187 -14.46 -24.58 16.44
C ARG E 187 -13.99 -25.39 17.65
N HIS E 188 -12.71 -25.34 17.97
CA HIS E 188 -12.18 -26.03 19.14
C HIS E 188 -11.28 -25.10 19.92
N ARG E 189 -11.20 -25.34 21.22
CA ARG E 189 -10.36 -24.53 22.10
C ARG E 189 -9.80 -25.35 23.26
N PRO E 190 -9.05 -26.41 22.99
CA PRO E 190 -8.54 -27.24 24.09
C PRO E 190 -7.37 -26.57 24.80
N ALA E 191 -7.08 -27.08 25.98
CA ALA E 191 -5.91 -26.67 26.75
C ALA E 191 -5.29 -27.90 27.39
N LYS E 192 -3.96 -27.95 27.39
CA LYS E 192 -3.26 -29.08 27.97
C LYS E 192 -1.88 -28.65 28.42
N LYS E 193 -1.32 -29.41 29.34
CA LYS E 193 0.04 -29.20 29.79
C LYS E 193 0.99 -30.06 28.96
N ASN E 194 2.05 -29.45 28.45
CA ASN E 194 2.99 -30.11 27.56
C ASN E 194 4.37 -30.19 28.21
N TYR E 195 5.16 -31.15 27.77
CA TYR E 195 6.52 -31.34 28.26
C TYR E 195 7.46 -31.42 27.08
N ASN E 196 8.62 -30.79 27.21
CA ASN E 196 9.69 -30.91 26.21
C ASN E 196 10.65 -31.96 26.73
N TRP E 197 10.46 -33.21 26.28
CA TRP E 197 11.25 -34.32 26.78
C TRP E 197 12.69 -34.28 26.35
N GLN E 198 13.04 -33.44 25.36
CA GLN E 198 14.44 -33.26 25.01
C GLN E 198 15.22 -32.54 26.10
N LEU E 199 14.53 -31.92 27.05
CA LEU E 199 15.14 -31.23 28.17
C LEU E 199 14.87 -32.00 29.46
N THR E 200 15.58 -31.59 30.52
CA THR E 200 15.37 -32.13 31.85
C THR E 200 14.46 -31.18 32.63
N LYS E 201 14.20 -31.53 33.90
CA LYS E 201 13.32 -30.70 34.70
C LYS E 201 13.90 -29.33 35.01
N ASP E 202 15.09 -29.01 34.50
CA ASP E 202 15.62 -27.66 34.54
C ASP E 202 15.26 -26.95 33.24
N ASP E 203 15.94 -25.84 32.97
CA ASP E 203 15.93 -25.08 31.73
C ASP E 203 14.68 -24.22 31.55
N THR E 204 13.69 -24.31 32.44
CA THR E 204 12.52 -23.42 32.47
C THR E 204 11.65 -23.58 31.23
N ASP E 205 12.08 -24.39 30.27
CA ASP E 205 11.29 -24.71 29.09
C ASP E 205 10.77 -26.13 29.12
N PHE E 206 11.04 -26.87 30.19
CA PHE E 206 10.61 -28.26 30.28
C PHE E 206 9.10 -28.38 30.27
N GLN E 207 8.41 -27.55 31.05
CA GLN E 207 6.97 -27.60 31.18
C GLN E 207 6.33 -26.36 30.61
N GLU E 208 5.10 -26.50 30.13
CA GLU E 208 4.38 -25.38 29.56
C GLU E 208 2.90 -25.69 29.57
N ILE E 209 2.10 -24.63 29.47
CA ILE E 209 0.66 -24.75 29.29
C ILE E 209 0.35 -24.17 27.91
N ILE E 210 -0.31 -24.97 27.07
CA ILE E 210 -0.63 -24.56 25.71
C ILE E 210 -2.14 -24.45 25.59
N PHE E 211 -2.61 -23.33 25.05
CA PHE E 211 -4.01 -23.15 24.72
C PHE E 211 -4.15 -23.10 23.21
N PHE E 212 -4.98 -23.97 22.66
CA PHE E 212 -5.14 -24.10 21.21
C PHE E 212 -6.40 -23.40 20.76
N LEU E 213 -6.34 -22.79 19.57
CA LEU E 213 -7.51 -22.17 18.95
C LEU E 213 -7.60 -22.69 17.52
N ILE E 214 -8.49 -23.65 17.29
CA ILE E 214 -8.78 -24.12 15.94
C ILE E 214 -9.92 -23.27 15.41
N ILE E 215 -9.60 -22.37 14.49
CA ILE E 215 -10.55 -21.41 13.95
C ILE E 215 -10.72 -21.65 12.47
N GLN E 216 -11.95 -21.58 12.00
CA GLN E 216 -12.27 -21.77 10.59
C GLN E 216 -12.62 -20.42 9.98
N ARG E 217 -12.04 -20.12 8.83
CA ARG E 217 -12.32 -18.87 8.16
C ARG E 217 -13.73 -18.88 7.59
N LYS E 218 -14.32 -17.69 7.49
CA LYS E 218 -15.59 -17.54 6.79
C LYS E 218 -15.31 -16.85 5.47
N PRO E 219 -15.23 -17.59 4.36
CA PRO E 219 -14.75 -17.00 3.11
C PRO E 219 -15.86 -16.32 2.31
N LEU E 220 -16.70 -15.53 2.97
CA LEU E 220 -17.74 -14.82 2.26
C LEU E 220 -17.17 -13.65 1.46
N PHE E 221 -16.22 -12.93 2.04
CA PHE E 221 -15.64 -11.79 1.34
C PHE E 221 -14.96 -12.23 0.06
N TYR E 222 -14.20 -13.32 0.11
CA TYR E 222 -13.50 -13.80 -1.07
C TYR E 222 -14.47 -14.33 -2.12
N ILE E 223 -15.52 -15.04 -1.68
CA ILE E 223 -16.49 -15.57 -2.62
C ILE E 223 -17.22 -14.44 -3.34
N ILE E 224 -17.65 -13.42 -2.60
CA ILE E 224 -18.41 -12.35 -3.21
C ILE E 224 -17.51 -11.41 -4.02
N ASN E 225 -16.27 -11.21 -3.58
CA ASN E 225 -15.41 -10.20 -4.18
C ASN E 225 -14.37 -10.76 -5.14
N ILE E 226 -14.01 -12.04 -5.02
CA ILE E 226 -12.98 -12.58 -5.88
C ILE E 226 -13.47 -13.83 -6.61
N ILE E 227 -13.94 -14.82 -5.86
CA ILE E 227 -14.21 -16.14 -6.44
C ILE E 227 -15.33 -16.05 -7.48
N ALA E 228 -16.46 -15.46 -7.10
CA ALA E 228 -17.58 -15.39 -8.04
C ALA E 228 -17.26 -14.55 -9.27
N PRO E 229 -16.73 -13.32 -9.16
CA PRO E 229 -16.37 -12.59 -10.39
C PRO E 229 -15.35 -13.32 -11.25
N CYS E 230 -14.35 -13.96 -10.63
CA CYS E 230 -13.34 -14.66 -11.40
C CYS E 230 -13.95 -15.83 -12.16
N VAL E 231 -14.82 -16.60 -11.51
CA VAL E 231 -15.47 -17.72 -12.19
C VAL E 231 -16.35 -17.21 -13.33
N LEU E 232 -17.10 -16.14 -13.07
CA LEU E 232 -17.99 -15.59 -14.10
C LEU E 232 -17.19 -15.12 -15.31
N ILE E 233 -16.09 -14.42 -15.09
CA ILE E 233 -15.30 -13.91 -16.21
C ILE E 233 -14.62 -15.06 -16.93
N SER E 234 -14.10 -16.04 -16.20
CA SER E 234 -13.41 -17.15 -16.83
C SER E 234 -14.34 -18.03 -17.65
N SER E 235 -15.60 -18.13 -17.25
CA SER E 235 -16.55 -18.93 -18.01
C SER E 235 -16.84 -18.35 -19.39
N LEU E 236 -16.50 -17.08 -19.62
CA LEU E 236 -16.79 -16.44 -20.90
C LEU E 236 -15.97 -17.01 -22.04
N VAL E 237 -14.89 -17.73 -21.75
CA VAL E 237 -14.03 -18.24 -22.82
C VAL E 237 -14.73 -19.27 -23.67
N VAL E 238 -15.77 -19.94 -23.15
CA VAL E 238 -16.46 -20.94 -23.95
C VAL E 238 -17.38 -20.32 -24.99
N LEU E 239 -17.62 -19.01 -24.92
CA LEU E 239 -18.50 -18.35 -25.88
C LEU E 239 -17.82 -18.08 -27.22
N VAL E 240 -16.49 -18.14 -27.28
CA VAL E 240 -15.80 -17.82 -28.52
C VAL E 240 -16.16 -18.81 -29.62
N TYR E 241 -16.69 -19.97 -29.26
CA TYR E 241 -17.02 -21.00 -30.23
C TYR E 241 -18.32 -20.73 -30.98
N PHE E 242 -19.10 -19.74 -30.54
CA PHE E 242 -20.32 -19.36 -31.23
C PHE E 242 -20.18 -18.04 -31.98
N LEU E 243 -19.01 -17.47 -32.03
CA LEU E 243 -18.73 -16.29 -32.83
C LEU E 243 -18.26 -16.70 -34.22
N PRO E 244 -18.59 -15.93 -35.26
CA PRO E 244 -18.15 -16.28 -36.61
C PRO E 244 -16.64 -16.18 -36.76
N ALA E 245 -16.11 -17.03 -37.64
CA ALA E 245 -14.67 -17.09 -37.86
C ALA E 245 -14.29 -16.30 -39.11
N GLN E 246 -14.46 -14.98 -39.00
CA GLN E 246 -13.96 -14.06 -40.01
C GLN E 246 -13.74 -12.71 -39.35
N ALA E 247 -13.32 -11.74 -40.16
CA ALA E 247 -13.15 -10.38 -39.65
C ALA E 247 -14.48 -9.86 -39.11
N GLY E 248 -14.43 -9.31 -37.90
CA GLY E 248 -15.62 -8.89 -37.21
C GLY E 248 -16.24 -9.93 -36.31
N GLY E 249 -15.78 -11.18 -36.38
CA GLY E 249 -16.25 -12.18 -35.45
C GLY E 249 -15.79 -11.94 -34.02
N GLN E 250 -14.54 -11.50 -33.86
CA GLN E 250 -13.97 -11.09 -32.58
C GLN E 250 -13.80 -12.27 -31.62
N LYS E 251 -13.36 -13.42 -32.14
CA LYS E 251 -12.98 -14.51 -31.25
C LYS E 251 -11.78 -14.13 -30.41
N CYS E 252 -10.71 -13.67 -31.06
CA CYS E 252 -9.47 -13.35 -30.35
C CYS E 252 -9.69 -12.19 -29.40
N THR E 253 -10.45 -11.18 -29.80
CA THR E 253 -10.75 -10.07 -28.91
C THR E 253 -11.35 -10.58 -27.59
N LEU E 254 -12.39 -11.40 -27.68
CA LEU E 254 -13.05 -11.89 -26.48
C LEU E 254 -12.12 -12.73 -25.63
N SER E 255 -11.43 -13.68 -26.24
CA SER E 255 -10.59 -14.60 -25.45
C SER E 255 -9.43 -13.86 -24.79
N ILE E 256 -8.73 -13.01 -25.54
CA ILE E 256 -7.59 -12.30 -24.98
C ILE E 256 -8.04 -11.25 -23.97
N SER E 257 -9.22 -10.66 -24.14
CA SER E 257 -9.71 -9.73 -23.13
C SER E 257 -10.06 -10.45 -21.84
N VAL E 258 -10.63 -11.65 -21.94
CA VAL E 258 -10.87 -12.45 -20.74
C VAL E 258 -9.55 -12.78 -20.06
N LEU E 259 -8.52 -13.11 -20.84
CA LEU E 259 -7.23 -13.40 -20.24
C LEU E 259 -6.64 -12.17 -19.54
N LEU E 260 -6.81 -10.99 -20.14
CA LEU E 260 -6.35 -9.77 -19.50
C LEU E 260 -7.10 -9.50 -18.19
N ALA E 261 -8.41 -9.75 -18.19
CA ALA E 261 -9.18 -9.60 -16.95
C ALA E 261 -8.68 -10.59 -15.89
N GLN E 262 -8.33 -11.80 -16.31
CA GLN E 262 -7.78 -12.78 -15.37
C GLN E 262 -6.44 -12.32 -14.82
N THR E 263 -5.64 -11.63 -15.64
CA THR E 263 -4.40 -11.04 -15.14
C THR E 263 -4.68 -9.97 -14.09
N ILE E 264 -5.71 -9.16 -14.33
CA ILE E 264 -6.10 -8.16 -13.33
C ILE E 264 -6.50 -8.85 -12.02
N PHE E 265 -7.26 -9.93 -12.12
CA PHE E 265 -7.62 -10.69 -10.92
C PHE E 265 -6.40 -11.30 -10.25
N LEU E 266 -5.41 -11.71 -11.05
CA LEU E 266 -4.17 -12.23 -10.50
C LEU E 266 -3.49 -11.16 -9.65
N PHE E 267 -3.44 -9.93 -10.15
CA PHE E 267 -2.93 -8.83 -9.35
C PHE E 267 -3.74 -8.65 -8.07
N LEU E 268 -5.06 -8.72 -8.18
CA LEU E 268 -5.90 -8.47 -7.01
C LEU E 268 -5.66 -9.51 -5.93
N ILE E 269 -5.51 -10.77 -6.32
CA ILE E 269 -5.28 -11.85 -5.35
C ILE E 269 -3.84 -11.86 -4.85
N ALA E 270 -2.88 -11.35 -5.64
CA ALA E 270 -1.50 -11.31 -5.17
C ALA E 270 -1.36 -10.50 -3.89
N GLN E 271 -2.30 -9.61 -3.62
CA GLN E 271 -2.28 -8.78 -2.41
C GLN E 271 -2.94 -9.45 -1.21
N LYS E 272 -3.51 -10.64 -1.38
CA LYS E 272 -4.24 -11.31 -0.30
C LYS E 272 -3.58 -12.59 0.19
N VAL E 273 -2.99 -13.38 -0.70
CA VAL E 273 -2.43 -14.67 -0.32
C VAL E 273 -1.17 -14.48 0.52
N PRO E 274 -0.92 -15.35 1.49
CA PRO E 274 0.30 -15.23 2.30
C PRO E 274 1.55 -15.54 1.49
N GLU E 275 2.67 -15.03 1.97
CA GLU E 275 3.94 -15.13 1.25
C GLU E 275 4.70 -16.42 1.53
N THR E 276 4.18 -17.31 2.36
CA THR E 276 4.85 -18.60 2.54
C THR E 276 4.78 -19.42 1.26
N SER E 277 5.75 -20.31 1.09
CA SER E 277 5.90 -21.08 -0.13
C SER E 277 6.03 -22.56 0.16
N LEU E 278 5.21 -23.07 1.08
CA LEU E 278 5.14 -24.50 1.31
C LEU E 278 4.05 -25.18 0.52
N ASN E 279 2.99 -24.46 0.18
CA ASN E 279 1.93 -24.96 -0.68
C ASN E 279 1.41 -23.83 -1.54
N VAL E 280 0.74 -24.20 -2.64
CA VAL E 280 0.06 -23.22 -3.47
C VAL E 280 -1.38 -23.11 -2.98
N PRO E 281 -1.88 -21.90 -2.70
CA PRO E 281 -3.25 -21.78 -2.21
C PRO E 281 -4.26 -22.21 -3.26
N LEU E 282 -5.43 -22.62 -2.78
CA LEU E 282 -6.49 -23.08 -3.66
C LEU E 282 -6.84 -22.03 -4.71
N ILE E 283 -6.93 -20.77 -4.28
CA ILE E 283 -7.29 -19.70 -5.20
C ILE E 283 -6.19 -19.49 -6.24
N GLY E 284 -4.92 -19.61 -5.83
CA GLY E 284 -3.84 -19.54 -6.79
C GLY E 284 -3.88 -20.68 -7.79
N LYS E 285 -4.20 -21.89 -7.30
CA LYS E 285 -4.37 -23.02 -8.20
C LYS E 285 -5.46 -22.74 -9.22
N TYR E 286 -6.59 -22.19 -8.77
CA TYR E 286 -7.70 -21.96 -9.69
C TYR E 286 -7.36 -20.88 -10.72
N LEU E 287 -6.68 -19.81 -10.29
CA LEU E 287 -6.24 -18.80 -11.25
C LEU E 287 -5.26 -19.38 -12.26
N ILE E 288 -4.31 -20.20 -11.81
CA ILE E 288 -3.38 -20.81 -12.77
C ILE E 288 -4.15 -21.68 -13.76
N PHE E 289 -5.10 -22.46 -13.27
CA PHE E 289 -5.89 -23.34 -14.13
C PHE E 289 -6.68 -22.54 -15.16
N VAL E 290 -7.37 -21.48 -14.73
CA VAL E 290 -8.20 -20.74 -15.67
C VAL E 290 -7.33 -19.96 -16.65
N MET E 291 -6.17 -19.47 -16.22
CA MET E 291 -5.26 -18.82 -17.15
C MET E 291 -4.75 -19.81 -18.19
N PHE E 292 -4.42 -21.03 -17.78
CA PHE E 292 -3.98 -22.04 -18.73
C PHE E 292 -5.10 -22.42 -19.70
N VAL E 293 -6.33 -22.52 -19.19
CA VAL E 293 -7.47 -22.80 -20.05
C VAL E 293 -7.70 -21.67 -21.04
N SER E 294 -7.55 -20.43 -20.58
CA SER E 294 -7.70 -19.28 -21.48
C SER E 294 -6.63 -19.30 -22.56
N MET E 295 -5.40 -19.64 -22.21
CA MET E 295 -4.34 -19.73 -23.21
C MET E 295 -4.65 -20.83 -24.22
N LEU E 296 -5.13 -21.98 -23.75
CA LEU E 296 -5.50 -23.05 -24.68
C LEU E 296 -6.62 -22.62 -25.62
N ILE E 297 -7.61 -21.91 -25.08
CA ILE E 297 -8.74 -21.49 -25.91
C ILE E 297 -8.32 -20.40 -26.89
N VAL E 298 -7.39 -19.52 -26.49
CA VAL E 298 -6.84 -18.56 -27.46
C VAL E 298 -6.13 -19.29 -28.58
N MET E 299 -5.34 -20.31 -28.24
CA MET E 299 -4.68 -21.11 -29.26
C MET E 299 -5.69 -21.77 -30.18
N ASN E 300 -6.77 -22.29 -29.62
CA ASN E 300 -7.79 -22.95 -30.43
C ASN E 300 -8.53 -21.96 -31.32
N CYS E 301 -8.77 -20.75 -30.83
CA CYS E 301 -9.33 -19.70 -31.67
C CYS E 301 -8.41 -19.37 -32.82
N VAL E 302 -7.11 -19.27 -32.56
CA VAL E 302 -6.15 -18.99 -33.62
C VAL E 302 -6.17 -20.11 -34.65
N ILE E 303 -6.20 -21.36 -34.19
CA ILE E 303 -6.21 -22.49 -35.12
C ILE E 303 -7.48 -22.48 -35.98
N VAL E 304 -8.63 -22.22 -35.34
CA VAL E 304 -9.89 -22.20 -36.09
C VAL E 304 -9.90 -21.07 -37.10
N LEU E 305 -9.41 -19.90 -36.71
CA LEU E 305 -9.38 -18.78 -37.64
C LEU E 305 -8.43 -19.06 -38.80
N ASN E 306 -7.30 -19.72 -38.52
CA ASN E 306 -6.39 -20.11 -39.58
C ASN E 306 -7.04 -21.08 -40.55
N VAL E 307 -7.82 -22.03 -40.01
CA VAL E 307 -8.47 -23.01 -40.88
C VAL E 307 -9.57 -22.37 -41.71
N SER E 308 -10.40 -21.52 -41.09
CA SER E 308 -11.61 -21.03 -41.75
C SER E 308 -11.31 -20.00 -42.83
N LEU E 309 -10.16 -19.34 -42.77
CA LEU E 309 -9.81 -18.34 -43.76
C LEU E 309 -8.84 -18.86 -44.80
N ARG E 310 -8.80 -20.18 -45.00
CA ARG E 310 -7.94 -20.73 -46.04
C ARG E 310 -8.56 -20.52 -47.42
N THR E 311 -7.69 -20.44 -48.42
CA THR E 311 -8.05 -20.07 -49.77
C THR E 311 -7.38 -21.03 -50.74
N PRO E 312 -8.03 -21.33 -51.88
CA PRO E 312 -7.43 -22.23 -52.87
C PRO E 312 -6.03 -21.81 -53.30
N ASN E 313 -5.67 -20.56 -53.06
CA ASN E 313 -4.38 -20.05 -53.47
C ASN E 313 -3.27 -20.35 -52.47
N THR E 314 -3.54 -20.20 -51.18
CA THR E 314 -2.52 -20.44 -50.16
C THR E 314 -2.42 -21.91 -49.80
N HIS E 315 -3.56 -22.59 -49.66
CA HIS E 315 -3.58 -23.99 -49.25
C HIS E 315 -4.47 -24.78 -50.19
N SER E 316 -4.25 -26.09 -50.19
CA SER E 316 -5.01 -27.02 -51.00
C SER E 316 -5.88 -27.87 -50.08
N LEU E 317 -7.17 -27.93 -50.37
CA LEU E 317 -8.13 -28.72 -49.59
C LEU E 317 -8.16 -30.11 -50.19
N SER E 318 -7.29 -30.99 -49.69
CA SER E 318 -7.26 -32.36 -50.17
C SER E 318 -8.53 -33.09 -49.78
N GLU E 319 -9.00 -33.97 -50.67
CA GLU E 319 -10.25 -34.67 -50.45
C GLU E 319 -10.21 -35.54 -49.20
N LYS E 320 -9.03 -35.96 -48.77
CA LYS E 320 -8.90 -36.73 -47.53
C LYS E 320 -9.42 -35.95 -46.33
N ILE E 321 -9.04 -34.68 -46.23
CA ILE E 321 -9.49 -33.86 -45.11
C ILE E 321 -11.00 -33.63 -45.21
N LYS E 322 -11.51 -33.44 -46.42
CA LYS E 322 -12.95 -33.27 -46.61
C LYS E 322 -13.70 -34.50 -46.12
N HIS E 323 -13.22 -35.69 -46.45
CA HIS E 323 -13.86 -36.91 -45.96
C HIS E 323 -13.75 -37.03 -44.45
N LEU E 324 -12.59 -36.67 -43.89
CA LEU E 324 -12.41 -36.78 -42.44
C LEU E 324 -13.35 -35.86 -41.68
N PHE E 325 -13.52 -34.63 -42.16
CA PHE E 325 -14.24 -33.60 -41.40
C PHE E 325 -15.69 -33.42 -41.86
N LEU E 326 -15.93 -33.23 -43.16
CA LEU E 326 -17.28 -33.12 -43.66
C LEU E 326 -17.96 -34.48 -43.79
N GLY E 327 -17.28 -35.54 -43.41
CA GLY E 327 -17.82 -36.89 -43.46
C GLY E 327 -18.10 -37.43 -42.08
N PHE E 328 -17.11 -38.16 -41.54
CA PHE E 328 -17.25 -38.77 -40.21
C PHE E 328 -17.71 -37.75 -39.18
N LEU E 329 -17.06 -36.59 -39.13
CA LEU E 329 -17.43 -35.56 -38.17
C LEU E 329 -18.52 -34.65 -38.75
N ALA E 410 -18.74 -10.58 -89.86
CA ALA E 410 -18.27 -9.28 -89.39
C ALA E 410 -17.35 -9.44 -88.18
N PRO E 411 -16.26 -8.69 -88.15
CA PRO E 411 -15.34 -8.77 -87.01
C PRO E 411 -15.96 -8.37 -85.69
N GLU E 412 -16.90 -7.42 -85.71
CA GLU E 412 -17.50 -6.93 -84.48
C GLU E 412 -18.24 -8.04 -83.75
N ILE E 413 -18.97 -8.87 -84.49
CA ILE E 413 -19.68 -9.98 -83.89
C ILE E 413 -18.70 -10.93 -83.22
N LYS E 414 -17.58 -11.20 -83.88
CA LYS E 414 -16.58 -12.11 -83.33
C LYS E 414 -16.02 -11.55 -82.02
N SER E 415 -15.70 -10.25 -82.02
CA SER E 415 -15.17 -9.64 -80.80
C SER E 415 -16.19 -9.68 -79.67
N CYS E 416 -17.46 -9.41 -79.98
CA CYS E 416 -18.50 -9.41 -78.95
C CYS E 416 -18.69 -10.80 -78.36
N VAL E 417 -18.73 -11.84 -79.21
CA VAL E 417 -18.93 -13.18 -78.69
C VAL E 417 -17.71 -13.62 -77.89
N GLU E 418 -16.51 -13.23 -78.31
CA GLU E 418 -15.32 -13.54 -77.53
C GLU E 418 -15.39 -12.90 -76.15
N ALA E 419 -15.82 -11.63 -76.09
CA ALA E 419 -15.92 -10.94 -74.81
C ALA E 419 -16.96 -11.62 -73.91
N CYS E 420 -18.11 -11.99 -74.47
CA CYS E 420 -19.13 -12.65 -73.66
C CYS E 420 -18.63 -13.99 -73.12
N ASN E 421 -17.93 -14.77 -73.96
CA ASN E 421 -17.39 -16.04 -73.49
C ASN E 421 -16.40 -15.83 -72.37
N PHE E 422 -15.52 -14.83 -72.51
CA PHE E 422 -14.55 -14.57 -71.46
C PHE E 422 -15.23 -14.15 -70.15
N ILE E 423 -16.26 -13.32 -70.25
CA ILE E 423 -16.97 -12.89 -69.03
C ILE E 423 -17.57 -14.09 -68.33
N ALA E 424 -18.23 -14.97 -69.08
CA ALA E 424 -18.82 -16.16 -68.47
C ALA E 424 -17.76 -17.01 -67.80
N LYS E 425 -16.61 -17.19 -68.47
CA LYS E 425 -15.54 -18.00 -67.90
C LYS E 425 -15.02 -17.40 -66.59
N SER E 426 -14.82 -16.08 -66.57
CA SER E 426 -14.31 -15.44 -65.37
C SER E 426 -15.28 -15.58 -64.20
N THR E 427 -16.58 -15.39 -64.47
CA THR E 427 -17.57 -15.55 -63.41
C THR E 427 -17.57 -16.98 -62.88
N LYS E 428 -17.47 -17.96 -63.78
CA LYS E 428 -17.41 -19.36 -63.36
C LYS E 428 -16.22 -19.61 -62.43
N GLU E 429 -15.04 -19.08 -62.81
CA GLU E 429 -13.85 -19.27 -61.97
C GLU E 429 -14.05 -18.66 -60.59
N GLN E 430 -14.59 -17.45 -60.54
CA GLN E 430 -14.80 -16.80 -59.26
C GLN E 430 -15.74 -17.61 -58.36
N ASN E 431 -16.82 -18.13 -58.96
CA ASN E 431 -17.76 -18.93 -58.17
C ASN E 431 -17.10 -20.19 -57.62
N ASP E 432 -16.25 -20.86 -58.43
CA ASP E 432 -15.58 -22.06 -57.94
C ASP E 432 -14.68 -21.74 -56.75
N SER E 433 -13.89 -20.67 -56.86
CA SER E 433 -13.00 -20.31 -55.76
C SER E 433 -13.81 -20.00 -54.50
N GLY E 434 -14.88 -19.22 -54.66
CA GLY E 434 -15.74 -18.93 -53.53
C GLY E 434 -16.26 -20.21 -52.88
N SER E 435 -16.71 -21.15 -53.70
CA SER E 435 -17.28 -22.41 -53.19
C SER E 435 -16.29 -23.17 -52.32
N GLU E 436 -15.04 -23.27 -52.76
CA GLU E 436 -14.08 -23.98 -51.94
C GLU E 436 -13.79 -23.20 -50.65
N ASN E 437 -13.93 -21.86 -50.71
CA ASN E 437 -13.87 -21.08 -49.47
C ASN E 437 -14.95 -21.50 -48.47
N GLU E 438 -16.19 -21.66 -48.93
CA GLU E 438 -17.20 -22.10 -47.96
C GLU E 438 -16.93 -23.50 -47.46
N ASN E 439 -16.29 -24.34 -48.28
CA ASN E 439 -15.91 -25.66 -47.78
C ASN E 439 -15.00 -25.54 -46.56
N TRP E 440 -13.97 -24.69 -46.68
CA TRP E 440 -13.08 -24.46 -45.54
C TRP E 440 -13.84 -23.91 -44.35
N VAL E 441 -14.80 -23.01 -44.59
CA VAL E 441 -15.59 -22.43 -43.50
C VAL E 441 -16.37 -23.50 -42.76
N LEU E 442 -16.98 -24.44 -43.50
CA LEU E 442 -17.72 -25.52 -42.86
C LEU E 442 -16.81 -26.39 -42.00
N ILE E 443 -15.61 -26.68 -42.50
CA ILE E 443 -14.65 -27.44 -41.69
C ILE E 443 -14.37 -26.70 -40.38
N GLY E 444 -14.15 -25.39 -40.48
CA GLY E 444 -13.91 -24.59 -39.27
C GLY E 444 -15.07 -24.65 -38.29
N LYS E 445 -16.31 -24.61 -38.80
CA LYS E 445 -17.46 -24.68 -37.91
C LYS E 445 -17.52 -26.02 -37.18
N VAL E 446 -17.24 -27.11 -37.89
CA VAL E 446 -17.24 -28.43 -37.24
C VAL E 446 -16.22 -28.47 -36.12
N ILE E 447 -15.02 -27.93 -36.39
CA ILE E 447 -13.99 -27.90 -35.35
C ILE E 447 -14.45 -27.05 -34.17
N ASP E 448 -15.13 -25.94 -34.42
CA ASP E 448 -15.68 -25.13 -33.35
C ASP E 448 -16.61 -25.95 -32.46
N LYS E 449 -17.53 -26.71 -33.07
CA LYS E 449 -18.48 -27.48 -32.27
C LYS E 449 -17.77 -28.48 -31.38
N ALA E 450 -16.88 -29.27 -31.97
CA ALA E 450 -16.19 -30.31 -31.19
C ALA E 450 -15.37 -29.69 -30.07
N CYS E 451 -14.56 -28.68 -30.40
CA CYS E 451 -13.71 -28.08 -29.39
C CYS E 451 -14.52 -27.37 -28.31
N PHE E 452 -15.69 -26.83 -28.67
CA PHE E 452 -16.53 -26.21 -27.64
C PHE E 452 -16.99 -27.24 -26.63
N TRP E 453 -17.44 -28.41 -27.09
CA TRP E 453 -17.87 -29.41 -26.13
C TRP E 453 -16.70 -29.82 -25.23
N ILE E 454 -15.53 -30.03 -25.82
CA ILE E 454 -14.36 -30.41 -25.03
C ILE E 454 -14.04 -29.34 -23.99
N ALA E 455 -14.04 -28.07 -24.41
CA ALA E 455 -13.64 -26.99 -23.51
C ALA E 455 -14.67 -26.76 -22.41
N LEU E 456 -15.97 -26.86 -22.73
CA LEU E 456 -16.97 -26.73 -21.69
C LEU E 456 -16.80 -27.82 -20.64
N LEU E 457 -16.60 -29.06 -21.09
CA LEU E 457 -16.39 -30.14 -20.13
C LEU E 457 -15.16 -29.87 -19.27
N LEU E 458 -14.07 -29.46 -19.91
CA LEU E 458 -12.83 -29.19 -19.16
C LEU E 458 -13.04 -28.11 -18.11
N PHE E 459 -13.59 -26.96 -18.52
CA PHE E 459 -13.74 -25.84 -17.59
C PHE E 459 -14.67 -26.19 -16.45
N SER E 460 -15.83 -26.78 -16.76
CA SER E 460 -16.79 -27.10 -15.71
C SER E 460 -16.20 -28.10 -14.72
N ILE E 461 -15.59 -29.18 -15.23
CA ILE E 461 -15.05 -30.20 -14.34
C ILE E 461 -13.93 -29.61 -13.48
N GLY E 462 -13.03 -28.85 -14.08
CA GLY E 462 -11.94 -28.28 -13.31
C GLY E 462 -12.42 -27.33 -12.23
N THR E 463 -13.33 -26.43 -12.58
CA THR E 463 -13.81 -25.46 -11.60
C THR E 463 -14.56 -26.17 -10.48
N LEU E 464 -15.43 -27.11 -10.82
CA LEU E 464 -16.19 -27.82 -9.79
C LEU E 464 -15.26 -28.60 -8.88
N ALA E 465 -14.29 -29.32 -9.44
CA ALA E 465 -13.38 -30.10 -8.61
C ALA E 465 -12.56 -29.22 -7.69
N ILE E 466 -12.01 -28.13 -8.23
CA ILE E 466 -11.14 -27.26 -7.43
C ILE E 466 -11.92 -26.62 -6.29
N PHE E 467 -13.11 -26.10 -6.58
CA PHE E 467 -13.87 -25.44 -5.52
C PHE E 467 -14.73 -26.39 -4.72
N LEU E 468 -14.71 -27.67 -5.04
CA LEU E 468 -15.34 -28.69 -4.20
C LEU E 468 -14.34 -29.36 -3.28
N THR E 469 -13.06 -29.35 -3.64
CA THR E 469 -12.02 -29.75 -2.70
C THR E 469 -12.00 -28.83 -1.48
N GLY E 470 -12.12 -27.53 -1.70
CA GLY E 470 -12.15 -26.61 -0.59
C GLY E 470 -13.38 -26.76 0.28
N HIS E 471 -14.52 -27.06 -0.32
CA HIS E 471 -15.76 -27.16 0.45
C HIS E 471 -15.75 -28.36 1.39
N PHE E 472 -15.03 -29.40 1.04
CA PHE E 472 -14.94 -30.59 1.86
C PHE E 472 -13.81 -30.52 2.88
N ASN E 473 -13.09 -29.39 2.91
CA ASN E 473 -12.02 -29.20 3.90
C ASN E 473 -12.67 -28.81 5.21
N GLN E 474 -13.02 -29.82 6.00
CA GLN E 474 -13.73 -29.63 7.25
C GLN E 474 -12.77 -29.66 8.42
N VAL E 475 -13.12 -28.95 9.48
CA VAL E 475 -12.35 -29.03 10.72
C VAL E 475 -12.47 -30.44 11.29
N PRO E 476 -11.43 -30.99 11.89
CA PRO E 476 -11.55 -32.31 12.50
C PRO E 476 -12.61 -32.32 13.58
N GLU E 477 -13.30 -33.45 13.71
CA GLU E 477 -14.36 -33.56 14.70
C GLU E 477 -13.82 -33.44 16.12
N PHE E 478 -12.61 -33.91 16.35
CA PHE E 478 -11.98 -33.88 17.66
C PHE E 478 -10.82 -32.89 17.68
N PRO E 479 -10.59 -32.19 18.79
CA PRO E 479 -9.42 -31.30 18.85
C PRO E 479 -8.11 -32.03 18.63
N PHE E 480 -7.99 -33.25 19.13
CA PHE E 480 -6.83 -34.09 18.93
C PHE E 480 -7.28 -35.38 18.27
N PRO E 481 -6.77 -35.71 17.07
CA PRO E 481 -7.30 -36.84 16.29
C PRO E 481 -7.56 -38.12 17.08
N GLY E 482 -6.54 -38.66 17.74
CA GLY E 482 -6.72 -39.90 18.47
C GLY E 482 -7.34 -39.76 19.84
N ASP E 483 -7.63 -38.54 20.28
CA ASP E 483 -8.19 -38.30 21.60
C ASP E 483 -9.71 -38.32 21.53
N PRO E 484 -10.39 -39.19 22.29
CA PRO E 484 -11.85 -39.22 22.22
C PRO E 484 -12.51 -38.02 22.88
N ARG E 485 -11.83 -37.35 23.78
CA ARG E 485 -12.46 -36.25 24.51
C ARG E 485 -12.65 -35.02 23.64
N LYS E 486 -13.69 -34.26 23.95
CA LYS E 486 -14.04 -33.08 23.17
C LYS E 486 -13.43 -31.79 23.71
N TYR E 487 -12.99 -31.79 24.97
CA TYR E 487 -12.38 -30.60 25.60
C TYR E 487 -13.33 -29.41 25.58
N VAL E 488 -14.57 -29.63 26.02
CA VAL E 488 -15.55 -28.55 26.13
C VAL E 488 -16.23 -28.64 27.49
N PRO E 489 -16.72 -27.51 28.04
CA PRO E 489 -17.40 -27.54 29.34
C PRO E 489 -18.77 -28.22 29.26
C1 NAG F . 29.17 -16.58 5.21
C2 NAG F . 30.35 -17.42 4.76
C3 NAG F . 31.32 -17.62 5.92
C4 NAG F . 31.70 -16.28 6.55
C5 NAG F . 30.45 -15.45 6.85
C6 NAG F . 30.76 -14.05 7.30
C7 NAG F . 29.68 -18.90 2.93
C8 NAG F . 29.23 -20.28 2.55
N2 NAG F . 29.92 -18.70 4.23
O3 NAG F . 32.48 -18.29 5.44
O4 NAG F . 32.35 -16.49 7.79
O5 NAG F . 29.62 -15.34 5.68
O6 NAG F . 31.70 -13.43 6.43
O7 NAG F . 29.82 -18.01 2.10
C1 NAG F . 33.77 -16.69 7.68
C2 NAG F . 34.46 -16.03 8.86
C3 NAG F . 35.95 -16.32 8.85
C4 NAG F . 36.20 -17.82 8.76
C5 NAG F . 35.46 -18.40 7.56
C6 NAG F . 35.57 -19.90 7.47
C7 NAG F . 33.46 -13.96 9.74
C8 NAG F . 33.33 -12.49 9.58
N2 NAG F . 34.23 -14.59 8.84
O3 NAG F . 36.56 -15.80 10.02
O4 NAG F . 37.59 -18.06 8.59
O5 NAG F . 34.06 -18.09 7.67
O6 NAG F . 34.32 -20.49 7.14
O7 NAG F . 32.90 -14.57 10.64
C1 BMA F . 38.14 -18.73 9.74
C2 BMA F . 39.43 -19.42 9.27
C3 BMA F . 40.20 -19.98 10.46
C4 BMA F . 40.33 -18.98 11.60
C5 BMA F . 38.95 -18.42 11.96
C6 BMA F . 39.06 -17.36 13.02
O2 BMA F . 40.28 -18.47 8.66
O3 BMA F . 41.50 -20.36 10.07
O4 BMA F . 40.88 -19.62 12.73
O5 BMA F . 38.40 -17.82 10.79
O6 BMA F . 39.95 -16.37 12.55
C1 MAN F . 40.28 -15.47 13.63
C2 MAN F . 40.84 -14.17 13.00
C3 MAN F . 42.25 -14.40 12.47
C4 MAN F . 43.12 -15.07 13.51
C5 MAN F . 42.48 -16.37 13.96
C6 MAN F . 43.28 -17.05 15.04
O2 MAN F . 40.98 -13.14 13.98
O3 MAN F . 42.86 -13.17 12.09
O4 MAN F . 44.40 -15.36 12.96
O5 MAN F . 41.19 -16.08 14.51
O6 MAN F . 43.70 -16.04 15.93
C1 MAN F . 43.36 -13.26 10.75
C2 MAN F . 44.54 -12.28 10.65
C3 MAN F . 44.03 -10.84 10.76
C4 MAN F . 42.87 -10.59 9.79
C5 MAN F . 41.78 -11.64 10.00
C6 MAN F . 40.64 -11.51 9.01
O2 MAN F . 45.18 -12.37 9.38
O3 MAN F . 45.07 -9.91 10.54
O4 MAN F . 42.33 -9.30 10.02
O5 MAN F . 42.35 -12.95 9.82
O6 MAN F . 39.92 -12.74 9.00
C1 MAN F . 44.51 -16.63 16.97
C2 MAN F . 44.49 -15.66 18.18
C3 MAN F . 45.25 -14.39 17.83
C4 MAN F . 46.63 -14.69 17.23
C5 MAN F . 46.49 -15.65 16.06
C6 MAN F . 47.82 -16.08 15.49
O2 MAN F . 45.15 -16.22 19.30
O3 MAN F . 45.40 -13.56 18.98
O4 MAN F . 47.23 -13.48 16.79
O5 MAN F . 45.82 -16.84 16.50
O6 MAN F . 47.58 -17.11 14.54
C1 MAN F . 41.51 -21.73 9.61
C2 MAN F . 42.81 -22.32 10.10
C3 MAN F . 43.97 -21.54 9.48
C4 MAN F . 43.84 -21.46 7.95
C5 MAN F . 42.44 -20.96 7.55
C6 MAN F . 42.18 -21.04 6.07
O2 MAN F . 42.98 -23.67 9.66
O3 MAN F . 45.23 -22.09 9.85
O4 MAN F . 44.81 -20.57 7.44
O5 MAN F . 41.44 -21.77 8.21
O6 MAN F . 41.00 -20.31 5.78
C1 NAG G . 24.57 20.34 0.51
C2 NAG G . 25.27 21.19 -0.55
C3 NAG G . 26.07 22.31 0.11
C4 NAG G . 25.21 23.11 1.07
C5 NAG G . 24.57 22.16 2.08
C6 NAG G . 23.62 22.84 3.03
C7 NAG G . 25.84 20.05 -2.64
C8 NAG G . 26.85 19.21 -3.35
N2 NAG G . 26.13 20.37 -1.38
O3 NAG G . 26.58 23.16 -0.91
O4 NAG G . 26.04 24.04 1.76
O5 NAG G . 23.81 21.17 1.37
O6 NAG G . 22.34 22.22 3.02
O7 NAG G . 24.82 20.43 -3.19
C1 NAG G . 25.53 25.40 1.68
C2 NAG G . 26.61 26.32 2.24
C3 NAG G . 26.13 27.77 2.22
C4 NAG G . 25.67 28.16 0.83
C5 NAG G . 24.66 27.15 0.29
C6 NAG G . 24.26 27.41 -1.14
C7 NAG G . 26.17 25.85 4.63
C8 NAG G . 26.77 25.41 5.93
N2 NAG G . 27.01 25.92 3.59
O3 NAG G . 27.19 28.62 2.65
O4 NAG G . 25.05 29.43 0.88
O5 NAG G . 25.20 25.82 0.34
O6 NAG G . 25.13 26.73 -2.05
O7 NAG G . 24.98 26.13 4.54
C1 BMA G . 25.84 30.42 0.18
C2 BMA G . 24.88 31.35 -0.58
C3 BMA G . 25.66 32.47 -1.25
C4 BMA G . 26.57 33.16 -0.25
C5 BMA G . 27.49 32.13 0.45
C6 BMA G . 28.35 32.75 1.52
O2 BMA G . 23.99 31.97 0.34
O3 BMA G . 24.79 33.41 -1.87
O4 BMA G . 27.37 34.14 -0.92
O5 BMA G . 26.66 31.15 1.07
O6 BMA G . 27.50 33.22 2.56
C1 NAG H . -8.73 29.69 10.97
C2 NAG H . -9.58 30.89 10.56
C3 NAG H . -9.86 31.78 11.76
C4 NAG H . -10.44 30.97 12.91
C5 NAG H . -9.54 29.77 13.21
C6 NAG H . -10.10 28.85 14.26
C7 NAG H . -9.37 31.72 8.25
C8 NAG H . -8.56 32.55 7.32
N2 NAG H . -8.91 31.65 9.51
O3 NAG H . -10.78 32.80 11.38
O4 NAG H . -10.50 31.79 14.07
O5 NAG H . -9.38 28.99 12.02
O6 NAG H . -11.29 28.21 13.82
O7 NAG H . -10.39 31.13 7.90
C1 NAG H . -11.87 32.10 14.39
C2 NAG H . -11.89 32.65 15.82
C3 NAG H . -13.31 33.03 16.22
C4 NAG H . -13.88 34.01 15.20
C5 NAG H . -13.78 33.44 13.80
C6 NAG H . -14.19 34.43 12.73
C7 NAG H . -11.82 30.48 17.00
C8 NAG H . -11.07 29.65 18.00
N2 NAG H . -11.32 31.69 16.76
O3 NAG H . -13.28 33.62 17.51
O4 NAG H . -15.25 34.27 15.51
O5 NAG H . -12.42 33.08 13.51
O6 NAG H . -13.29 35.52 12.67
O7 NAG H . -12.83 30.06 16.44
C1 NAG I . -26.86 0.33 21.68
C2 NAG I . -28.34 0.20 21.97
C3 NAG I . -28.60 0.40 23.46
C4 NAG I . -27.71 -0.52 24.29
C5 NAG I . -26.26 -0.43 23.83
C6 NAG I . -25.37 -1.47 24.48
C7 NAG I . -29.54 0.90 19.94
C8 NAG I . -30.33 1.99 19.28
N2 NAG I . -29.11 1.15 21.19
O3 NAG I . -29.97 0.13 23.71
O4 NAG I . -27.72 -0.10 25.65
O5 NAG I . -26.15 -0.63 22.41
O6 NAG I . -26.01 -2.72 24.57
O7 NAG I . -29.28 -0.16 19.38
C1 NAG I . -28.82 -0.60 26.40
C2 NAG I . -28.35 -0.95 27.80
C3 NAG I . -29.51 -1.39 28.67
C4 NAG I . -30.62 -0.35 28.66
C5 NAG I . -31.01 -0.02 27.22
C6 NAG I . -32.01 1.11 27.12
C7 NAG I . -26.05 -1.78 28.08
C8 NAG I . -25.15 -2.96 27.98
N2 NAG I . -27.33 -1.99 27.76
O3 NAG I . -29.05 -1.59 30.00
O4 NAG I . -31.76 -0.87 29.32
O5 NAG I . -29.85 0.39 26.48
O6 NAG I . -32.05 1.65 25.81
O7 NAG I . -25.65 -0.68 28.43
C1 BMA I . -32.00 -0.14 30.54
C2 BMA I . -33.43 -0.46 30.94
C3 BMA I . -33.74 0.09 32.32
C4 BMA I . -32.64 -0.26 33.33
C5 BMA I . -31.26 0.10 32.79
C6 BMA I . -30.15 -0.37 33.70
O2 BMA I . -33.60 -1.87 31.04
O3 BMA I . -34.97 -0.43 32.78
O4 BMA I . -32.86 0.44 34.53
O5 BMA I . -31.09 -0.56 31.54
O6 BMA I . -30.36 -1.75 33.95
C1 MAN I . -29.48 -2.17 35.01
C2 MAN I . -29.47 -3.72 35.00
C3 MAN I . -30.75 -4.30 35.60
C4 MAN I . -31.08 -3.62 36.93
C5 MAN I . -31.19 -2.13 36.70
C6 MAN I . -31.55 -1.37 37.95
O2 MAN I . -28.41 -4.25 35.80
O3 MAN I . -30.64 -5.69 35.79
O4 MAN I . -32.32 -4.10 37.40
O5 MAN I . -29.91 -1.66 36.25
O6 MAN I . -30.76 -1.88 39.02
C1 MAN I . -31.68 -6.36 35.05
C2 MAN I . -31.83 -7.76 35.67
C3 MAN I . -30.54 -8.53 35.41
C4 MAN I . -30.27 -8.59 33.91
C5 MAN I . -30.16 -7.16 33.36
C6 MAN I . -30.00 -7.13 31.85
O2 MAN I . -32.85 -8.50 35.02
O3 MAN I . -30.59 -9.83 35.95
O4 MAN I . -29.06 -9.28 33.67
O5 MAN I . -31.36 -6.43 33.68
O6 MAN I . -29.19 -8.22 31.47
C1 MAN I . -31.36 -1.45 40.26
C2 MAN I . -30.32 -1.70 41.39
C3 MAN I . -30.21 -3.20 41.70
C4 MAN I . -31.59 -3.84 41.89
C5 MAN I . -32.43 -3.58 40.65
C6 MAN I . -33.82 -4.16 40.74
O2 MAN I . -30.71 -1.09 42.62
O3 MAN I . -29.42 -3.44 42.85
O4 MAN I . -31.45 -5.23 42.08
O5 MAN I . -32.56 -2.15 40.49
O6 MAN I . -34.69 -3.14 41.20
C1 MAN I . -36.02 0.52 32.56
C2 MAN I . -37.06 0.23 33.64
C3 MAN I . -37.59 -1.19 33.43
C4 MAN I . -38.16 -1.35 32.01
C5 MAN I . -37.10 -0.95 30.97
C6 MAN I . -37.66 -0.90 29.56
O2 MAN I . -38.19 1.08 33.53
O3 MAN I . -38.57 -1.54 34.40
O4 MAN I . -38.54 -2.70 31.80
O5 MAN I . -36.58 0.36 31.28
O6 MAN I . -36.65 -0.41 28.68
C1 NAG J . -3.24 -28.50 16.39
C2 NAG J . -3.83 -29.89 16.25
C3 NAG J . -3.48 -30.75 17.46
C4 NAG J . -1.98 -30.72 17.73
C5 NAG J . -1.45 -29.29 17.76
C6 NAG J . 0.05 -29.22 17.84
C7 NAG J . -5.90 -30.38 15.03
C8 NAG J . -7.39 -30.22 15.01
N2 NAG J . -5.27 -29.83 16.08
O3 NAG J . -3.91 -32.08 17.25
O4 NAG J . -1.73 -31.29 19.02
O5 NAG J . -1.84 -28.60 16.57
O6 NAG J . 0.51 -27.87 17.81
O7 NAG J . -5.29 -30.97 14.14
C1 NAG J . -1.10 -32.57 18.93
C2 NAG J . -0.16 -32.70 20.12
C3 NAG J . 0.49 -34.07 20.14
C4 NAG J . -0.58 -35.16 20.11
C5 NAG J . -1.50 -34.93 18.91
C6 NAG J . -2.67 -35.89 18.87
C7 NAG J . 1.11 -30.87 21.16
C8 NAG J . 2.19 -29.85 20.98
N2 NAG J . 0.85 -31.65 20.11
O3 NAG J . 1.27 -34.19 21.32
O4 NAG J . 0.03 -36.44 19.98
O5 NAG J . -2.06 -33.61 18.97
O6 NAG J . -3.18 -36.03 17.56
O7 NAG J . 0.49 -30.99 22.21
C1 BMA J . -0.02 -37.11 21.26
C2 BMA J . -0.16 -38.61 20.99
C3 BMA J . -0.10 -39.37 22.31
C4 BMA J . 1.14 -38.98 23.11
C5 BMA J . 1.18 -37.45 23.30
C6 BMA J . 2.44 -36.99 23.99
O2 BMA J . 0.91 -39.07 20.20
O3 BMA J . -0.11 -40.78 22.08
O4 BMA J . 1.09 -39.59 24.38
O5 BMA J . 1.15 -36.84 22.00
O6 BMA J . 3.51 -37.15 23.06
C1 MAN J . 4.75 -36.82 23.73
C2 MAN J . 5.88 -36.79 22.66
C3 MAN J . 6.31 -38.20 22.25
C4 MAN J . 6.57 -39.06 23.48
C5 MAN J . 5.30 -39.11 24.32
C6 MAN J . 5.42 -39.99 25.54
O2 MAN J . 7.06 -36.15 23.15
O3 MAN J . 7.46 -38.17 21.41
O4 MAN J . 6.91 -40.38 23.09
O5 MAN J . 5.01 -37.77 24.75
O6 MAN J . 6.58 -39.59 26.26
C1 MAN J . 7.10 -40.76 26.92
C2 MAN J . 7.09 -40.47 28.47
C3 MAN J . 8.30 -39.63 28.91
C4 MAN J . 9.60 -40.09 28.23
C5 MAN J . 9.39 -40.09 26.72
C6 MAN J . 10.64 -40.48 25.96
O2 MAN J . 7.16 -41.69 29.22
O3 MAN J . 8.47 -39.67 30.32
O4 MAN J . 10.65 -39.21 28.56
O5 MAN J . 8.39 -41.06 26.42
O6 MAN J . 10.32 -40.53 24.58
N POV K . 27.74 -7.68 -14.69
P POV K . 23.31 -7.04 -15.36
C1 POV K . 22.16 -5.53 -17.14
C2 POV K . 21.24 -5.54 -18.37
C3 POV K . 20.53 -4.19 -18.50
C210 POV K . 15.27 -10.85 -27.56
C310 POV K . 15.61 -3.04 -27.53
C11 POV K . 25.44 -8.49 -14.93
O11 POV K . 22.23 -6.81 -16.59
C211 POV K . 14.27 -11.85 -28.14
C311 POV K . 15.17 -3.89 -28.72
C12 POV K . 26.70 -8.03 -15.65
O12 POV K . 24.34 -8.26 -15.77
C212 POV K . 13.56 -11.23 -29.34
C312 POV K . 13.65 -4.05 -28.68
C13 POV K . 28.89 -7.16 -15.42
O13 POV K . 22.58 -7.40 -14.09
C213 POV K . 14.45 -11.35 -30.57
C313 POV K . 13.12 -4.30 -30.09
C14 POV K . 28.13 -8.86 -13.95
O14 POV K . 24.10 -5.77 -15.13
C214 POV K . 13.60 -11.15 -31.83
C314 POV K . 13.92 -5.43 -30.75
C15 POV K . 27.25 -6.66 -13.78
C21 POV K . 20.37 -7.59 -19.11
O21 POV K . 20.24 -6.60 -18.22
C22 POV K . 19.07 -8.35 -19.41
O22 POV K . 21.40 -7.86 -19.63
C23 POV K . 19.23 -9.11 -20.72
C24 POV K . 17.89 -9.72 -21.12
C25 POV K . 17.19 -8.76 -22.09
C26 POV K . 17.57 -9.11 -23.53
C27 POV K . 16.49 -10.01 -24.14
C28 POV K . 16.53 -9.89 -25.66
C29 POV K . 15.53 -10.87 -26.27
C31 POV K . 21.11 -2.03 -19.19
O31 POV K . 21.50 -3.11 -18.51
C32 POV K . 20.51 -2.31 -20.56
O32 POV K . 21.23 -0.93 -18.76
C33 POV K . 19.17 -1.59 -20.68
C34 POV K . 18.67 -1.67 -22.12
C35 POV K . 18.88 -3.08 -22.67
C36 POV K . 17.57 -3.59 -23.26
C37 POV K . 17.79 -4.01 -24.71
C38 POV K . 17.23 -2.93 -25.64
C39 POV K . 16.96 -3.55 -27.01
C1 CLR L . 21.60 -14.38 -19.61
C2 CLR L . 21.91 -13.80 -18.23
C3 CLR L . 22.94 -12.66 -18.32
C4 CLR L . 22.44 -11.55 -19.27
C5 CLR L . 22.01 -12.10 -20.63
C6 CLR L . 22.48 -11.52 -21.74
C7 CLR L . 22.11 -11.99 -23.16
C8 CLR L . 20.84 -12.87 -23.12
C9 CLR L . 20.99 -13.96 -22.01
C10 CLR L . 21.06 -13.32 -20.61
C11 CLR L . 19.94 -15.08 -22.09
C12 CLR L . 19.65 -15.59 -23.53
C13 CLR L . 19.33 -14.42 -24.50
C14 CLR L . 20.59 -13.51 -24.46
C15 CLR L . 20.42 -12.60 -25.72
C16 CLR L . 19.71 -13.50 -26.75
C17 CLR L . 19.26 -14.78 -26.02
C18 CLR L . 18.07 -13.68 -24.04
C19 CLR L . 19.63 -12.87 -20.15
C20 CLR L . 17.95 -15.33 -26.59
C21 CLR L . 17.73 -16.82 -26.29
C22 CLR L . 17.87 -15.05 -28.13
C23 CLR L . 18.19 -16.28 -28.99
C24 CLR L . 19.71 -16.37 -29.40
C25 CLR L . 19.95 -17.70 -30.15
C26 CLR L . 21.38 -17.64 -30.76
C27 CLR L . 18.84 -18.09 -31.16
O1 CLR L . 23.38 -12.16 -17.08
C1 CLR M . 10.82 -5.49 -46.88
C2 CLR M . 10.14 -4.76 -48.03
C3 CLR M . 9.94 -5.69 -49.23
C4 CLR M . 9.09 -6.91 -48.82
C5 CLR M . 9.70 -7.64 -47.62
C6 CLR M . 9.85 -8.98 -47.67
C7 CLR M . 10.45 -9.80 -46.51
C8 CLR M . 10.48 -8.99 -45.20
C9 CLR M . 11.02 -7.56 -45.48
C10 CLR M . 10.07 -6.77 -46.41
C11 CLR M . 11.39 -6.77 -44.21
C12 CLR M . 12.16 -7.58 -43.16
C13 CLR M . 11.45 -8.92 -42.82
C14 CLR M . 11.35 -9.69 -44.18
C15 CLR M . 11.02 -11.15 -43.73
C16 CLR M . 11.59 -11.29 -42.31
C17 CLR M . 12.26 -9.94 -41.96
C18 CLR M . 10.06 -8.69 -42.21
C19 CLR M . 8.78 -6.35 -45.64
C20 CLR M . 12.36 -9.72 -40.46
C21 CLR M . 13.44 -8.68 -40.05
C22 CLR M . 12.61 -11.07 -39.70
C23 CLR M . 13.16 -10.87 -38.28
C24 CLR M . 13.25 -12.18 -37.46
C25 CLR M . 13.70 -11.85 -36.02
C26 CLR M . 15.13 -11.26 -36.12
C27 CLR M . 13.56 -13.02 -35.02
O1 CLR M . 9.45 -5.06 -50.41
C1 NAG N . 51.20 10.07 42.89
C2 NAG N . 52.03 11.36 42.82
C3 NAG N . 53.51 11.04 42.96
C4 NAG N . 53.76 10.22 44.22
C5 NAG N . 52.88 8.98 44.21
C6 NAG N . 52.99 8.17 45.48
C7 NAG N . 51.23 13.29 41.54
C8 NAG N . 51.04 13.87 40.16
N2 NAG N . 51.78 12.07 41.58
O3 NAG N . 54.25 12.26 43.02
O4 NAG N . 55.12 9.82 44.27
O5 NAG N . 51.51 9.38 44.10
O6 NAG N . 51.74 8.06 46.15
O7 NAG N . 50.91 13.89 42.55
C1 NAG O . 21.96 37.49 25.79
C2 NAG O . 21.02 38.19 26.77
C3 NAG O . 20.31 39.34 26.08
C4 NAG O . 21.32 40.28 25.44
C5 NAG O . 22.26 39.51 24.53
C6 NAG O . 23.37 40.36 23.97
C7 NAG O . 20.24 36.57 28.44
C8 NAG O . 19.13 35.64 28.85
N2 NAG O . 20.05 37.25 27.30
O3 NAG O . 19.52 40.06 27.04
O4 NAG O . 20.65 41.28 24.68
O5 NAG O . 22.89 38.45 25.26
O6 NAG O . 24.08 41.03 25.01
O7 NAG O . 21.25 36.70 29.11
N POV P . -11.02 25.49 -46.26
P POV P . -14.38 21.77 -45.79
C1 POV P . -14.10 19.28 -45.03
C2 POV P . -13.21 18.44 -44.11
C3 POV P . -13.97 18.14 -42.83
C310 POV P . -9.39 16.76 -33.26
C11 POV P . -12.83 23.87 -45.94
O11 POV P . -13.96 20.62 -44.67
C311 POV P . -10.53 16.38 -32.34
C12 POV P . -11.88 24.53 -46.94
O12 POV P . -13.01 22.53 -46.29
C13 POV P . -10.19 26.17 -47.24
O13 POV P . -15.06 21.11 -46.96
C14 POV P . -10.19 24.81 -45.31
O14 POV P . -15.32 22.77 -45.15
C15 POV P . -11.84 26.48 -45.58
C21 POV P . -10.95 18.94 -44.59
O21 POV P . -12.00 19.18 -43.78
C22 POV P . -9.59 19.31 -44.00
O22 POV P . -11.06 18.48 -45.68
C23 POV P . -9.62 19.04 -42.49
C24 POV P . -8.21 19.17 -41.92
C25 POV P . -8.17 18.47 -40.55
C26 POV P . -7.56 19.42 -39.52
C31 POV P . -13.33 19.51 -41.06
O31 POV P . -14.17 19.36 -42.08
C32 POV P . -13.53 20.76 -40.22
O32 POV P . -12.47 18.73 -40.83
C33 POV P . -14.04 20.35 -38.85
C34 POV P . -13.10 20.89 -37.77
C35 POV P . -11.91 19.94 -37.64
C36 POV P . -12.22 18.90 -36.57
C37 POV P . -11.00 17.99 -36.37
C38 POV P . -11.07 17.37 -34.99
C39 POV P . -9.81 16.56 -34.72
N POV Q . 12.13 23.47 -13.27
P POV Q . 8.16 22.29 -15.49
C1 POV Q . 7.70 21.08 -17.77
C2 POV Q . 6.43 20.45 -18.37
C3 POV Q . 5.36 20.32 -17.29
C310 POV Q . -1.13 19.22 -22.80
C11 POV Q . 9.84 22.67 -13.51
O11 POV Q . 7.63 21.00 -16.37
C311 POV Q . -2.45 19.04 -23.54
C12 POV Q . 11.33 22.31 -13.59
O12 POV Q . 9.13 21.73 -14.27
C13 POV Q . 11.78 24.58 -14.13
O13 POV Q . 6.99 23.04 -14.91
C14 POV Q . 11.93 23.85 -11.88
O14 POV Q . 8.96 23.21 -16.37
C15 POV Q . 13.54 23.13 -13.46
C21 POV Q . 7.11 19.10 -20.18
O21 POV Q . 6.73 19.11 -18.89
C22 POV Q . 6.29 18.19 -21.07
O22 POV Q . 8.02 19.74 -20.59
C23 POV Q . 6.30 18.75 -22.49
C24 POV Q . 5.09 18.23 -23.27
C25 POV Q . 5.45 18.09 -24.74
C26 POV Q . 4.19 18.21 -25.59
C27 POV Q . 4.44 17.60 -26.96
C28 POV Q . 3.16 17.67 -27.79
C31 POV Q . 3.78 21.71 -16.25
O31 POV Q . 4.99 21.63 -16.80
C32 POV Q . 2.68 20.95 -17.00
O32 POV Q . 3.56 22.32 -15.26
C33 POV Q . 2.06 21.88 -18.03
C34 POV Q . 1.65 21.08 -19.26
C35 POV Q . 2.90 20.75 -20.08
C36 POV Q . 2.60 19.55 -20.98
C37 POV Q . 1.39 19.86 -21.84
C38 POV Q . 1.35 18.92 -23.03
C39 POV Q . 0.03 19.09 -23.79
C1 CLR R . 19.93 3.62 -19.59
C2 CLR R . 20.66 4.03 -18.31
C3 CLR R . 21.64 5.17 -18.61
C4 CLR R . 20.86 6.39 -19.15
C5 CLR R . 20.04 6.04 -20.38
C6 CLR R . 20.10 6.83 -21.47
C7 CLR R . 19.32 6.57 -22.77
C8 CLR R . 18.30 5.39 -22.64
C9 CLR R . 18.87 4.28 -21.72
C10 CLR R . 19.17 4.77 -20.30
C11 CLR R . 18.00 3.00 -21.72
C12 CLR R . 17.66 2.51 -23.14
C13 CLR R . 17.00 3.63 -23.99
C14 CLR R . 18.01 4.81 -24.01
C15 CLR R . 17.46 5.74 -25.15
C16 CLR R . 16.83 4.76 -26.16
C17 CLR R . 16.88 3.36 -25.53
C18 CLR R . 15.66 4.06 -23.39
C19 CLR R . 17.85 5.08 -19.52
C20 CLR R . 15.76 2.46 -26.06
C21 CLR R . 15.92 0.96 -25.72
C22 CLR R . 15.59 2.64 -27.62
C23 CLR R . 16.36 1.60 -28.43
C24 CLR R . 15.41 0.66 -29.29
C25 CLR R . 14.88 1.43 -30.51
C26 CLR R . 16.05 1.52 -31.54
C27 CLR R . 13.56 0.87 -31.10
O1 CLR R . 22.49 5.51 -17.53
C1 CLR S . 13.50 21.99 -20.05
C2 CLR S . 13.71 22.65 -18.69
C3 CLR S . 12.71 23.80 -18.49
C4 CLR S . 11.25 23.28 -18.62
C5 CLR S . 11.04 22.51 -19.92
C6 CLR S . 9.99 22.82 -20.68
C7 CLR S . 9.68 22.12 -22.02
C8 CLR S . 10.47 20.79 -22.19
C9 CLR S . 11.95 20.97 -21.72
C10 CLR S . 12.08 21.42 -20.24
C11 CLR S . 12.80 19.73 -22.03
C12 CLR S . 12.68 19.24 -23.48
C13 CLR S . 11.20 19.03 -23.94
C14 CLR S . 10.47 20.38 -23.64
C15 CLR S . 9.11 20.21 -24.40
C16 CLR S . 9.48 19.39 -25.64
C17 CLR S . 10.95 18.95 -25.48
C18 CLR S . 10.56 17.86 -23.20
C19 CLR S . 11.88 20.21 -19.28
C20 CLR S . 11.21 17.66 -26.27
C21 CLR S . 12.69 17.21 -26.27
C22 CLR S . 10.67 17.82 -27.72
C23 CLR S . 11.61 17.28 -28.81
C24 CLR S . 12.31 18.41 -29.66
C25 CLR S . 13.54 17.80 -30.38
C26 CLR S . 13.00 16.91 -31.53
C27 CLR S . 14.54 17.09 -29.44
O1 CLR S . 12.90 24.55 -17.29
C1 DD9 T . -23.54 -8.61 -70.89
C2 DD9 T . -23.27 -9.31 -69.57
C3 DD9 T . -23.12 -8.27 -68.46
C4 DD9 T . -22.87 -8.98 -67.13
C5 DD9 T . -22.53 -7.94 -66.07
C6 DD9 T . -22.60 -8.58 -64.68
C7 DD9 T . -22.46 -7.49 -63.62
C8 DD9 T . -22.35 -8.12 -62.25
C1 CLR U . -19.96 23.29 -13.20
C2 CLR U . -19.18 23.00 -11.91
C3 CLR U . -19.67 21.68 -11.28
C4 CLR U . -19.46 20.52 -12.27
C5 CLR U . -20.13 20.80 -13.61
C6 CLR U . -20.90 19.85 -14.16
C7 CLR U . -21.63 20.00 -15.50
C8 CLR U . -21.15 21.25 -16.29
C9 CLR U . -20.94 22.46 -15.34
C10 CLR U . -19.87 22.18 -14.27
C11 CLR U . -20.71 23.78 -16.08
C12 CLR U . -21.71 24.04 -17.22
C13 CLR U . -21.80 22.84 -18.21
C14 CLR U . -22.18 21.60 -17.34
C15 CLR U . -22.59 20.54 -18.40
C16 CLR U . -23.22 21.36 -19.55
C17 CLR U . -23.00 22.84 -19.20
C18 CLR U . -20.48 22.62 -18.93
C19 CLR U . -18.45 22.18 -14.90
C20 CLR U . -22.94 23.72 -20.45
C21 CLR U . -23.33 25.20 -20.20
C22 CLR U . -23.85 23.14 -21.59
C23 CLR U . -23.62 23.83 -22.94
C24 CLR U . -24.33 23.10 -24.13
C25 CLR U . -23.86 23.73 -25.47
C26 CLR U . -24.23 25.23 -25.41
C27 CLR U . -24.35 22.99 -26.73
O1 CLR U . -19.13 21.40 -10.00
C1 CLR V . -34.63 7.27 -31.29
C2 CLR V . -35.03 5.83 -31.60
C3 CLR V . -35.21 5.61 -33.13
C4 CLR V . -34.00 6.13 -33.94
C5 CLR V . -33.34 7.41 -33.45
C6 CLR V . -32.84 8.27 -34.34
C7 CLR V . -32.14 9.59 -33.97
C8 CLR V . -31.77 9.63 -32.46
C9 CLR V . -32.99 9.13 -31.63
C10 CLR V . -33.27 7.64 -31.91
C11 CLR V . -32.90 9.42 -30.12
C12 CLR V . -32.37 10.83 -29.79
C13 CLR V . -31.04 11.14 -30.53
C14 CLR V . -31.40 11.02 -32.04
C15 CLR V . -30.21 11.74 -32.74
C16 CLR V . -29.80 12.86 -31.77
C17 CLR V . -30.54 12.62 -30.43
C18 CLR V . -29.94 10.16 -30.11
C19 CLR V . -32.15 6.76 -31.30
C20 CLR V . -29.66 13.05 -29.25
C21 CLR V . -30.40 13.04 -27.88
C22 CLR V . -29.08 14.48 -29.50
C23 CLR V . -28.12 14.92 -28.39
C24 CLR V . -27.29 16.20 -28.76
C25 CLR V . -28.19 17.44 -28.61
C26 CLR V . -28.58 17.56 -27.11
C27 CLR V . -27.60 18.74 -29.21
O1 CLR V . -35.53 4.27 -33.45
C1 CLR W . -2.69 28.62 -11.64
C2 CLR W . -2.60 29.26 -10.26
C3 CLR W . -3.94 29.10 -9.50
C4 CLR W . -4.34 27.60 -9.40
C5 CLR W . -4.29 26.89 -10.76
C6 CLR W . -5.33 26.12 -11.13
C7 CLR W . -5.40 25.36 -12.45
C8 CLR W . -3.98 25.26 -13.10
C9 CLR W . -3.30 26.65 -13.06
C10 CLR W . -3.03 27.11 -11.61
C11 CLR W . -2.05 26.77 -13.96
C12 CLR W . -2.23 26.14 -15.35
C13 CLR W . -2.70 24.67 -15.24
C14 CLR W . -4.08 24.74 -14.52
C15 CLR W . -4.71 23.34 -14.79
C16 CLR W . -4.21 22.97 -16.19
C17 CLR W . -3.08 23.95 -16.58
C18 CLR W . -1.68 23.85 -14.44
C19 CLR W . -1.82 26.34 -10.98
C20 CLR W . -2.00 23.24 -17.39
C21 CLR W . -0.91 24.17 -17.97
C22 CLR W . -2.65 22.40 -18.54
C23 CLR W . -2.80 23.22 -19.83
C24 CLR W . -2.31 22.45 -21.11
C25 CLR W . -2.14 23.45 -22.27
C26 CLR W . -0.91 24.33 -21.94
C27 CLR W . -3.43 24.25 -22.61
O1 CLR W . -3.98 29.74 -8.23
N POV X . -22.02 19.09 -1.76
P POV X . -22.08 16.81 -6.13
C1 POV X . -20.44 15.61 -7.79
C2 POV X . -20.71 14.82 -9.06
C3 POV X . -20.01 15.52 -10.22
C11 POV X . -22.29 17.53 -3.62
O11 POV X . -21.52 15.47 -6.91
C12 POV X . -21.36 18.50 -2.90
O12 POV X . -21.56 16.80 -4.57
C13 POV X . -22.25 18.08 -0.74
O13 POV X . -23.59 16.82 -6.16
C14 POV X . -23.29 19.67 -2.16
O14 POV X . -21.55 18.04 -6.83
C15 POV X . -21.18 20.14 -1.21
C21 POV X . -22.58 13.59 -9.75
O21 POV X . -22.15 14.76 -9.29
C22 POV X . -24.11 13.43 -9.73
O22 POV X . -21.86 12.74 -10.13
C23 POV X . -24.59 12.94 -11.10
C24 POV X . -24.65 11.41 -11.11
C25 POV X . -24.57 10.91 -12.54
C26 POV X . -25.32 9.58 -12.66
C31 POV X . -20.66 16.24 -12.35
O31 POV X . -20.70 15.24 -11.47
C32 POV X . -21.14 15.86 -13.75
O32 POV X . -20.26 17.32 -12.08
C33 POV X . -22.35 16.72 -14.10
C34 POV X . -23.02 16.17 -15.36
C35 POV X . -22.34 16.72 -16.60
C36 POV X . -22.83 15.95 -17.83
C37 POV X . -22.30 16.63 -19.09
C38 POV X . -22.37 15.65 -20.26
C1 CLR Y . -32.70 -20.24 -31.02
C2 CLR Y . -32.41 -20.95 -32.35
C3 CLR Y . -33.46 -20.60 -33.41
C4 CLR Y . -33.62 -19.08 -33.58
C5 CLR Y . -33.83 -18.38 -32.25
C6 CLR Y . -34.87 -17.55 -32.07
C7 CLR Y . -35.14 -16.82 -30.76
C8 CLR Y . -33.86 -16.71 -29.88
C9 CLR Y . -33.19 -18.12 -29.79
C10 CLR Y . -32.78 -18.70 -31.16
C11 CLR Y . -32.04 -18.14 -28.76
C12 CLR Y . -32.40 -17.51 -27.40
C13 CLR Y . -32.99 -16.09 -27.55
C14 CLR Y . -34.23 -16.24 -28.49
C15 CLR Y . -34.97 -14.87 -28.31
C16 CLR Y . -34.62 -14.42 -26.88
C17 CLR Y . -33.70 -15.50 -26.28
C18 CLR Y . -31.98 -15.10 -28.12
C19 CLR Y . -31.39 -18.15 -31.60
C20 CLR Y . -32.84 -14.97 -25.13
C21 CLR Y . -32.43 -16.09 -24.12
C22 CLR Y . -33.57 -13.80 -24.39
C23 CLR Y . -33.42 -13.83 -22.87
C24 CLR Y . -33.90 -12.50 -22.17
C25 CLR Y . -33.82 -12.67 -20.64
C26 CLR Y . -34.87 -13.73 -20.25
C27 CLR Y . -32.39 -12.98 -20.12
O1 CLR Y . -33.25 -21.27 -34.65
C1 CLR Z . -32.94 -6.91 -5.85
C2 CLR Z . -32.23 -6.53 -4.55
C3 CLR Z . -31.85 -7.79 -3.75
C4 CLR Z . -30.95 -8.70 -4.62
C5 CLR Z . -31.60 -9.04 -5.95
C6 CLR Z . -31.70 -10.32 -6.33
C7 CLR Z . -32.34 -10.77 -7.65
C8 CLR Z . -32.52 -9.59 -8.64
C9 CLR Z . -33.05 -8.32 -7.91
C10 CLR Z . -32.12 -7.83 -6.78
C11 CLR Z . -33.44 -7.20 -8.89
C12 CLR Z . -34.35 -7.66 -10.04
C13 CLR Z . -33.76 -8.89 -10.79
C14 CLR Z . -33.51 -9.98 -9.72
C15 CLR Z . -33.24 -11.27 -10.57
C16 CLR Z . -34.03 -11.05 -11.88
C17 CLR Z . -34.75 -9.68 -11.70
C18 CLR Z . -32.48 -8.51 -11.55
C19 CLR Z . -30.91 -7.03 -7.36
C20 CLR Z . -35.21 -9.08 -13.03
C21 CLR Z . -36.63 -8.46 -12.93
C22 CLR Z . -35.13 -10.14 -14.19
C23 CLR Z . -36.33 -10.13 -15.14
C24 CLR Z . -36.05 -10.85 -16.51
C25 CLR Z . -37.24 -10.61 -17.45
C26 CLR Z . -38.47 -11.37 -16.87
C27 CLR Z . -36.95 -10.90 -18.95
O1 CLR Z . -31.29 -7.53 -2.47
N POV AA . -25.78 -12.71 5.27
P POV AA . -26.92 -12.97 0.48
C1 POV AA . -25.60 -14.95 -0.56
C2 POV AA . -25.07 -14.72 -1.98
C3 POV AA . -26.11 -13.98 -2.80
C210 POV AA . -25.16 -15.75 -12.61
C310 POV AA . -29.72 -10.96 -11.83
C11 POV AA . -26.62 -12.33 3.01
O11 POV AA . -26.85 -14.34 -0.41
C211 POV AA . -25.03 -16.33 -14.01
C311 POV AA . -28.77 -10.06 -12.63
C12 POV AA . -25.39 -12.61 3.88
O12 POV AA . -26.75 -13.35 2.07
C212 POV AA . -25.11 -15.19 -15.03
C312 POV AA . -29.55 -9.27 -13.67
C13 POV AA . -24.61 -13.01 6.08
O13 POV AA . -25.81 -12.02 0.06
C213 POV AA . -25.48 -15.76 -16.40
C313 POV AA . -30.28 -10.20 -14.62
C14 POV AA . -26.75 -13.78 5.44
O14 POV AA . -28.25 -12.30 0.27
C314 POV AA . -29.37 -10.54 -15.80
C15 POV AA . -26.35 -11.45 5.71
C315 POV AA . -30.12 -11.43 -16.78
C316 POV AA . -31.10 -10.58 -17.59
C21 POV AA . -23.48 -16.37 -2.53
O21 POV AA . -24.77 -16.00 -2.62
C22 POV AA . -22.87 -16.80 -3.85
O22 POV AA . -22.88 -16.38 -1.51
C23 POV AA . -23.04 -15.68 -4.88
C24 POV AA . -22.55 -16.13 -6.24
C25 POV AA . -23.62 -16.99 -6.89
C26 POV AA . -24.44 -16.13 -7.84
C27 POV AA . -24.72 -16.90 -9.14
C28 POV AA . -25.29 -15.94 -10.17
C29 POV AA . -25.16 -16.55 -11.57
C31 POV AA . -26.88 -11.79 -3.09
O31 POV AA . -25.83 -12.55 -2.78
C32 POV AA . -26.53 -10.43 -3.68
O32 POV AA . -27.99 -12.16 -2.95
C33 POV AA . -27.32 -10.23 -4.98
C34 POV AA . -26.44 -10.62 -6.16
C35 POV AA . -27.13 -11.73 -6.95
C36 POV AA . -28.42 -11.20 -7.56
C37 POV AA . -28.10 -10.05 -8.51
C38 POV AA . -29.14 -9.98 -9.63
C39 POV AA . -29.09 -11.26 -10.47
N POV BA . -30.20 -26.22 -34.72
P POV BA . -26.23 -23.83 -33.27
C1 POV BA . -27.07 -22.80 -31.03
C2 POV BA . -27.25 -21.34 -30.62
C3 POV BA . -25.88 -20.68 -30.50
C310 POV BA . -21.53 -22.20 -18.96
C11 POV BA . -27.89 -25.72 -34.02
O11 POV BA . -26.00 -22.94 -31.91
C311 POV BA . -20.63 -22.74 -17.85
C12 POV BA . -29.30 -25.17 -34.25
O12 POV BA . -27.31 -25.03 -32.95
C13 POV BA . -29.63 -26.86 -35.89
O13 POV BA . -24.92 -24.46 -33.69
C14 POV BA . -31.47 -25.64 -35.07
O14 POV BA . -26.75 -22.95 -34.38
C15 POV BA . -30.38 -27.21 -33.67
C21 POV BA . -29.25 -21.34 -29.40
O21 POV BA . -27.92 -21.28 -29.32
C22 POV BA . -29.97 -21.34 -28.05
O22 POV BA . -29.84 -21.40 -30.42
C23 POV BA . -29.37 -20.25 -27.16
C24 POV BA . -30.07 -20.27 -25.80
C25 POV BA . -29.79 -18.97 -25.06
C26 POV BA . -29.33 -19.28 -23.63
C31 POV BA . -25.24 -20.09 -28.34
O31 POV BA . -25.29 -21.06 -29.23
C32 POV BA . -25.45 -20.55 -26.89
O32 POV BA . -25.04 -18.96 -28.63
C33 POV BA . -24.25 -20.17 -26.04
C34 POV BA . -24.62 -20.33 -24.57
C35 POV BA . -23.52 -21.11 -23.83
C36 POV BA . -23.57 -20.76 -22.35
C37 POV BA . -22.41 -21.41 -21.62
C38 POV BA . -21.77 -20.39 -20.68
C39 POV BA . -20.81 -21.08 -19.71
C1 NAG CA . -6.40 -15.36 65.89
C2 NAG CA . -6.07 -16.73 66.45
C3 NAG CA . -7.06 -17.11 67.55
C4 NAG CA . -7.13 -16.03 68.61
C5 NAG CA . -7.42 -14.67 67.95
C6 NAG CA . -7.38 -13.52 68.92
C7 NAG CA . -5.09 -18.61 65.21
C8 NAG CA . -5.25 -19.57 64.07
N2 NAG CA . -6.08 -17.74 65.39
O3 NAG CA . -6.66 -18.34 68.14
O4 NAG CA . -8.16 -16.31 69.55
O5 NAG CA . -6.42 -14.40 66.96
O6 NAG CA . -7.84 -12.32 68.32
O7 NAG CA . -4.09 -18.62 65.94
N POV DA . -5.50 -34.42 -39.23
P POV DA . -3.87 -31.41 -42.14
C1 POV DA . -4.40 -28.96 -41.36
C2 POV DA . -4.76 -28.28 -40.04
C3 POV DA . -3.48 -27.71 -39.42
C210 POV DA . -7.26 -27.66 -29.01
C11 POV DA . -4.45 -33.83 -41.37
O11 POV DA . -4.75 -30.31 -41.29
C211 POV DA . -7.73 -26.92 -27.75
C12 POV DA . -5.76 -34.22 -40.65
O12 POV DA . -4.73 -32.80 -42.27
C212 POV DA . -8.32 -27.93 -26.77
C13 POV DA . -6.76 -34.65 -38.56
O13 POV DA . -2.57 -31.68 -41.41
C213 POV DA . -9.81 -27.66 -26.59
C14 POV DA . -4.64 -35.57 -39.05
O14 POV DA . -3.56 -30.87 -43.51
C214 POV DA . -10.01 -26.43 -25.71
C15 POV DA . -4.87 -33.24 -38.67
C215 POV DA . -9.21 -26.57 -24.42
C21 POV DA . -6.69 -29.27 -39.14
O21 POV DA . -5.35 -29.25 -39.12
C22 POV DA . -7.32 -29.87 -37.87
O22 POV DA . -7.33 -28.90 -40.05
C23 POV DA . -6.91 -29.07 -36.65
C24 POV DA . -7.25 -29.86 -35.40
C25 POV DA . -7.66 -28.92 -34.27
C26 POV DA . -6.71 -29.10 -33.09
C27 POV DA . -7.18 -28.25 -31.92
C28 POV DA . -5.97 -27.80 -31.10
C29 POV DA . -6.44 -27.07 -29.85
C31 POV DA . -2.73 -27.99 -37.24
O31 POV DA . -3.02 -28.60 -38.37
C32 POV DA . -2.84 -28.86 -35.98
O32 POV DA . -2.40 -26.85 -37.19
C33 POV DA . -2.00 -28.24 -34.87
C34 POV DA . -2.37 -28.90 -33.55
C35 POV DA . -1.22 -28.69 -32.55
C36 POV DA . -1.78 -28.73 -31.14
C37 POV DA . -2.40 -30.10 -30.87
N POV EA . 5.68 -29.17 -2.65
P POV EA . 1.35 -28.11 -3.96
C1 POV EA . 2.23 -27.47 -6.33
C2 POV EA . 1.83 -27.45 -7.80
C3 POV EA . 2.94 -26.78 -8.61
C11 POV EA . 3.24 -29.11 -2.48
O11 POV EA . 1.35 -28.28 -5.60
C12 POV EA . 4.45 -29.81 -3.09
O12 POV EA . 2.12 -29.38 -3.28
C13 POV EA . 5.63 -27.75 -2.98
O13 POV EA . -0.07 -28.05 -3.46
C14 POV EA . 6.80 -29.78 -3.33
O14 POV EA . 2.07 -26.83 -3.59
C15 POV EA . 5.83 -29.33 -1.22
C21 POV EA . -0.24 -27.22 -8.86
O21 POV EA . 0.60 -26.68 -7.98
C22 POV EA . -1.11 -26.20 -9.60
O22 POV EA . -0.31 -28.38 -9.06
C23 POV EA . -1.95 -26.96 -10.64
C24 POV EA . -2.56 -25.96 -11.62
C25 POV EA . -3.55 -26.68 -12.53
C26 POV EA . -3.13 -26.49 -13.98
C27 POV EA . -3.98 -27.40 -14.87
C28 POV EA . -3.28 -27.58 -16.22
C29 POV EA . -1.90 -28.20 -16.01
C31 POV EA . 5.30 -26.70 -8.68
O31 POV EA . 4.22 -27.37 -8.27
C32 POV EA . 5.07 -25.67 -9.78
O32 POV EA . 6.37 -26.89 -8.21
C33 POV EA . 5.48 -26.25 -11.14
C34 POV EA . 6.98 -26.02 -11.36
C35 POV EA . 7.45 -26.86 -12.55
C36 POV EA . 6.58 -26.56 -13.76
C37 POV EA . 6.93 -25.19 -14.33
C38 POV EA . 6.43 -25.10 -15.78
C1 CLR FA . -19.43 -21.65 -2.35
C2 CLR FA . -18.86 -22.08 -1.00
C3 CLR FA . -18.55 -23.59 -0.98
C4 CLR FA . -17.58 -23.95 -2.12
C5 CLR FA . -18.09 -23.48 -3.48
C6 CLR FA . -18.13 -24.34 -4.51
C7 CLR FA . -18.62 -23.95 -5.91
C8 CLR FA . -18.66 -22.41 -6.09
C9 CLR FA . -19.35 -21.77 -4.84
C10 CLR FA . -18.52 -22.00 -3.55
C11 CLR FA . -19.72 -20.29 -5.03
C12 CLR FA . -20.38 -19.98 -6.39
C13 CLR FA . -19.52 -20.50 -7.58
C14 CLR FA . -19.41 -22.04 -7.34
C15 CLR FA . -18.91 -22.58 -8.72
C16 CLR FA . -19.54 -21.64 -9.76
C17 CLR FA . -20.20 -20.47 -8.99
C18 CLR FA . -18.15 -19.82 -7.59
C19 CLR FA . -17.27 -21.07 -3.56
C20 CLR FA . -20.18 -19.19 -9.82
C21 CLR FA . -21.02 -18.03 -9.24
C22 CLR FA . -20.67 -19.50 -11.28
C23 CLR FA . -22.18 -19.67 -11.37
C24 CLR FA . -22.69 -20.08 -12.80
C25 CLR FA . -24.23 -20.07 -12.82
C26 CLR FA . -24.71 -21.07 -11.74
C27 CLR FA . -24.86 -20.29 -14.22
O1 CLR FA . -18.12 -24.09 0.28
C1 CLR GA . -6.75 -32.12 -7.82
C2 CLR GA . -6.49 -31.76 -6.35
C3 CLR GA . -5.48 -30.61 -6.27
C4 CLR GA . -6.01 -29.37 -7.02
C5 CLR GA . -6.44 -29.68 -8.44
C6 CLR GA . -6.06 -28.85 -9.43
C7 CLR GA . -6.42 -29.06 -10.91
C8 CLR GA . -7.53 -30.14 -11.09
C9 CLR GA . -7.24 -31.36 -10.14
C10 CLR GA . -7.30 -30.95 -8.65
C11 CLR GA . -8.07 -32.61 -10.45
C12 CLR GA . -8.15 -32.96 -11.95
C13 CLR GA . -8.59 -31.74 -12.81
C14 CLR GA . -7.57 -30.61 -12.52
C15 CLR GA . -7.88 -29.58 -13.65
C16 CLR GA . -8.41 -30.42 -14.83
C17 CLR GA . -8.41 -31.89 -14.35
C18 CLR GA . -10.02 -31.33 -12.45
C19 CLR GA . -8.78 -30.65 -8.23
C20 CLR GA . -9.38 -32.78 -15.13
C21 CLR GA . -8.78 -34.17 -15.46
C22 CLR GA . -9.85 -32.08 -16.46
C23 CLR GA . -10.65 -33.00 -17.37
C24 CLR GA . -10.10 -33.03 -18.85
C25 CLR GA . -11.27 -33.29 -19.83
C26 CLR GA . -11.67 -34.78 -19.67
C27 CLR GA . -10.98 -32.84 -21.28
O1 CLR GA . -5.04 -30.30 -4.95
#